data_7N29
#
_entry.id   7N29
#
_cell.length_a   97.129
_cell.length_b   185.115
_cell.length_c   188.634
_cell.angle_alpha   90.000
_cell.angle_beta   90.000
_cell.angle_gamma   90.000
#
_symmetry.space_group_name_H-M   'C 2 2 21'
#
loop_
_entity.id
_entity.type
_entity.pdbx_description
1 polymer 'NAD kinase 2, mitochondrial'
2 non-polymer NICOTINAMIDE-ADENINE-DINUCLEOTIDE
3 water water
#
_entity_poly.entity_id   1
_entity_poly.type   'polypeptide(L)'
_entity_poly.pdbx_seq_one_letter_code
;GPLGQGQPRELAGCGSRADGGFRPSRVVVVAKTTRYEFEQQRYRYAELSEEDLKQLLALKGSSYSGLLERHHIHTKNVEH
IIDSLRNEGIEVRLVKRREYDEETVRWADAVIAAGGDGT(MSE)LLAASKVLDRLKPVIGVNTDPERSEGHLCLPVRYTH
SFPEALQKFYRGEFRWLWRQRIRLYLEGTGINPVPVDLHEQQLSLNQHNRALNIERAHDERSEASGPQLLPVRALNEVFI
GESLSSRASYYEISVDDGPWEKQKSSGLNLCTGTGSKAWSFNINRVATQAVEDVLNIAKRQGNLSLPLNRELVEKVTNEY
NESLLYSPEEPKILFSIREPIANRVFSSSRQRCFSSKVCVRSRCWDAC(MSE)VVDGGTSFEFNDGAIAS(MSE)(MSE)
INKEDELRTVLLEQ
;
_entity_poly.pdbx_strand_id   A,B,C,D
#
loop_
_chem_comp.id
_chem_comp.type
_chem_comp.name
_chem_comp.formula
NAD non-polymer NICOTINAMIDE-ADENINE-DINUCLEOTIDE 'C21 H27 N7 O14 P2'
#
# COMPACT_ATOMS: atom_id res chain seq x y z
N GLY A 13 -25.22 -18.29 31.41
CA GLY A 13 -24.15 -18.95 30.68
C GLY A 13 -22.97 -18.05 30.36
N CYS A 14 -22.90 -16.90 31.01
CA CYS A 14 -21.92 -15.89 30.65
C CYS A 14 -20.55 -16.21 31.25
N GLY A 15 -19.51 -15.61 30.66
CA GLY A 15 -18.17 -15.69 31.17
C GLY A 15 -17.38 -16.88 30.66
N SER A 16 -16.23 -17.07 31.29
CA SER A 16 -15.35 -18.21 31.05
C SER A 16 -14.59 -18.52 32.33
N ARG A 17 -14.43 -19.81 32.63
CA ARG A 17 -13.79 -20.20 33.88
C ARG A 17 -12.35 -19.71 33.94
N ALA A 18 -11.90 -19.39 35.17
CA ALA A 18 -10.54 -18.90 35.34
C ALA A 18 -9.55 -19.97 34.95
N ASP A 19 -8.55 -19.58 34.16
CA ASP A 19 -7.51 -20.53 33.77
C ASP A 19 -6.71 -20.98 34.99
N GLY A 20 -6.33 -20.05 35.85
CA GLY A 20 -5.66 -20.42 37.09
C GLY A 20 -6.22 -19.69 38.30
N GLY A 21 -5.50 -19.74 39.42
CA GLY A 21 -5.98 -19.02 40.59
C GLY A 21 -5.72 -17.53 40.50
N PHE A 22 -6.52 -16.78 41.23
CA PHE A 22 -6.37 -15.33 41.34
C PHE A 22 -5.82 -15.00 42.71
N ARG A 23 -4.52 -14.66 42.76
CA ARG A 23 -3.78 -14.49 44.00
C ARG A 23 -3.03 -13.17 43.87
N PRO A 24 -3.72 -12.06 44.11
CA PRO A 24 -3.11 -10.74 43.92
C PRO A 24 -2.23 -10.32 45.08
N SER A 25 -1.26 -9.45 44.76
CA SER A 25 -0.36 -8.92 45.78
C SER A 25 -0.88 -7.64 46.40
N ARG A 26 -1.44 -6.74 45.58
CA ARG A 26 -1.81 -5.40 46.01
C ARG A 26 -3.24 -5.12 45.57
N VAL A 27 -4.09 -4.72 46.51
CA VAL A 27 -5.49 -4.45 46.23
C VAL A 27 -5.85 -3.09 46.79
N VAL A 28 -6.49 -2.25 45.98
CA VAL A 28 -7.11 -1.02 46.46
C VAL A 28 -8.58 -1.32 46.70
N VAL A 29 -9.06 -0.94 47.88
CA VAL A 29 -10.49 -0.97 48.20
C VAL A 29 -11.01 0.46 48.17
N VAL A 30 -11.94 0.75 47.27
CA VAL A 30 -12.66 2.02 47.28
C VAL A 30 -14.02 1.82 47.94
N ALA A 31 -14.28 2.60 48.98
CA ALA A 31 -15.43 2.41 49.84
C ALA A 31 -16.46 3.51 49.63
N LYS A 32 -17.72 3.11 49.60
CA LYS A 32 -18.84 4.03 49.51
C LYS A 32 -18.77 5.09 50.59
N THR A 33 -19.24 6.29 50.25
CA THR A 33 -19.45 7.33 51.23
C THR A 33 -20.89 7.22 51.72
N THR A 34 -21.06 6.91 53.00
CA THR A 34 -22.36 6.69 53.61
C THR A 34 -23.18 7.97 53.65
N ARG A 35 -24.50 7.80 53.81
CA ARG A 35 -25.35 8.98 53.99
C ARG A 35 -24.95 9.76 55.24
N TYR A 36 -24.53 9.06 56.29
CA TYR A 36 -24.02 9.75 57.46
C TYR A 36 -22.79 10.58 57.11
N GLU A 37 -21.88 10.00 56.30
CA GLU A 37 -20.62 10.68 56.00
C GLU A 37 -20.81 11.91 55.12
N PHE A 38 -21.85 11.93 54.27
CA PHE A 38 -22.07 13.05 53.38
C PHE A 38 -22.26 14.36 54.15
N GLU A 39 -22.74 14.27 55.39
CA GLU A 39 -22.92 15.46 56.22
C GLU A 39 -21.60 16.02 56.72
N GLN A 40 -20.63 15.15 57.02
CA GLN A 40 -19.35 15.62 57.56
C GLN A 40 -18.63 16.53 56.57
N GLN A 41 -18.81 16.29 55.27
CA GLN A 41 -18.21 17.12 54.25
C GLN A 41 -19.09 18.35 53.97
N TYR A 64 -32.60 9.44 61.52
CA TYR A 64 -31.44 9.98 62.21
C TYR A 64 -30.70 8.87 62.96
N SER A 65 -31.44 8.09 63.74
CA SER A 65 -30.85 6.90 64.35
C SER A 65 -30.44 5.89 63.29
N GLY A 66 -31.30 5.68 62.29
CA GLY A 66 -31.05 4.67 61.26
C GLY A 66 -29.94 5.03 60.28
N LEU A 67 -29.73 6.33 60.03
CA LEU A 67 -28.64 6.69 59.15
C LEU A 67 -27.30 6.38 59.80
N LEU A 68 -27.21 6.52 61.12
CA LEU A 68 -26.01 6.09 61.82
C LEU A 68 -25.87 4.58 61.79
N GLU A 69 -26.99 3.85 61.88
CA GLU A 69 -26.92 2.39 61.83
C GLU A 69 -26.38 1.93 60.49
N ARG A 70 -26.96 2.43 59.39
CA ARG A 70 -26.50 2.05 58.06
C ARG A 70 -25.04 2.42 57.85
N HIS A 71 -24.54 3.43 58.58
CA HIS A 71 -23.11 3.74 58.53
C HIS A 71 -22.30 2.69 59.28
N HIS A 72 -22.79 2.21 60.43
CA HIS A 72 -22.09 1.16 61.16
C HIS A 72 -22.08 -0.13 60.36
N ILE A 73 -23.23 -0.51 59.79
CA ILE A 73 -23.30 -1.73 58.98
C ILE A 73 -22.26 -1.69 57.87
N HIS A 74 -22.23 -0.60 57.10
CA HIS A 74 -21.26 -0.46 56.03
C HIS A 74 -19.84 -0.50 56.55
N THR A 75 -19.52 0.34 57.53
CA THR A 75 -18.15 0.41 58.02
C THR A 75 -17.71 -0.94 58.57
N LYS A 76 -18.63 -1.65 59.24
CA LYS A 76 -18.33 -2.98 59.75
C LYS A 76 -17.99 -3.95 58.62
N ASN A 77 -18.71 -3.86 57.50
CA ASN A 77 -18.43 -4.76 56.37
C ASN A 77 -17.16 -4.38 55.63
N VAL A 78 -16.81 -3.09 55.64
CA VAL A 78 -15.54 -2.70 55.02
C VAL A 78 -14.39 -3.26 55.83
N GLU A 79 -14.48 -3.20 57.17
CA GLU A 79 -13.44 -3.77 58.00
C GLU A 79 -13.33 -5.28 57.77
N HIS A 80 -14.48 -5.95 57.67
CA HIS A 80 -14.49 -7.38 57.39
C HIS A 80 -13.78 -7.69 56.08
N ILE A 81 -13.99 -6.86 55.05
CA ILE A 81 -13.31 -7.04 53.78
C ILE A 81 -11.80 -6.82 53.93
N ILE A 82 -11.42 -5.77 54.64
CA ILE A 82 -10.01 -5.40 54.73
C ILE A 82 -9.24 -6.43 55.56
N ASP A 83 -9.80 -6.85 56.70
CA ASP A 83 -9.11 -7.88 57.49
C ASP A 83 -8.98 -9.17 56.69
N SER A 84 -10.00 -9.53 55.93
CA SER A 84 -9.94 -10.75 55.14
C SER A 84 -8.79 -10.70 54.15
N LEU A 85 -8.69 -9.60 53.40
CA LEU A 85 -7.55 -9.41 52.49
C LEU A 85 -6.24 -9.50 53.25
N ARG A 86 -6.12 -8.78 54.37
CA ARG A 86 -4.86 -8.73 55.10
C ARG A 86 -4.53 -10.08 55.73
N ASN A 87 -5.54 -10.81 56.22
CA ASN A 87 -5.26 -12.12 56.80
C ASN A 87 -4.71 -13.08 55.76
N GLU A 88 -5.09 -12.92 54.49
CA GLU A 88 -4.54 -13.74 53.43
C GLU A 88 -3.12 -13.32 53.06
N GLY A 89 -2.78 -12.05 53.25
CA GLY A 89 -1.48 -11.53 52.92
C GLY A 89 -1.49 -10.54 51.80
N ILE A 90 -2.66 -10.05 51.41
CA ILE A 90 -2.75 -9.06 50.35
C ILE A 90 -2.49 -7.71 50.95
N GLU A 91 -1.60 -6.94 50.34
CA GLU A 91 -1.40 -5.56 50.76
C GLU A 91 -2.57 -4.72 50.27
N VAL A 92 -3.13 -3.90 51.17
CA VAL A 92 -4.42 -3.26 50.94
C VAL A 92 -4.32 -1.76 51.20
N ARG A 93 -4.87 -0.96 50.27
CA ARG A 93 -5.10 0.46 50.48
C ARG A 93 -6.59 0.75 50.48
N LEU A 94 -7.08 1.42 51.53
CA LEU A 94 -8.47 1.86 51.62
C LEU A 94 -8.56 3.33 51.23
N VAL A 95 -9.47 3.65 50.32
CA VAL A 95 -9.62 5.01 49.82
C VAL A 95 -11.09 5.33 49.70
N LYS A 96 -11.40 6.61 49.79
CA LYS A 96 -12.71 7.14 49.47
C LYS A 96 -12.69 7.76 48.07
N ARG A 97 -13.86 8.18 47.60
CA ARG A 97 -13.98 8.71 46.24
C ARG A 97 -12.97 9.82 45.99
N ARG A 98 -12.83 10.74 46.94
CA ARG A 98 -11.92 11.86 46.74
C ARG A 98 -10.48 11.41 46.59
N GLU A 99 -10.14 10.26 47.15
CA GLU A 99 -8.76 9.76 47.17
C GLU A 99 -8.52 8.62 46.19
N TYR A 100 -9.52 8.24 45.40
CA TYR A 100 -9.39 7.14 44.44
C TYR A 100 -8.96 7.72 43.11
N ASP A 101 -7.67 7.68 42.82
CA ASP A 101 -7.14 8.30 41.61
C ASP A 101 -6.49 7.25 40.70
N GLU A 102 -5.91 7.71 39.60
CA GLU A 102 -5.31 6.77 38.64
C GLU A 102 -4.07 6.12 39.21
N GLU A 103 -3.27 6.85 39.99
CA GLU A 103 -2.06 6.23 40.54
C GLU A 103 -2.39 5.01 41.40
N THR A 104 -3.43 5.09 42.25
CA THR A 104 -3.75 3.92 43.07
C THR A 104 -4.18 2.75 42.20
N VAL A 105 -4.94 3.02 41.13
CA VAL A 105 -5.35 1.94 40.24
C VAL A 105 -4.13 1.25 39.65
N ARG A 106 -3.14 2.03 39.22
CA ARG A 106 -1.94 1.44 38.64
C ARG A 106 -1.13 0.68 39.70
N TRP A 107 -1.09 1.20 40.93
CA TRP A 107 -0.42 0.48 42.01
C TRP A 107 -1.11 -0.86 42.29
N ALA A 108 -2.42 -0.94 42.09
CA ALA A 108 -3.15 -2.13 42.47
C ALA A 108 -3.09 -3.21 41.41
N ASP A 109 -3.11 -4.46 41.85
CA ASP A 109 -3.32 -5.59 40.96
C ASP A 109 -4.79 -5.84 40.71
N ALA A 110 -5.65 -5.36 41.61
CA ALA A 110 -7.09 -5.54 41.48
C ALA A 110 -7.76 -4.47 42.30
N VAL A 111 -8.96 -4.09 41.89
CA VAL A 111 -9.76 -3.11 42.60
C VAL A 111 -10.96 -3.82 43.22
N ILE A 112 -11.27 -3.46 44.44
CA ILE A 112 -12.47 -3.94 45.12
C ILE A 112 -13.32 -2.74 45.49
N ALA A 113 -14.53 -2.71 44.94
CA ALA A 113 -15.51 -1.69 45.25
C ALA A 113 -16.32 -2.17 46.44
N ALA A 114 -16.33 -1.39 47.52
CA ALA A 114 -17.04 -1.77 48.75
C ALA A 114 -18.17 -0.78 48.99
N GLY A 115 -19.38 -1.19 48.65
CA GLY A 115 -20.55 -0.34 48.75
C GLY A 115 -21.68 -0.92 47.94
N GLY A 116 -22.04 -0.29 46.84
CA GLY A 116 -23.10 -0.85 46.01
C GLY A 116 -22.78 -0.75 44.54
N ASP A 117 -23.79 -0.86 43.69
CA ASP A 117 -23.55 -0.75 42.25
C ASP A 117 -22.97 0.61 41.89
N GLY A 118 -23.32 1.66 42.62
CA GLY A 118 -22.71 2.95 42.37
C GLY A 118 -21.23 2.93 42.66
N THR A 119 -20.83 2.19 43.69
CA THR A 119 -19.41 2.13 44.01
C THR A 119 -18.68 1.25 42.98
N MSE A 120 -19.34 0.22 42.47
CA MSE A 120 -18.85 -0.44 41.28
C MSE A 120 -18.66 0.56 40.16
O MSE A 120 -17.66 0.48 39.45
CB MSE A 120 -19.77 -1.55 40.81
CG MSE A 120 -19.39 -2.93 41.30
SE MSE A 120 -17.60 -3.52 40.76
CE MSE A 120 -17.93 -3.97 38.89
N LEU A 121 -19.59 1.50 39.99
CA LEU A 121 -19.47 2.44 38.88
C LEU A 121 -18.31 3.40 39.09
N LEU A 122 -18.13 3.83 40.34
CA LEU A 122 -16.98 4.63 40.70
C LEU A 122 -15.68 3.87 40.44
N ALA A 123 -15.59 2.63 40.94
CA ALA A 123 -14.39 1.82 40.79
C ALA A 123 -14.01 1.65 39.34
N ALA A 124 -14.97 1.33 38.48
CA ALA A 124 -14.70 1.11 37.07
C ALA A 124 -14.34 2.40 36.33
N SER A 125 -14.76 3.58 36.81
CA SER A 125 -14.52 4.78 36.04
C SER A 125 -13.05 5.07 35.86
N LYS A 126 -12.18 4.52 36.71
CA LYS A 126 -10.76 4.80 36.62
C LYS A 126 -9.94 3.59 36.22
N VAL A 127 -10.59 2.49 35.85
CA VAL A 127 -9.91 1.34 35.29
C VAL A 127 -10.16 1.29 33.77
N LEU A 128 -9.06 1.41 33.00
CA LEU A 128 -9.09 1.39 31.55
C LEU A 128 -8.39 0.17 30.95
N ASP A 129 -7.83 -0.70 31.79
CA ASP A 129 -7.08 -1.88 31.40
C ASP A 129 -7.99 -3.10 31.42
N ARG A 130 -8.15 -3.75 30.26
CA ARG A 130 -9.09 -4.87 30.27
C ARG A 130 -8.57 -6.11 30.99
N LEU A 131 -7.33 -6.09 31.52
CA LEU A 131 -6.82 -7.22 32.28
C LEU A 131 -6.92 -7.05 33.79
N LYS A 132 -7.28 -5.86 34.28
CA LYS A 132 -7.29 -5.59 35.72
C LYS A 132 -8.66 -5.90 36.30
N PRO A 133 -8.78 -6.89 37.18
CA PRO A 133 -10.09 -7.23 37.73
C PRO A 133 -10.64 -6.16 38.66
N VAL A 134 -11.96 -6.02 38.61
CA VAL A 134 -12.71 -5.13 39.47
C VAL A 134 -13.84 -5.92 40.11
N ILE A 135 -13.86 -5.94 41.45
CA ILE A 135 -14.77 -6.79 42.22
C ILE A 135 -15.56 -5.90 43.15
N GLY A 136 -16.86 -6.14 43.21
CA GLY A 136 -17.76 -5.34 44.03
C GLY A 136 -18.33 -6.19 45.15
N VAL A 137 -18.41 -5.60 46.33
CA VAL A 137 -18.97 -6.26 47.49
C VAL A 137 -20.03 -5.35 48.06
N ASN A 138 -21.25 -5.86 48.18
CA ASN A 138 -22.40 -5.13 48.72
C ASN A 138 -22.24 -5.03 50.22
N THR A 139 -21.81 -3.87 50.72
CA THR A 139 -21.56 -3.74 52.14
C THR A 139 -22.83 -3.46 52.94
N ASP A 140 -24.00 -3.53 52.31
CA ASP A 140 -25.28 -3.28 52.98
C ASP A 140 -26.37 -4.06 52.27
N PRO A 141 -26.40 -5.38 52.44
CA PRO A 141 -27.28 -6.22 51.61
C PRO A 141 -28.75 -5.91 51.79
N GLU A 142 -29.17 -5.68 53.03
CA GLU A 142 -30.56 -5.54 53.42
C GLU A 142 -31.17 -4.21 52.99
N ARG A 143 -30.44 -3.37 52.26
CA ARG A 143 -31.00 -2.08 51.85
C ARG A 143 -30.55 -1.61 50.48
N SER A 144 -29.39 -2.01 49.97
CA SER A 144 -28.94 -1.47 48.70
C SER A 144 -28.40 -2.59 47.81
N GLU A 145 -29.23 -3.61 47.63
CA GLU A 145 -28.93 -4.78 46.80
C GLU A 145 -28.46 -4.36 45.41
N GLY A 146 -27.24 -4.80 45.07
CA GLY A 146 -26.50 -4.33 43.93
C GLY A 146 -26.15 -5.41 42.93
N HIS A 147 -26.73 -5.31 41.74
CA HIS A 147 -26.63 -6.33 40.70
C HIS A 147 -25.21 -6.48 40.13
N LEU A 148 -24.28 -5.57 40.44
CA LEU A 148 -22.90 -5.63 39.95
C LEU A 148 -21.92 -6.17 40.96
N CYS A 149 -22.40 -6.57 42.14
CA CYS A 149 -21.55 -7.04 43.21
C CYS A 149 -21.66 -8.55 43.33
N LEU A 150 -20.74 -9.13 44.10
CA LEU A 150 -20.80 -10.55 44.40
C LEU A 150 -22.12 -10.87 45.10
N PRO A 151 -22.54 -12.13 45.08
CA PRO A 151 -23.73 -12.52 45.85
C PRO A 151 -23.57 -12.13 47.32
N VAL A 152 -24.70 -11.81 47.96
CA VAL A 152 -24.69 -11.22 49.30
C VAL A 152 -24.00 -12.13 50.31
N ARG A 153 -24.03 -13.44 50.08
CA ARG A 153 -23.38 -14.36 51.02
C ARG A 153 -21.91 -14.00 51.21
N TYR A 154 -21.25 -13.54 50.14
CA TYR A 154 -19.83 -13.28 50.21
C TYR A 154 -19.50 -11.96 50.87
N THR A 155 -20.51 -11.22 51.34
CA THR A 155 -20.25 -10.04 52.15
C THR A 155 -19.85 -10.43 53.56
N HIS A 156 -20.60 -11.33 54.19
CA HIS A 156 -20.28 -11.85 55.51
C HIS A 156 -19.36 -13.05 55.47
N SER A 157 -19.16 -13.68 54.31
CA SER A 157 -18.28 -14.81 54.15
C SER A 157 -17.21 -14.45 53.13
N PHE A 158 -16.57 -13.31 53.31
CA PHE A 158 -15.66 -12.88 52.27
C PHE A 158 -14.39 -13.73 52.18
N PRO A 159 -13.86 -14.26 53.29
CA PRO A 159 -12.73 -15.20 53.15
C PRO A 159 -13.02 -16.32 52.17
N GLU A 160 -14.26 -16.79 52.17
CA GLU A 160 -14.68 -17.84 51.27
C GLU A 160 -14.58 -17.38 49.82
N ALA A 161 -14.88 -16.10 49.56
CA ALA A 161 -14.69 -15.60 48.20
C ALA A 161 -13.21 -15.58 47.83
N LEU A 162 -12.37 -15.14 48.75
CA LEU A 162 -10.93 -15.13 48.50
C LEU A 162 -10.39 -16.54 48.26
N GLN A 163 -10.92 -17.53 48.99
CA GLN A 163 -10.51 -18.91 48.74
C GLN A 163 -10.90 -19.33 47.33
N LYS A 164 -12.13 -19.05 46.93
CA LYS A 164 -12.58 -19.44 45.60
C LYS A 164 -11.74 -18.74 44.54
N PHE A 165 -11.38 -17.48 44.77
CA PHE A 165 -10.45 -16.80 43.89
C PHE A 165 -9.10 -17.51 43.84
N TYR A 166 -8.59 -17.93 45.01
CA TYR A 166 -7.28 -18.60 45.08
C TYR A 166 -7.28 -19.92 44.30
N ARG A 167 -8.32 -20.75 44.49
CA ARG A 167 -8.40 -22.03 43.81
C ARG A 167 -8.67 -21.87 42.31
N GLY A 168 -9.12 -20.69 41.88
CA GLY A 168 -9.60 -20.51 40.51
C GLY A 168 -11.03 -20.96 40.28
N GLU A 169 -11.82 -21.08 41.35
CA GLU A 169 -13.22 -21.51 41.27
C GLU A 169 -14.15 -20.30 41.11
N PHE A 170 -14.15 -19.76 39.89
CA PHE A 170 -14.97 -18.61 39.54
C PHE A 170 -14.88 -18.42 38.03
N ARG A 171 -15.73 -17.57 37.50
CA ARG A 171 -15.70 -17.24 36.09
C ARG A 171 -15.28 -15.80 35.96
N TRP A 172 -14.41 -15.52 34.98
CA TRP A 172 -14.23 -14.15 34.54
C TRP A 172 -15.41 -13.74 33.66
N LEU A 173 -15.88 -12.52 33.85
CA LEU A 173 -16.91 -11.95 32.99
C LEU A 173 -16.38 -10.62 32.51
N TRP A 174 -16.15 -10.54 31.20
CA TRP A 174 -15.73 -9.30 30.56
C TRP A 174 -16.98 -8.55 30.12
N ARG A 175 -17.24 -7.41 30.77
CA ARG A 175 -18.40 -6.56 30.48
C ARG A 175 -18.03 -5.50 29.45
N GLN A 176 -18.82 -5.42 28.38
CA GLN A 176 -18.59 -4.38 27.38
C GLN A 176 -18.84 -3.00 27.98
N ARG A 177 -18.04 -2.02 27.56
CA ARG A 177 -18.23 -0.63 27.96
C ARG A 177 -18.21 0.28 26.72
N ILE A 178 -18.76 1.48 26.89
CA ILE A 178 -18.91 2.45 25.79
C ILE A 178 -17.81 3.49 25.87
N ARG A 179 -17.24 3.78 24.71
CA ARG A 179 -16.21 4.77 24.47
C ARG A 179 -16.87 6.04 23.92
N LEU A 180 -16.36 7.20 24.30
CA LEU A 180 -16.93 8.48 23.90
C LEU A 180 -15.87 9.35 23.24
N TYR A 181 -16.15 9.79 22.01
CA TYR A 181 -15.33 10.79 21.34
C TYR A 181 -16.11 12.09 21.21
N LEU A 182 -15.40 13.21 21.34
CA LEU A 182 -15.99 14.55 21.32
C LEU A 182 -15.23 15.43 20.36
N GLU A 183 -15.94 16.13 19.48
CA GLU A 183 -15.31 17.10 18.57
C GLU A 183 -16.27 18.24 18.29
N GLY A 184 -15.78 19.21 17.53
CA GLY A 184 -16.57 20.34 17.10
C GLY A 184 -16.01 21.64 17.63
N THR A 185 -16.82 22.69 17.59
CA THR A 185 -16.40 24.01 18.04
C THR A 185 -16.87 24.26 19.46
N GLY A 186 -16.03 24.93 20.24
CA GLY A 186 -16.32 25.29 21.62
C GLY A 186 -16.49 24.12 22.56
N ILE A 187 -15.77 23.00 22.33
CA ILE A 187 -15.92 21.83 23.18
C ILE A 187 -15.07 21.98 24.45
N ASN A 188 -15.40 21.17 25.44
CA ASN A 188 -14.71 21.16 26.73
C ASN A 188 -14.62 19.71 27.19
N PRO A 189 -13.48 19.06 26.99
CA PRO A 189 -13.37 17.62 27.29
C PRO A 189 -13.02 17.33 28.74
N VAL A 190 -12.93 18.34 29.60
CA VAL A 190 -12.58 18.11 30.99
C VAL A 190 -13.80 17.61 31.75
N PRO A 191 -13.72 16.47 32.44
CA PRO A 191 -14.90 15.92 33.10
C PRO A 191 -15.15 16.58 34.45
N VAL A 192 -16.40 16.48 34.90
CA VAL A 192 -16.83 16.97 36.20
C VAL A 192 -17.42 15.80 36.97
N ASP A 193 -16.95 15.60 38.21
CA ASP A 193 -17.52 14.61 39.10
C ASP A 193 -18.80 15.15 39.70
N LEU A 194 -19.93 14.52 39.37
CA LEU A 194 -21.20 15.01 39.90
C LEU A 194 -21.33 14.77 41.39
N HIS A 195 -20.70 13.71 41.89
CA HIS A 195 -20.75 13.40 43.31
C HIS A 195 -19.92 14.34 44.17
N GLU A 196 -19.26 15.32 43.58
CA GLU A 196 -18.57 16.36 44.35
C GLU A 196 -19.02 17.75 43.95
N GLN A 197 -20.22 17.87 43.35
CA GLN A 197 -20.90 19.12 42.94
C GLN A 197 -20.45 19.61 41.56
N ALA A 220 -12.85 25.10 16.98
CA ALA A 220 -12.68 23.95 16.08
C ALA A 220 -11.65 22.92 16.61
N SER A 221 -12.07 21.67 16.83
CA SER A 221 -11.19 20.66 17.42
C SER A 221 -11.42 19.29 16.81
N GLY A 222 -10.33 18.52 16.66
CA GLY A 222 -10.40 17.16 16.18
C GLY A 222 -11.03 16.24 17.20
N PRO A 223 -11.27 14.98 16.84
CA PRO A 223 -11.92 14.03 17.76
C PRO A 223 -11.09 13.85 19.02
N GLN A 224 -11.76 13.73 20.15
CA GLN A 224 -11.06 13.67 21.44
C GLN A 224 -11.64 12.54 22.27
N LEU A 225 -10.82 11.54 22.58
CA LEU A 225 -11.29 10.40 23.38
C LEU A 225 -11.46 10.85 24.83
N LEU A 226 -12.67 10.77 25.33
CA LEU A 226 -12.91 11.25 26.68
C LEU A 226 -12.39 10.28 27.73
N PRO A 227 -12.01 10.79 28.91
CA PRO A 227 -11.26 9.98 29.88
C PRO A 227 -12.06 8.89 30.57
N VAL A 228 -13.37 8.74 30.37
CA VAL A 228 -14.08 7.64 31.02
C VAL A 228 -14.85 6.83 29.99
N ARG A 229 -15.16 5.59 30.38
CA ARG A 229 -15.96 4.67 29.61
C ARG A 229 -17.23 4.38 30.38
N ALA A 230 -18.30 4.09 29.67
CA ALA A 230 -19.60 3.89 30.29
C ALA A 230 -19.84 2.41 30.52
N LEU A 231 -20.01 2.03 31.78
CA LEU A 231 -20.39 0.66 32.06
C LEU A 231 -21.90 0.49 31.99
N ASN A 232 -22.65 1.45 32.55
CA ASN A 232 -24.11 1.43 32.45
C ASN A 232 -24.51 2.15 31.16
N GLU A 233 -24.36 3.47 31.13
CA GLU A 233 -24.86 4.15 29.95
C GLU A 233 -24.26 5.54 29.83
N VAL A 234 -24.38 6.12 28.63
CA VAL A 234 -24.17 7.54 28.39
C VAL A 234 -25.53 8.21 28.26
N PHE A 235 -25.78 9.20 29.09
CA PHE A 235 -26.99 10.02 29.01
C PHE A 235 -26.67 11.38 28.42
N ILE A 236 -27.43 11.79 27.41
CA ILE A 236 -27.19 13.00 26.65
C ILE A 236 -28.45 13.83 26.69
N GLY A 237 -28.36 15.04 27.23
CA GLY A 237 -29.53 15.89 27.32
C GLY A 237 -29.23 17.18 28.04
N GLU A 238 -30.25 18.02 28.09
CA GLU A 238 -30.07 19.32 28.72
C GLU A 238 -29.76 19.14 30.21
N SER A 239 -28.88 19.99 30.71
CA SER A 239 -28.46 19.88 32.09
C SER A 239 -29.65 19.92 33.06
N LEU A 240 -30.74 20.57 32.68
CA LEU A 240 -31.85 20.83 33.58
C LEU A 240 -33.02 19.91 33.25
N SER A 241 -33.67 19.38 34.30
CA SER A 241 -34.59 18.26 34.13
C SER A 241 -35.76 18.60 33.21
N SER A 242 -36.26 19.83 33.31
CA SER A 242 -37.54 20.19 32.74
C SER A 242 -37.44 20.84 31.36
N ARG A 243 -36.25 20.91 30.79
CA ARG A 243 -36.01 21.59 29.54
C ARG A 243 -35.73 20.54 28.47
N ALA A 244 -36.47 20.58 27.36
CA ALA A 244 -36.28 19.57 26.33
C ALA A 244 -34.99 19.82 25.57
N SER A 245 -34.51 18.76 24.96
CA SER A 245 -33.22 18.75 24.32
C SER A 245 -33.43 18.69 22.81
N TYR A 246 -32.54 19.34 22.07
CA TYR A 246 -32.63 19.37 20.62
C TYR A 246 -31.28 18.97 20.08
N TYR A 247 -31.25 17.96 19.22
CA TYR A 247 -30.01 17.43 18.66
C TYR A 247 -30.31 16.72 17.36
N GLU A 248 -29.25 16.48 16.59
CA GLU A 248 -29.28 15.63 15.41
C GLU A 248 -28.59 14.33 15.76
N ILE A 249 -29.16 13.21 15.31
CA ILE A 249 -28.70 11.88 15.71
C ILE A 249 -28.39 11.09 14.45
N SER A 250 -27.34 10.28 14.50
CA SER A 250 -26.96 9.43 13.38
C SER A 250 -26.60 8.07 13.95
N VAL A 251 -27.40 7.06 13.61
CA VAL A 251 -27.24 5.71 14.12
C VAL A 251 -26.55 4.89 13.05
N ASP A 252 -25.50 4.15 13.44
CA ASP A 252 -24.69 3.31 12.53
C ASP A 252 -24.32 4.03 11.25
N ASP A 253 -23.92 5.30 11.36
CA ASP A 253 -23.48 6.10 10.23
C ASP A 253 -24.59 6.38 9.23
N GLY A 254 -25.82 6.43 9.70
CA GLY A 254 -26.96 6.75 8.87
C GLY A 254 -27.18 8.23 8.71
N PRO A 255 -28.27 8.61 8.06
CA PRO A 255 -28.58 10.04 7.91
C PRO A 255 -28.95 10.69 9.25
N TRP A 256 -28.68 11.99 9.33
CA TRP A 256 -28.95 12.77 10.52
C TRP A 256 -30.43 13.02 10.66
N GLU A 257 -30.99 12.66 11.80
CA GLU A 257 -32.38 12.96 12.08
C GLU A 257 -32.44 14.03 13.16
N LYS A 258 -33.16 15.13 12.90
CA LYS A 258 -33.44 16.14 13.92
C LYS A 258 -34.40 15.57 14.94
N GLN A 259 -34.09 15.77 16.22
CA GLN A 259 -34.84 15.17 17.32
C GLN A 259 -34.98 16.13 18.49
N LYS A 260 -36.18 16.13 19.06
CA LYS A 260 -36.52 16.93 20.23
C LYS A 260 -37.07 15.95 21.26
N SER A 261 -36.42 15.85 22.41
CA SER A 261 -36.87 14.89 23.41
C SER A 261 -36.37 15.31 24.77
N SER A 262 -36.63 14.48 25.77
CA SER A 262 -36.06 14.67 27.10
C SER A 262 -34.77 13.92 27.31
N GLY A 263 -33.92 13.81 26.30
CA GLY A 263 -32.62 13.20 26.44
C GLY A 263 -32.50 11.89 25.67
N LEU A 264 -31.26 11.42 25.59
CA LEU A 264 -30.91 10.17 24.94
C LEU A 264 -30.22 9.28 25.96
N ASN A 265 -30.54 8.00 25.91
CA ASN A 265 -29.88 7.02 26.74
C ASN A 265 -29.20 6.00 25.84
N LEU A 266 -27.89 5.86 25.98
CA LEU A 266 -27.09 4.90 25.24
C LEU A 266 -26.40 3.94 26.21
N CYS A 267 -26.94 2.74 26.37
CA CYS A 267 -26.51 1.81 27.40
C CYS A 267 -25.93 0.53 26.81
N THR A 268 -25.24 -0.21 27.69
CA THR A 268 -24.66 -1.51 27.39
C THR A 268 -25.60 -2.63 27.83
N GLY A 269 -25.21 -3.87 27.55
CA GLY A 269 -25.92 -4.98 28.14
C GLY A 269 -25.92 -4.90 29.65
N THR A 270 -24.76 -4.56 30.24
CA THR A 270 -24.75 -4.31 31.68
C THR A 270 -25.74 -3.21 32.02
N GLY A 271 -25.73 -2.15 31.23
CA GLY A 271 -26.59 -1.04 31.57
C GLY A 271 -28.04 -1.24 31.25
N SER A 272 -28.39 -2.29 30.50
CA SER A 272 -29.78 -2.46 30.08
C SER A 272 -30.70 -2.77 31.26
N LYS A 273 -30.17 -3.26 32.37
CA LYS A 273 -30.98 -3.51 33.55
C LYS A 273 -31.17 -2.25 34.39
N ALA A 274 -30.53 -1.15 34.04
CA ALA A 274 -30.49 0.04 34.86
C ALA A 274 -31.47 1.09 34.28
N TRP A 275 -31.03 2.33 34.01
CA TRP A 275 -31.95 3.39 33.61
C TRP A 275 -32.76 2.99 32.37
N SER A 276 -32.09 2.39 31.38
CA SER A 276 -32.79 2.00 30.16
C SER A 276 -34.04 1.17 30.44
N PHE A 277 -33.95 0.26 31.40
CA PHE A 277 -35.08 -0.62 31.70
C PHE A 277 -36.28 0.18 32.19
N ASN A 278 -36.03 1.17 33.06
CA ASN A 278 -37.13 1.97 33.54
C ASN A 278 -37.59 2.99 32.50
N ILE A 279 -36.72 3.35 31.56
CA ILE A 279 -37.15 4.21 30.47
C ILE A 279 -38.08 3.44 29.54
N ASN A 280 -37.81 2.14 29.33
CA ASN A 280 -38.49 1.39 28.29
C ASN A 280 -39.50 0.35 28.78
N ARG A 281 -39.46 -0.07 30.03
CA ARG A 281 -40.39 -1.10 30.44
C ARG A 281 -41.84 -0.63 30.40
N VAL A 282 -42.76 -1.57 30.18
CA VAL A 282 -44.19 -1.32 30.24
C VAL A 282 -44.75 -1.96 31.52
N ALA A 283 -45.77 -1.34 32.07
CA ALA A 283 -46.39 -1.87 33.28
C ALA A 283 -47.43 -2.92 32.90
N THR A 284 -47.67 -3.84 33.84
CA THR A 284 -48.68 -4.87 33.63
C THR A 284 -50.03 -4.25 33.30
N GLN A 285 -50.35 -3.10 33.91
CA GLN A 285 -51.61 -2.43 33.60
C GLN A 285 -51.68 -1.94 32.17
N ALA A 286 -50.59 -1.40 31.63
CA ALA A 286 -50.63 -0.95 30.24
C ALA A 286 -50.84 -2.13 29.30
N VAL A 287 -50.11 -3.22 29.53
CA VAL A 287 -50.34 -4.39 28.69
C VAL A 287 -51.79 -4.81 28.77
N GLU A 288 -52.35 -4.81 30.00
CA GLU A 288 -53.74 -5.19 30.17
C GLU A 288 -54.67 -4.27 29.36
N ASP A 289 -54.39 -2.96 29.37
CA ASP A 289 -55.21 -2.02 28.62
C ASP A 289 -55.10 -2.30 27.12
N VAL A 290 -53.87 -2.50 26.64
CA VAL A 290 -53.66 -2.79 25.22
C VAL A 290 -54.49 -3.99 24.81
N LEU A 291 -54.39 -5.08 25.56
CA LEU A 291 -55.13 -6.30 25.22
C LEU A 291 -56.64 -6.09 25.29
N ASN A 292 -57.12 -5.46 26.37
CA ASN A 292 -58.55 -5.17 26.46
C ASN A 292 -59.02 -4.35 25.27
N ILE A 293 -58.23 -3.33 24.89
CA ILE A 293 -58.55 -2.56 23.69
C ILE A 293 -58.60 -3.48 22.49
N ALA A 294 -57.59 -4.33 22.33
CA ALA A 294 -57.57 -5.27 21.20
C ALA A 294 -58.72 -6.26 21.31
N LYS A 295 -58.99 -6.79 22.51
CA LYS A 295 -60.08 -7.74 22.68
C LYS A 295 -61.42 -7.07 22.40
N ARG A 296 -61.55 -5.80 22.80
CA ARG A 296 -62.76 -5.01 22.57
C ARG A 296 -62.88 -4.54 21.13
N GLN A 297 -61.77 -4.13 20.52
CA GLN A 297 -61.77 -3.74 19.11
C GLN A 297 -61.74 -4.92 18.14
N GLY A 298 -61.33 -6.10 18.59
CA GLY A 298 -61.21 -7.25 17.70
C GLY A 298 -62.12 -8.42 18.00
N LEU A 304 -58.83 -13.46 28.95
CA LEU A 304 -57.63 -12.72 29.34
C LEU A 304 -57.37 -12.84 30.85
N ASN A 305 -56.58 -13.85 31.23
CA ASN A 305 -56.26 -14.09 32.63
C ASN A 305 -55.14 -13.18 33.11
N ARG A 306 -55.01 -13.05 34.44
CA ARG A 306 -54.00 -12.20 35.04
C ARG A 306 -52.63 -12.87 34.96
N GLU A 307 -52.55 -14.19 35.09
CA GLU A 307 -51.25 -14.83 34.81
C GLU A 307 -50.85 -14.72 33.35
N LEU A 308 -51.83 -14.77 32.43
CA LEU A 308 -51.51 -14.59 31.01
C LEU A 308 -51.14 -13.14 30.70
N VAL A 309 -51.64 -12.17 31.46
CA VAL A 309 -51.24 -10.78 31.28
C VAL A 309 -49.89 -10.50 31.91
N GLU A 310 -49.62 -11.04 33.10
CA GLU A 310 -48.31 -10.84 33.69
C GLU A 310 -47.22 -11.48 32.85
N LYS A 311 -47.57 -12.49 32.05
CA LYS A 311 -46.55 -13.17 31.27
C LYS A 311 -46.18 -12.38 30.01
N VAL A 312 -47.14 -11.78 29.33
CA VAL A 312 -46.79 -10.96 28.17
C VAL A 312 -45.97 -9.77 28.61
N THR A 313 -46.36 -9.13 29.71
CA THR A 313 -45.56 -8.03 30.25
C THR A 313 -44.12 -8.47 30.49
N ASN A 314 -43.94 -9.58 31.21
CA ASN A 314 -42.60 -10.04 31.53
C ASN A 314 -41.83 -10.43 30.28
N GLU A 315 -42.46 -11.13 29.35
CA GLU A 315 -41.75 -11.44 28.12
C GLU A 315 -41.38 -10.16 27.37
N TYR A 316 -42.29 -9.19 27.34
CA TYR A 316 -41.97 -7.93 26.69
C TYR A 316 -40.81 -7.22 27.39
N ASN A 317 -40.93 -7.03 28.71
CA ASN A 317 -39.87 -6.34 29.45
C ASN A 317 -38.53 -7.08 29.35
N GLU A 318 -38.57 -8.41 29.22
CA GLU A 318 -37.34 -9.18 29.06
C GLU A 318 -36.59 -8.79 27.78
N SER A 319 -37.32 -8.55 26.68
CA SER A 319 -36.66 -8.21 25.44
C SER A 319 -35.89 -6.89 25.52
N LEU A 320 -36.12 -6.09 26.56
CA LEU A 320 -35.35 -4.87 26.79
C LEU A 320 -33.96 -5.15 27.36
N LEU A 321 -33.69 -6.38 27.80
CA LEU A 321 -32.46 -6.80 28.46
C LEU A 321 -31.59 -7.66 27.55
N TYR A 322 -30.28 -7.44 27.58
CA TYR A 322 -29.40 -8.28 26.80
C TYR A 322 -28.06 -8.48 27.52
N SER A 323 -27.27 -9.38 26.97
CA SER A 323 -26.05 -9.86 27.62
C SER A 323 -25.02 -8.75 27.79
N PRO A 324 -24.37 -8.68 28.96
CA PRO A 324 -23.28 -7.69 29.14
C PRO A 324 -22.07 -7.98 28.28
N GLU A 325 -22.04 -9.12 27.59
CA GLU A 325 -20.96 -9.47 26.68
C GLU A 325 -21.26 -9.05 25.25
N GLU A 326 -22.49 -8.65 24.95
CA GLU A 326 -22.84 -8.35 23.58
C GLU A 326 -22.31 -6.96 23.25
N PRO A 327 -21.46 -6.81 22.23
CA PRO A 327 -20.84 -5.50 21.91
C PRO A 327 -21.75 -4.59 21.09
N LYS A 328 -22.93 -4.32 21.63
CA LYS A 328 -23.94 -3.49 20.99
C LYS A 328 -24.45 -2.47 21.99
N ILE A 329 -24.92 -1.34 21.46
CA ILE A 329 -25.52 -0.24 22.20
C ILE A 329 -27.03 -0.27 22.05
N LEU A 330 -27.75 -0.24 23.17
CA LEU A 330 -29.20 -0.06 23.13
C LEU A 330 -29.48 1.45 23.21
N PHE A 331 -29.91 2.04 22.11
CA PHE A 331 -30.10 3.47 21.99
C PHE A 331 -31.58 3.79 22.19
N SER A 332 -31.91 4.54 23.25
CA SER A 332 -33.28 4.94 23.58
C SER A 332 -33.42 6.43 23.49
N ILE A 333 -34.40 6.88 22.73
CA ILE A 333 -34.79 8.28 22.76
C ILE A 333 -35.84 8.42 23.86
N ARG A 334 -35.53 9.22 24.86
CA ARG A 334 -36.34 9.34 26.05
C ARG A 334 -37.43 10.42 25.87
N GLU A 335 -38.69 10.00 25.81
CA GLU A 335 -39.87 10.86 25.66
C GLU A 335 -39.77 11.75 24.44
N PRO A 336 -39.72 11.16 23.25
CA PRO A 336 -39.65 11.98 22.04
C PRO A 336 -40.90 12.83 21.87
N ILE A 337 -40.71 14.02 21.28
CA ILE A 337 -41.78 14.97 20.98
C ILE A 337 -42.11 14.90 19.49
N ALA A 338 -43.38 14.69 19.17
CA ALA A 338 -43.89 14.64 17.77
C ALA A 338 -43.14 15.55 16.80
N ARG A 346 -37.50 6.13 15.00
CA ARG A 346 -37.25 4.98 15.87
C ARG A 346 -37.04 5.47 17.29
N GLN A 347 -37.83 5.00 18.27
CA GLN A 347 -37.52 5.46 19.61
C GLN A 347 -36.43 4.63 20.26
N ARG A 348 -36.18 3.42 19.79
CA ARG A 348 -35.25 2.53 20.46
C ARG A 348 -34.72 1.50 19.47
N CYS A 349 -33.41 1.29 19.49
CA CYS A 349 -32.85 0.32 18.56
C CYS A 349 -31.48 -0.07 19.08
N PHE A 350 -30.98 -1.20 18.57
CA PHE A 350 -29.61 -1.66 18.81
C PHE A 350 -28.68 -1.06 17.77
N SER A 351 -27.41 -0.91 18.15
CA SER A 351 -26.47 -0.29 17.23
C SER A 351 -25.03 -0.59 17.65
N SER A 352 -24.11 -0.34 16.73
CA SER A 352 -22.68 -0.40 17.02
C SER A 352 -22.07 0.97 17.25
N LYS A 353 -22.66 2.01 16.67
CA LYS A 353 -22.13 3.37 16.68
C LYS A 353 -23.31 4.35 16.71
N VAL A 354 -23.20 5.39 17.54
CA VAL A 354 -24.18 6.48 17.54
C VAL A 354 -23.42 7.81 17.57
N CYS A 355 -23.83 8.74 16.72
CA CYS A 355 -23.22 10.07 16.69
C CYS A 355 -24.31 11.10 16.96
N VAL A 356 -24.05 12.00 17.90
CA VAL A 356 -25.00 13.03 18.26
C VAL A 356 -24.37 14.40 18.02
N ARG A 357 -25.09 15.25 17.29
CA ARG A 357 -24.73 16.66 17.15
C ARG A 357 -25.61 17.47 18.08
N SER A 358 -25.00 18.15 19.05
CA SER A 358 -25.77 18.93 19.99
C SER A 358 -26.34 20.17 19.33
N ARG A 359 -27.60 20.44 19.61
CA ARG A 359 -28.20 21.70 19.21
C ARG A 359 -28.87 22.37 20.41
N CYS A 360 -28.36 22.16 21.63
CA CYS A 360 -28.96 22.72 22.83
C CYS A 360 -28.03 23.74 23.49
N TRP A 361 -28.63 24.55 24.37
CA TRP A 361 -27.98 25.70 25.00
C TRP A 361 -27.13 25.33 26.20
N ASP A 362 -27.59 24.43 27.07
CA ASP A 362 -26.86 24.09 28.29
C ASP A 362 -26.98 22.58 28.53
N ALA A 363 -26.31 21.80 27.70
CA ALA A 363 -26.45 20.36 27.76
C ALA A 363 -25.16 19.74 28.28
N CYS A 364 -25.28 18.44 28.56
CA CYS A 364 -24.24 17.67 29.21
C CYS A 364 -24.34 16.23 28.70
N MSE A 365 -23.22 15.53 28.72
CA MSE A 365 -23.22 14.06 28.68
C MSE A 365 -22.82 13.50 30.04
O MSE A 365 -21.75 13.80 30.57
CB MSE A 365 -22.26 13.57 27.65
CG MSE A 365 -22.63 13.96 26.26
SE MSE A 365 -21.38 13.18 25.03
CE MSE A 365 -19.82 14.30 25.42
N VAL A 366 -23.69 12.69 30.64
CA VAL A 366 -23.41 12.10 31.95
C VAL A 366 -23.13 10.62 31.76
N VAL A 367 -21.93 10.19 32.16
CA VAL A 367 -21.50 8.80 32.04
C VAL A 367 -21.78 8.11 33.37
N ASP A 368 -22.57 7.04 33.34
CA ASP A 368 -22.81 6.20 34.53
C ASP A 368 -23.27 7.01 35.74
N GLY A 369 -23.94 8.14 35.50
CA GLY A 369 -24.49 8.94 36.55
C GLY A 369 -23.51 9.79 37.32
N GLY A 370 -22.22 9.73 37.01
CA GLY A 370 -21.30 10.42 37.88
C GLY A 370 -20.32 11.37 37.25
N THR A 371 -19.99 11.14 35.99
CA THR A 371 -19.03 11.99 35.29
C THR A 371 -19.81 12.77 34.25
N SER A 372 -19.67 14.09 34.26
CA SER A 372 -20.43 14.94 33.35
C SER A 372 -19.47 15.69 32.41
N PHE A 373 -19.88 15.83 31.16
CA PHE A 373 -19.14 16.59 30.14
C PHE A 373 -20.06 17.62 29.51
N GLU A 374 -19.58 18.85 29.40
CA GLU A 374 -20.32 19.88 28.68
C GLU A 374 -20.60 19.43 27.24
N PHE A 375 -21.81 19.73 26.73
CA PHE A 375 -22.16 19.26 25.38
C PHE A 375 -23.08 20.27 24.66
N ASN A 376 -22.54 21.42 24.25
CA ASN A 376 -23.37 22.49 23.70
C ASN A 376 -23.18 22.64 22.19
N ASP A 377 -24.08 23.43 21.61
CA ASP A 377 -24.28 23.57 20.18
C ASP A 377 -22.96 23.58 19.43
N GLY A 378 -22.85 22.72 18.42
CA GLY A 378 -21.63 22.60 17.65
C GLY A 378 -20.68 21.55 18.14
N ALA A 379 -20.99 20.92 19.27
CA ALA A 379 -20.26 19.75 19.72
C ALA A 379 -20.81 18.52 19.02
N ILE A 380 -19.94 17.58 18.70
CA ILE A 380 -20.34 16.30 18.12
C ILE A 380 -19.75 15.19 18.96
N ALA A 381 -20.59 14.21 19.31
CA ALA A 381 -20.18 13.08 20.12
C ALA A 381 -20.44 11.79 19.36
N SER A 382 -19.54 10.82 19.50
CA SER A 382 -19.64 9.53 18.84
C SER A 382 -19.41 8.48 19.92
N MSE A 383 -20.38 7.60 20.13
CA MSE A 383 -20.11 6.52 21.06
C MSE A 383 -20.09 5.21 20.33
O MSE A 383 -20.87 4.97 19.43
CB MSE A 383 -21.12 6.49 22.21
CG MSE A 383 -22.21 7.45 22.09
SE MSE A 383 -21.83 9.28 22.63
CE MSE A 383 -19.99 9.34 22.89
N MSE A 384 -19.14 4.36 20.71
CA MSE A 384 -18.99 3.06 20.10
C MSE A 384 -18.45 2.08 21.11
O MSE A 384 -18.37 2.43 22.28
CB MSE A 384 -18.08 3.16 18.92
CG MSE A 384 -16.74 3.70 19.30
SE MSE A 384 -15.96 4.49 17.74
CE MSE A 384 -17.28 5.89 17.43
N ILE A 385 -18.09 0.86 20.70
CA ILE A 385 -17.69 -0.17 21.65
C ILE A 385 -16.40 -0.83 21.18
N ASN A 386 -15.41 -0.83 22.04
CA ASN A 386 -14.07 -1.28 21.75
C ASN A 386 -13.67 -2.36 22.74
N LYS A 387 -13.03 -3.42 22.24
CA LYS A 387 -12.54 -4.50 23.09
C LYS A 387 -11.61 -3.99 24.18
N GLU A 388 -10.75 -3.01 23.85
CA GLU A 388 -9.82 -2.46 24.84
C GLU A 388 -10.51 -1.99 26.11
N ASP A 389 -11.82 -1.72 26.05
CA ASP A 389 -12.58 -1.09 27.12
C ASP A 389 -13.34 -2.06 28.00
N GLU A 390 -13.22 -3.36 27.75
CA GLU A 390 -13.92 -4.33 28.56
C GLU A 390 -13.47 -4.27 30.01
N LEU A 391 -14.42 -4.50 30.91
CA LEU A 391 -14.17 -4.49 32.35
C LEU A 391 -14.12 -5.91 32.85
N ARG A 392 -13.01 -6.29 33.48
CA ARG A 392 -12.79 -7.65 33.95
C ARG A 392 -13.48 -7.85 35.29
N THR A 393 -14.62 -8.53 35.28
CA THR A 393 -15.40 -8.78 36.48
C THR A 393 -15.45 -10.28 36.72
N VAL A 394 -16.06 -10.67 37.84
CA VAL A 394 -16.06 -12.07 38.23
C VAL A 394 -17.49 -12.55 38.45
N LEU A 395 -17.67 -13.85 38.29
CA LEU A 395 -18.91 -14.53 38.66
C LEU A 395 -18.54 -15.62 39.67
N LEU A 396 -19.22 -15.61 40.81
CA LEU A 396 -19.05 -16.54 41.91
C LEU A 396 -20.22 -17.52 41.95
N GLU A 397 -19.99 -18.67 42.59
CA GLU A 397 -20.96 -19.76 42.58
C GLU A 397 -22.33 -19.33 43.10
N GLN A 398 -22.40 -18.93 44.37
CA GLN A 398 -23.73 -18.68 44.95
C GLN A 398 -23.73 -17.69 46.11
N ALA B 12 -4.73 -0.37 -12.21
CA ALA B 12 -3.80 0.56 -12.83
C ALA B 12 -2.68 0.98 -11.86
N GLY B 13 -3.04 1.90 -10.96
CA GLY B 13 -2.22 2.17 -9.80
C GLY B 13 -3.01 1.86 -8.54
N CYS B 14 -3.92 0.91 -8.64
CA CYS B 14 -4.90 0.62 -7.60
C CYS B 14 -4.64 -0.72 -6.93
N GLY B 15 -5.24 -0.87 -5.76
CA GLY B 15 -5.23 -2.11 -5.05
C GLY B 15 -4.02 -2.24 -4.16
N SER B 16 -3.88 -3.45 -3.63
CA SER B 16 -2.73 -3.79 -2.81
C SER B 16 -2.45 -5.27 -2.99
N ARG B 17 -1.17 -5.61 -3.13
CA ARG B 17 -0.81 -6.98 -3.42
C ARG B 17 -1.17 -7.85 -2.21
N ALA B 18 -1.58 -9.09 -2.50
CA ALA B 18 -2.07 -9.99 -1.47
C ALA B 18 -1.01 -10.31 -0.42
N ASP B 19 -1.39 -10.23 0.86
CA ASP B 19 -0.47 -10.56 1.93
C ASP B 19 -0.05 -12.03 1.85
N GLY B 20 -1.02 -12.91 1.67
CA GLY B 20 -0.77 -14.32 1.47
C GLY B 20 -1.60 -14.79 0.29
N GLY B 21 -1.75 -16.08 0.12
CA GLY B 21 -2.53 -16.62 -0.96
C GLY B 21 -4.03 -16.50 -0.75
N PHE B 22 -4.77 -16.72 -1.83
CA PHE B 22 -6.23 -16.87 -1.78
C PHE B 22 -6.55 -18.35 -1.99
N ARG B 23 -6.95 -19.02 -0.91
CA ARG B 23 -7.13 -20.46 -0.91
C ARG B 23 -8.43 -20.80 -0.19
N PRO B 24 -9.57 -20.61 -0.85
CA PRO B 24 -10.86 -20.82 -0.20
C PRO B 24 -11.21 -22.30 -0.09
N SER B 25 -12.02 -22.60 0.92
CA SER B 25 -12.54 -23.96 1.10
C SER B 25 -13.82 -24.18 0.32
N ARG B 26 -14.70 -23.18 0.33
CA ARG B 26 -16.05 -23.27 -0.22
C ARG B 26 -16.27 -22.09 -1.14
N VAL B 27 -16.71 -22.35 -2.36
CA VAL B 27 -16.98 -21.31 -3.32
C VAL B 27 -18.38 -21.51 -3.88
N VAL B 28 -19.17 -20.45 -3.95
CA VAL B 28 -20.43 -20.50 -4.70
C VAL B 28 -20.21 -19.89 -6.07
N VAL B 29 -20.66 -20.58 -7.10
CA VAL B 29 -20.69 -20.03 -8.45
C VAL B 29 -22.12 -19.62 -8.75
N VAL B 30 -22.34 -18.33 -8.95
CA VAL B 30 -23.62 -17.86 -9.46
C VAL B 30 -23.45 -17.67 -10.96
N ALA B 31 -24.24 -18.39 -11.74
CA ALA B 31 -24.08 -18.45 -13.17
C ALA B 31 -25.21 -17.68 -13.85
N LYS B 32 -24.87 -16.93 -14.90
CA LYS B 32 -25.86 -16.24 -15.72
C LYS B 32 -26.94 -17.20 -16.23
N THR B 33 -28.16 -16.68 -16.41
CA THR B 33 -29.22 -17.42 -17.07
C THR B 33 -29.27 -17.03 -18.55
N THR B 34 -28.95 -17.97 -19.42
CA THR B 34 -28.91 -17.70 -20.85
C THR B 34 -30.31 -17.45 -21.39
N ARG B 35 -30.35 -16.81 -22.56
CA ARG B 35 -31.61 -16.69 -23.28
C ARG B 35 -32.18 -18.05 -23.64
N TYR B 36 -31.33 -19.04 -23.94
CA TYR B 36 -31.85 -20.38 -24.18
C TYR B 36 -32.55 -20.93 -22.95
N GLU B 37 -32.00 -20.68 -21.76
CA GLU B 37 -32.63 -21.21 -20.56
C GLU B 37 -33.92 -20.46 -20.24
N PHE B 38 -34.00 -19.16 -20.60
CA PHE B 38 -35.22 -18.40 -20.38
C PHE B 38 -36.38 -19.00 -21.15
N GLU B 39 -36.13 -19.57 -22.33
CA GLU B 39 -37.19 -20.26 -23.06
C GLU B 39 -37.63 -21.52 -22.35
N GLN B 40 -36.67 -22.28 -21.80
CA GLN B 40 -36.98 -23.59 -21.27
C GLN B 40 -37.81 -23.56 -19.97
N GLN B 41 -37.58 -22.58 -19.10
CA GLN B 41 -38.30 -22.52 -17.82
C GLN B 41 -39.63 -21.79 -17.96
N ARG B 42 -40.69 -22.51 -18.30
CA ARG B 42 -41.97 -21.84 -18.46
C ARG B 42 -42.74 -21.68 -17.16
N TYR B 43 -42.33 -22.35 -16.09
CA TYR B 43 -42.96 -22.12 -14.80
C TYR B 43 -42.68 -20.70 -14.30
N ARG B 44 -41.57 -20.08 -14.73
CA ARG B 44 -41.12 -18.79 -14.20
C ARG B 44 -42.11 -17.68 -14.47
N TYR B 45 -42.77 -17.70 -15.63
CA TYR B 45 -43.66 -16.63 -16.05
C TYR B 45 -45.00 -17.14 -16.55
N ALA B 46 -45.35 -18.38 -16.23
CA ALA B 46 -46.67 -18.87 -16.59
C ALA B 46 -47.73 -18.09 -15.81
N GLU B 47 -48.91 -17.96 -16.43
CA GLU B 47 -50.01 -17.17 -15.88
C GLU B 47 -49.59 -15.72 -15.64
N LEU B 48 -48.64 -15.22 -16.43
CA LEU B 48 -48.22 -13.83 -16.42
C LEU B 48 -48.51 -13.28 -17.81
N SER B 49 -49.77 -12.90 -18.04
CA SER B 49 -50.26 -12.42 -19.32
C SER B 49 -50.01 -13.45 -20.44
N GLU B 50 -50.26 -13.04 -21.68
CA GLU B 50 -50.05 -13.90 -22.84
C GLU B 50 -49.27 -13.16 -23.92
N GLU B 51 -49.42 -11.84 -23.97
CA GLU B 51 -48.72 -11.03 -24.95
C GLU B 51 -47.34 -10.64 -24.46
N ASP B 52 -47.20 -10.32 -23.17
CA ASP B 52 -45.90 -10.17 -22.52
C ASP B 52 -45.14 -11.48 -22.51
N LEU B 53 -45.78 -12.58 -22.91
CA LEU B 53 -45.12 -13.85 -23.11
C LEU B 53 -44.48 -13.93 -24.50
N LYS B 54 -45.22 -13.51 -25.53
CA LYS B 54 -44.64 -13.37 -26.87
C LYS B 54 -43.52 -12.35 -26.86
N GLN B 55 -43.60 -11.34 -25.99
CA GLN B 55 -42.58 -10.30 -25.91
C GLN B 55 -41.33 -10.80 -25.17
N LEU B 56 -41.51 -11.51 -24.05
CA LEU B 56 -40.40 -12.13 -23.34
C LEU B 56 -39.69 -13.21 -24.14
N LEU B 57 -40.29 -13.68 -25.24
CA LEU B 57 -39.80 -14.82 -26.00
C LEU B 57 -39.30 -14.45 -27.39
N ALA B 58 -39.44 -13.20 -27.82
CA ALA B 58 -39.15 -12.84 -29.20
C ALA B 58 -37.65 -12.89 -29.48
N LEU B 59 -37.30 -13.29 -30.70
CA LEU B 59 -35.90 -13.44 -31.09
C LEU B 59 -35.13 -12.12 -31.03
N SER B 63 -31.55 -14.75 -32.98
CA SER B 63 -31.70 -15.92 -33.86
C SER B 63 -31.57 -17.24 -33.09
N TYR B 64 -32.34 -18.25 -33.51
CA TYR B 64 -32.46 -19.50 -32.74
C TYR B 64 -31.14 -20.25 -32.67
N SER B 65 -30.46 -20.41 -33.82
CA SER B 65 -29.19 -21.12 -33.82
C SER B 65 -28.20 -20.48 -32.85
N GLY B 66 -28.10 -19.14 -32.88
CA GLY B 66 -27.11 -18.50 -32.05
C GLY B 66 -27.43 -18.64 -30.58
N LEU B 67 -28.72 -18.73 -30.25
CA LEU B 67 -29.09 -18.87 -28.85
C LEU B 67 -28.64 -20.20 -28.28
N LEU B 68 -28.70 -21.26 -29.08
CA LEU B 68 -28.18 -22.53 -28.59
C LEU B 68 -26.65 -22.50 -28.49
N GLU B 69 -25.99 -21.86 -29.46
CA GLU B 69 -24.53 -21.82 -29.43
C GLU B 69 -24.00 -21.03 -28.25
N ARG B 70 -24.43 -19.77 -28.10
CA ARG B 70 -23.91 -19.01 -26.96
C ARG B 70 -24.34 -19.63 -25.63
N HIS B 71 -25.43 -20.40 -25.62
CA HIS B 71 -25.74 -21.16 -24.41
C HIS B 71 -24.72 -22.27 -24.21
N HIS B 72 -24.32 -22.96 -25.28
CA HIS B 72 -23.30 -23.99 -25.15
C HIS B 72 -21.96 -23.36 -24.77
N ILE B 73 -21.58 -22.26 -25.42
CA ILE B 73 -20.33 -21.59 -25.06
C ILE B 73 -20.33 -21.29 -23.57
N HIS B 74 -21.40 -20.65 -23.08
CA HIS B 74 -21.47 -20.32 -21.66
C HIS B 74 -21.42 -21.58 -20.81
N THR B 75 -22.26 -22.56 -21.12
CA THR B 75 -22.32 -23.77 -20.30
C THR B 75 -20.99 -24.49 -20.29
N LYS B 76 -20.30 -24.49 -21.42
CA LYS B 76 -18.99 -25.11 -21.50
C LYS B 76 -18.02 -24.41 -20.52
N ASN B 77 -18.09 -23.08 -20.44
CA ASN B 77 -17.18 -22.38 -19.54
C ASN B 77 -17.60 -22.49 -18.08
N VAL B 78 -18.89 -22.61 -17.78
CA VAL B 78 -19.25 -22.84 -16.39
C VAL B 78 -18.74 -24.20 -15.94
N GLU B 79 -18.87 -25.22 -16.79
CA GLU B 79 -18.29 -26.51 -16.44
C GLU B 79 -16.79 -26.40 -16.23
N HIS B 80 -16.10 -25.70 -17.13
CA HIS B 80 -14.64 -25.54 -17.01
C HIS B 80 -14.27 -24.87 -15.71
N ILE B 81 -15.04 -23.85 -15.32
CA ILE B 81 -14.80 -23.19 -14.04
C ILE B 81 -15.03 -24.15 -12.88
N ILE B 82 -16.13 -24.90 -12.93
CA ILE B 82 -16.46 -25.77 -11.80
C ILE B 82 -15.43 -26.88 -11.68
N ASP B 83 -15.09 -27.53 -12.80
CA ASP B 83 -14.08 -28.58 -12.78
C ASP B 83 -12.74 -28.04 -12.29
N SER B 84 -12.37 -26.83 -12.73
CA SER B 84 -11.12 -26.23 -12.32
C SER B 84 -11.10 -26.02 -10.81
N LEU B 85 -12.18 -25.47 -10.27
CA LEU B 85 -12.31 -25.33 -8.83
C LEU B 85 -12.21 -26.70 -8.15
N ARG B 86 -12.98 -27.67 -8.63
CA ARG B 86 -12.99 -28.95 -7.91
C ARG B 86 -11.65 -29.65 -7.96
N ASN B 87 -10.93 -29.53 -9.08
CA ASN B 87 -9.61 -30.14 -9.17
C ASN B 87 -8.65 -29.59 -8.12
N GLU B 88 -8.84 -28.34 -7.73
CA GLU B 88 -7.97 -27.78 -6.69
C GLU B 88 -8.34 -28.34 -5.32
N GLY B 89 -9.60 -28.70 -5.12
CA GLY B 89 -10.08 -29.16 -3.84
C GLY B 89 -11.06 -28.19 -3.19
N ILE B 90 -11.56 -27.22 -3.94
CA ILE B 90 -12.54 -26.28 -3.43
C ILE B 90 -13.92 -26.93 -3.56
N GLU B 91 -14.68 -26.94 -2.46
CA GLU B 91 -16.06 -27.39 -2.54
C GLU B 91 -16.90 -26.28 -3.15
N VAL B 92 -17.73 -26.63 -4.15
CA VAL B 92 -18.44 -25.61 -4.92
C VAL B 92 -19.92 -25.94 -5.01
N ARG B 93 -20.74 -24.91 -4.89
CA ARG B 93 -22.18 -24.98 -5.12
C ARG B 93 -22.51 -24.11 -6.32
N LEU B 94 -23.26 -24.66 -7.27
CA LEU B 94 -23.70 -23.94 -8.45
C LEU B 94 -25.13 -23.45 -8.26
N VAL B 95 -25.35 -22.15 -8.50
CA VAL B 95 -26.67 -21.53 -8.34
C VAL B 95 -26.94 -20.61 -9.52
N LYS B 96 -28.22 -20.46 -9.84
CA LYS B 96 -28.75 -19.45 -10.75
C LYS B 96 -29.40 -18.33 -9.93
N ARG B 97 -29.81 -17.26 -10.63
CA ARG B 97 -30.32 -16.07 -9.93
C ARG B 97 -31.40 -16.41 -8.91
N ARG B 98 -32.36 -17.25 -9.28
CA ARG B 98 -33.45 -17.59 -8.38
C ARG B 98 -32.96 -18.33 -7.14
N GLU B 99 -31.82 -19.01 -7.20
CA GLU B 99 -31.35 -19.80 -6.07
C GLU B 99 -30.24 -19.14 -5.27
N TYR B 100 -29.84 -17.92 -5.62
CA TYR B 100 -28.73 -17.22 -4.96
C TYR B 100 -29.30 -16.35 -3.84
N ASP B 101 -29.25 -16.85 -2.63
CA ASP B 101 -29.79 -16.17 -1.47
C ASP B 101 -28.65 -15.88 -0.48
N GLU B 102 -28.99 -15.23 0.63
CA GLU B 102 -27.95 -14.89 1.59
C GLU B 102 -27.39 -16.12 2.29
N GLU B 103 -28.23 -17.12 2.55
CA GLU B 103 -27.75 -18.32 3.19
C GLU B 103 -26.60 -18.95 2.42
N THR B 104 -26.73 -19.01 1.09
CA THR B 104 -25.65 -19.58 0.28
C THR B 104 -24.39 -18.72 0.34
N VAL B 105 -24.56 -17.40 0.33
CA VAL B 105 -23.44 -16.48 0.48
C VAL B 105 -22.74 -16.70 1.80
N ARG B 106 -23.51 -16.94 2.87
CA ARG B 106 -22.91 -17.14 4.19
C ARG B 106 -22.12 -18.44 4.26
N TRP B 107 -22.61 -19.48 3.58
CA TRP B 107 -21.89 -20.73 3.53
C TRP B 107 -20.56 -20.58 2.80
N ALA B 108 -20.51 -19.69 1.83
CA ALA B 108 -19.33 -19.56 0.97
C ALA B 108 -18.24 -18.72 1.62
N ASP B 109 -17.00 -19.07 1.29
CA ASP B 109 -15.87 -18.19 1.57
C ASP B 109 -15.65 -17.17 0.48
N ALA B 110 -16.17 -17.42 -0.72
CA ALA B 110 -16.06 -16.52 -1.85
C ALA B 110 -17.16 -16.86 -2.85
N VAL B 111 -17.58 -15.85 -3.61
CA VAL B 111 -18.57 -15.99 -4.65
C VAL B 111 -17.85 -15.81 -5.96
N ILE B 112 -18.20 -16.62 -6.96
CA ILE B 112 -17.66 -16.46 -8.31
C ILE B 112 -18.84 -16.20 -9.23
N ALA B 113 -18.82 -15.05 -9.88
CA ALA B 113 -19.83 -14.71 -10.85
C ALA B 113 -19.39 -15.27 -12.20
N ALA B 114 -20.22 -16.12 -12.80
CA ALA B 114 -19.88 -16.77 -14.07
C ALA B 114 -20.83 -16.24 -15.12
N GLY B 115 -20.34 -15.29 -15.92
CA GLY B 115 -21.19 -14.69 -16.94
C GLY B 115 -20.62 -13.41 -17.53
N GLY B 116 -21.23 -12.30 -17.20
CA GLY B 116 -20.71 -11.02 -17.63
C GLY B 116 -20.77 -10.01 -16.50
N ASP B 117 -20.73 -8.71 -16.84
CA ASP B 117 -20.77 -7.68 -15.81
C ASP B 117 -22.07 -7.72 -15.04
N GLY B 118 -23.16 -8.08 -15.72
CA GLY B 118 -24.45 -8.12 -15.04
C GLY B 118 -24.51 -9.16 -13.95
N THR B 119 -23.89 -10.31 -14.17
CA THR B 119 -23.91 -11.31 -13.10
C THR B 119 -22.85 -11.05 -12.05
N MSE B 120 -21.80 -10.31 -12.37
CA MSE B 120 -21.02 -9.72 -11.32
C MSE B 120 -21.94 -8.83 -10.45
O MSE B 120 -21.96 -8.95 -9.22
CB MSE B 120 -19.86 -8.92 -11.89
CG MSE B 120 -18.93 -8.36 -10.82
SE MSE B 120 -17.98 -9.75 -9.84
CE MSE B 120 -16.68 -8.61 -8.92
N LEU B 121 -22.72 -7.95 -11.10
CA LEU B 121 -23.67 -7.11 -10.37
C LEU B 121 -24.63 -7.95 -9.55
N LEU B 122 -25.09 -9.07 -10.11
CA LEU B 122 -25.93 -9.99 -9.37
C LEU B 122 -25.21 -10.55 -8.15
N ALA B 123 -24.00 -11.08 -8.36
CA ALA B 123 -23.21 -11.66 -7.29
C ALA B 123 -22.98 -10.67 -6.16
N ALA B 124 -22.67 -9.42 -6.51
CA ALA B 124 -22.41 -8.41 -5.49
C ALA B 124 -23.68 -7.99 -4.74
N SER B 125 -24.86 -8.15 -5.35
CA SER B 125 -26.04 -7.64 -4.69
C SER B 125 -26.31 -8.35 -3.38
N LYS B 126 -25.75 -9.54 -3.19
CA LYS B 126 -26.01 -10.31 -2.00
C LYS B 126 -24.79 -10.47 -1.09
N VAL B 127 -23.69 -9.83 -1.42
CA VAL B 127 -22.49 -9.82 -0.59
C VAL B 127 -22.40 -8.46 0.10
N LEU B 128 -22.50 -8.49 1.43
CA LEU B 128 -22.45 -7.28 2.25
C LEU B 128 -21.25 -7.26 3.17
N ASP B 129 -20.43 -8.31 3.14
CA ASP B 129 -19.25 -8.45 3.99
C ASP B 129 -18.05 -7.97 3.20
N ARG B 130 -17.35 -6.94 3.68
CA ARG B 130 -16.20 -6.45 2.93
C ARG B 130 -15.00 -7.38 2.96
N LEU B 131 -15.05 -8.49 3.71
CA LEU B 131 -13.93 -9.42 3.71
C LEU B 131 -14.12 -10.59 2.76
N LYS B 132 -15.30 -10.74 2.15
CA LYS B 132 -15.61 -11.88 1.29
C LYS B 132 -15.30 -11.58 -0.18
N PRO B 133 -14.34 -12.26 -0.80
CA PRO B 133 -14.01 -11.95 -2.20
C PRO B 133 -15.09 -12.38 -3.17
N VAL B 134 -15.32 -11.55 -4.19
CA VAL B 134 -16.21 -11.97 -5.27
C VAL B 134 -15.51 -11.67 -6.60
N ILE B 135 -15.40 -12.70 -7.43
CA ILE B 135 -14.57 -12.71 -8.64
C ILE B 135 -15.48 -13.01 -9.82
N GLY B 136 -15.29 -12.29 -10.90
CA GLY B 136 -16.13 -12.43 -12.09
C GLY B 136 -15.36 -13.11 -13.19
N VAL B 137 -16.02 -14.03 -13.90
CA VAL B 137 -15.41 -14.74 -15.02
C VAL B 137 -16.30 -14.57 -16.23
N ASN B 138 -15.76 -14.01 -17.30
CA ASN B 138 -16.51 -13.76 -18.53
C ASN B 138 -16.66 -15.07 -19.30
N THR B 139 -17.83 -15.69 -19.20
CA THR B 139 -18.06 -17.00 -19.81
C THR B 139 -18.45 -16.90 -21.29
N ASP B 140 -18.37 -15.70 -21.89
CA ASP B 140 -18.67 -15.52 -23.31
C ASP B 140 -17.91 -14.29 -23.79
N PRO B 141 -16.59 -14.43 -24.00
CA PRO B 141 -15.75 -13.24 -24.20
C PRO B 141 -16.05 -12.48 -25.48
N GLU B 142 -16.12 -13.17 -26.61
CA GLU B 142 -16.25 -12.49 -27.89
C GLU B 142 -17.67 -12.01 -28.14
N ARG B 143 -18.56 -12.15 -27.16
CA ARG B 143 -19.92 -11.68 -27.35
C ARG B 143 -20.36 -10.73 -26.24
N SER B 144 -19.77 -10.86 -25.04
CA SER B 144 -20.21 -10.10 -23.87
C SER B 144 -19.02 -9.57 -23.05
N GLU B 145 -18.15 -8.80 -23.69
CA GLU B 145 -16.96 -8.20 -23.09
C GLU B 145 -17.29 -7.48 -21.80
N GLY B 146 -16.70 -7.96 -20.69
CA GLY B 146 -17.12 -7.57 -19.34
C GLY B 146 -16.05 -6.97 -18.42
N HIS B 147 -16.20 -5.67 -18.14
CA HIS B 147 -15.18 -4.89 -17.45
C HIS B 147 -15.00 -5.20 -15.96
N LEU B 148 -15.86 -5.99 -15.33
CA LEU B 148 -15.72 -6.35 -13.92
C LEU B 148 -15.20 -7.77 -13.71
N CYS B 149 -14.84 -8.47 -14.78
CA CYS B 149 -14.37 -9.84 -14.69
C CYS B 149 -12.87 -9.89 -14.90
N LEU B 150 -12.30 -11.08 -14.64
CA LEU B 150 -10.89 -11.35 -14.94
C LEU B 150 -10.61 -11.13 -16.42
N PRO B 151 -9.35 -10.91 -16.79
CA PRO B 151 -9.03 -10.86 -18.22
C PRO B 151 -9.51 -12.11 -18.96
N VAL B 152 -9.91 -11.92 -20.22
CA VAL B 152 -10.51 -12.98 -21.01
C VAL B 152 -9.61 -14.20 -21.06
N ARG B 153 -8.30 -14.00 -20.93
CA ARG B 153 -7.35 -15.10 -20.99
C ARG B 153 -7.70 -16.17 -19.98
N TYR B 154 -8.14 -15.75 -18.79
CA TYR B 154 -8.40 -16.65 -17.66
C TYR B 154 -9.75 -17.35 -17.75
N THR B 155 -10.53 -17.11 -18.79
CA THR B 155 -11.74 -17.91 -18.97
C THR B 155 -11.38 -19.31 -19.44
N HIS B 156 -10.50 -19.40 -20.44
CA HIS B 156 -10.03 -20.70 -20.90
C HIS B 156 -8.85 -21.23 -20.09
N SER B 157 -8.20 -20.38 -19.30
CA SER B 157 -7.09 -20.79 -18.45
C SER B 157 -7.45 -20.55 -17.00
N PHE B 158 -8.61 -21.03 -16.58
CA PHE B 158 -9.00 -20.68 -15.23
C PHE B 158 -8.13 -21.39 -14.20
N PRO B 159 -7.62 -22.60 -14.45
CA PRO B 159 -6.62 -23.15 -13.51
C PRO B 159 -5.43 -22.23 -13.26
N GLU B 160 -4.93 -21.56 -14.29
CA GLU B 160 -3.82 -20.62 -14.11
C GLU B 160 -4.22 -19.45 -13.21
N ALA B 161 -5.47 -19.01 -13.28
CA ALA B 161 -5.90 -17.98 -12.34
C ALA B 161 -5.94 -18.53 -10.93
N LEU B 162 -6.49 -19.74 -10.77
CA LEU B 162 -6.54 -20.38 -9.45
C LEU B 162 -5.13 -20.58 -8.92
N GLN B 163 -4.18 -20.87 -9.81
CA GLN B 163 -2.78 -20.97 -9.41
C GLN B 163 -2.24 -19.63 -8.90
N LYS B 164 -2.46 -18.55 -9.66
CA LYS B 164 -2.00 -17.24 -9.23
C LYS B 164 -2.69 -16.81 -7.94
N PHE B 165 -3.97 -17.13 -7.79
CA PHE B 165 -4.65 -16.86 -6.53
C PHE B 165 -3.96 -17.58 -5.38
N TYR B 166 -3.57 -18.83 -5.59
CA TYR B 166 -2.91 -19.59 -4.54
C TYR B 166 -1.59 -18.97 -4.15
N ARG B 167 -0.79 -18.55 -5.14
CA ARG B 167 0.51 -17.95 -4.87
C ARG B 167 0.39 -16.56 -4.27
N GLY B 168 -0.79 -15.94 -4.35
CA GLY B 168 -0.87 -14.55 -4.00
C GLY B 168 -0.37 -13.62 -5.08
N GLU B 169 -0.27 -14.09 -6.33
CA GLU B 169 0.18 -13.25 -7.44
C GLU B 169 -1.01 -12.51 -8.07
N PHE B 170 -1.55 -11.55 -7.29
CA PHE B 170 -2.67 -10.71 -7.70
C PHE B 170 -2.83 -9.60 -6.66
N ARG B 171 -3.69 -8.63 -6.97
CA ARG B 171 -4.00 -7.55 -6.04
C ARG B 171 -5.44 -7.65 -5.57
N TRP B 172 -5.65 -7.42 -4.27
CA TRP B 172 -6.99 -7.12 -3.79
C TRP B 172 -7.35 -5.71 -4.23
N LEU B 173 -8.60 -5.54 -4.65
CA LEU B 173 -9.17 -4.24 -4.98
C LEU B 173 -10.48 -4.12 -4.24
N TRP B 174 -10.55 -3.22 -3.28
CA TRP B 174 -11.77 -2.96 -2.56
C TRP B 174 -12.52 -1.87 -3.30
N ARG B 175 -13.67 -2.21 -3.85
CA ARG B 175 -14.49 -1.26 -4.59
C ARG B 175 -15.51 -0.62 -3.67
N GLN B 176 -15.52 0.72 -3.64
CA GLN B 176 -16.54 1.45 -2.90
C GLN B 176 -17.91 1.17 -3.51
N ARG B 177 -18.93 1.09 -2.65
CA ARG B 177 -20.30 0.94 -3.11
C ARG B 177 -21.19 1.94 -2.37
N ILE B 178 -22.37 2.21 -2.93
CA ILE B 178 -23.28 3.22 -2.41
C ILE B 178 -24.37 2.55 -1.57
N ARG B 179 -24.62 3.12 -0.41
CA ARG B 179 -25.62 2.75 0.58
C ARG B 179 -26.85 3.63 0.40
N LEU B 180 -28.05 3.07 0.59
CA LEU B 180 -29.30 3.80 0.34
C LEU B 180 -30.20 3.72 1.56
N TYR B 181 -30.64 4.87 2.07
CA TYR B 181 -31.61 4.96 3.15
C TYR B 181 -32.93 5.55 2.66
N LEU B 182 -34.04 5.08 3.21
CA LEU B 182 -35.33 5.53 2.72
C LEU B 182 -36.22 5.94 3.90
N GLU B 183 -36.82 7.13 3.81
CA GLU B 183 -37.72 7.62 4.84
C GLU B 183 -38.81 8.48 4.19
N GLY B 184 -39.72 8.95 5.02
CA GLY B 184 -40.73 9.86 4.55
C GLY B 184 -42.10 9.25 4.69
N THR B 185 -43.08 9.80 3.98
CA THR B 185 -44.44 9.32 4.05
C THR B 185 -44.74 8.39 2.87
N GLY B 186 -45.50 7.34 3.16
CA GLY B 186 -45.94 6.37 2.15
C GLY B 186 -44.81 5.61 1.48
N ILE B 187 -43.70 5.39 2.18
CA ILE B 187 -42.56 4.75 1.55
C ILE B 187 -42.78 3.24 1.49
N ASN B 188 -42.00 2.57 0.64
CA ASN B 188 -42.09 1.13 0.46
C ASN B 188 -40.70 0.56 0.22
N PRO B 189 -40.05 0.03 1.25
CA PRO B 189 -38.67 -0.44 1.13
C PRO B 189 -38.54 -1.85 0.58
N VAL B 190 -39.65 -2.46 0.17
CA VAL B 190 -39.55 -3.82 -0.34
C VAL B 190 -38.98 -3.70 -1.75
N PRO B 191 -37.87 -4.37 -2.04
CA PRO B 191 -37.25 -4.23 -3.35
C PRO B 191 -37.97 -5.09 -4.37
N VAL B 192 -37.76 -4.74 -5.63
CA VAL B 192 -38.28 -5.49 -6.76
C VAL B 192 -37.12 -5.90 -7.62
N ASP B 193 -37.00 -7.20 -7.91
CA ASP B 193 -35.99 -7.66 -8.84
C ASP B 193 -36.52 -7.47 -10.26
N LEU B 194 -35.87 -6.58 -11.02
CA LEU B 194 -36.30 -6.31 -12.40
C LEU B 194 -36.06 -7.50 -13.32
N HIS B 195 -35.11 -8.37 -13.00
CA HIS B 195 -34.91 -9.58 -13.81
C HIS B 195 -35.91 -10.69 -13.52
N GLU B 196 -36.81 -10.52 -12.53
CA GLU B 196 -37.88 -11.48 -12.27
C GLU B 196 -39.26 -10.84 -12.18
N GLN B 197 -39.43 -9.60 -12.66
CA GLN B 197 -40.73 -8.91 -12.55
C GLN B 197 -40.80 -7.67 -13.45
N ALA B 220 -44.19 9.48 8.40
CA ALA B 220 -44.49 8.26 9.16
C ALA B 220 -43.24 7.42 9.45
N SER B 221 -42.28 7.42 8.53
CA SER B 221 -41.18 6.46 8.58
C SER B 221 -39.85 7.13 8.86
N GLY B 222 -39.07 6.51 9.74
CA GLY B 222 -37.70 6.90 10.01
C GLY B 222 -36.76 6.17 9.07
N PRO B 223 -35.48 6.54 9.07
CA PRO B 223 -34.55 6.03 8.07
C PRO B 223 -34.46 4.51 8.06
N GLN B 224 -34.46 3.95 6.86
CA GLN B 224 -34.50 2.51 6.65
C GLN B 224 -33.38 2.14 5.71
N LEU B 225 -32.43 1.34 6.18
CA LEU B 225 -31.29 0.94 5.35
C LEU B 225 -31.74 -0.10 4.33
N LEU B 226 -31.68 0.26 3.06
CA LEU B 226 -32.24 -0.63 2.06
C LEU B 226 -31.29 -1.81 1.80
N PRO B 227 -31.85 -2.98 1.44
CA PRO B 227 -31.07 -4.23 1.46
C PRO B 227 -30.01 -4.39 0.37
N VAL B 228 -29.86 -3.46 -0.57
CA VAL B 228 -28.78 -3.64 -1.54
C VAL B 228 -27.90 -2.41 -1.52
N ARG B 229 -26.70 -2.60 -2.03
CA ARG B 229 -25.71 -1.56 -2.23
C ARG B 229 -25.47 -1.44 -3.73
N ALA B 230 -25.14 -0.25 -4.17
CA ALA B 230 -24.94 -0.01 -5.59
C ALA B 230 -23.45 -0.10 -5.88
N LEU B 231 -23.06 -1.02 -6.78
CA LEU B 231 -21.69 -1.11 -7.27
C LEU B 231 -21.44 -0.19 -8.44
N ASN B 232 -22.42 -0.06 -9.35
CA ASN B 232 -22.36 0.92 -10.46
C ASN B 232 -22.99 2.24 -10.02
N GLU B 233 -24.32 2.27 -9.86
CA GLU B 233 -24.98 3.52 -9.54
C GLU B 233 -26.39 3.31 -9.00
N VAL B 234 -26.90 4.36 -8.36
CA VAL B 234 -28.34 4.48 -8.10
C VAL B 234 -28.90 5.42 -9.15
N PHE B 235 -29.87 4.94 -9.90
CA PHE B 235 -30.59 5.78 -10.84
C PHE B 235 -31.95 6.09 -10.25
N ILE B 236 -32.31 7.38 -10.23
CA ILE B 236 -33.54 7.87 -9.62
C ILE B 236 -34.33 8.65 -10.67
N GLY B 237 -35.56 8.23 -10.93
CA GLY B 237 -36.38 8.92 -11.90
C GLY B 237 -37.72 8.23 -12.10
N GLU B 238 -38.56 8.84 -12.92
CA GLU B 238 -39.86 8.27 -13.25
C GLU B 238 -39.68 6.96 -14.01
N SER B 239 -40.61 6.03 -13.78
CA SER B 239 -40.55 4.73 -14.45
C SER B 239 -40.71 4.87 -15.96
N LEU B 240 -41.60 5.77 -16.41
CA LEU B 240 -41.89 5.95 -17.83
C LEU B 240 -40.81 6.79 -18.46
N SER B 241 -40.16 6.28 -19.50
CA SER B 241 -38.93 6.93 -19.94
C SER B 241 -39.20 8.27 -20.60
N SER B 242 -40.40 8.49 -21.10
CA SER B 242 -40.71 9.75 -21.75
C SER B 242 -41.15 10.84 -20.77
N ARG B 243 -41.24 10.55 -19.48
CA ARG B 243 -41.77 11.48 -18.50
C ARG B 243 -40.61 12.14 -17.80
N ALA B 244 -40.74 13.43 -17.49
CA ALA B 244 -39.68 14.10 -16.76
C ALA B 244 -39.90 13.94 -15.27
N SER B 245 -38.82 14.01 -14.52
CA SER B 245 -38.86 13.75 -13.09
C SER B 245 -38.69 15.03 -12.30
N TYR B 246 -39.35 15.06 -11.14
CA TYR B 246 -39.39 16.25 -10.31
C TYR B 246 -38.99 15.89 -8.89
N TYR B 247 -38.03 16.62 -8.33
CA TYR B 247 -37.51 16.36 -7.00
C TYR B 247 -36.76 17.58 -6.47
N GLU B 248 -36.56 17.58 -5.17
CA GLU B 248 -35.66 18.53 -4.52
C GLU B 248 -34.41 17.76 -4.13
N ILE B 249 -33.26 18.39 -4.29
CA ILE B 249 -31.97 17.74 -4.14
C ILE B 249 -31.14 18.50 -3.11
N SER B 250 -30.37 17.76 -2.32
CA SER B 250 -29.45 18.35 -1.35
C SER B 250 -28.14 17.60 -1.40
N VAL B 251 -27.09 18.27 -1.85
CA VAL B 251 -25.77 17.69 -1.98
C VAL B 251 -24.94 18.10 -0.78
N ASP B 252 -24.23 17.12 -0.19
CA ASP B 252 -23.31 17.34 0.93
C ASP B 252 -23.91 18.25 2.00
N ASP B 253 -25.18 18.00 2.32
CA ASP B 253 -25.93 18.78 3.31
C ASP B 253 -26.11 20.24 2.91
N GLY B 254 -26.17 20.52 1.60
CA GLY B 254 -26.43 21.87 1.14
C GLY B 254 -27.91 22.19 1.13
N PRO B 255 -28.26 23.38 0.66
CA PRO B 255 -29.67 23.75 0.57
C PRO B 255 -30.40 22.92 -0.48
N TRP B 256 -31.72 22.78 -0.28
CA TRP B 256 -32.56 22.03 -1.20
C TRP B 256 -32.78 22.82 -2.47
N GLU B 257 -32.43 22.25 -3.61
CA GLU B 257 -32.70 22.87 -4.90
C GLU B 257 -33.80 22.09 -5.61
N LYS B 258 -34.81 22.82 -6.06
CA LYS B 258 -35.83 22.23 -6.93
C LYS B 258 -35.20 21.91 -8.27
N GLN B 259 -35.46 20.72 -8.80
CA GLN B 259 -34.82 20.29 -10.04
C GLN B 259 -35.82 19.49 -10.86
N LYS B 260 -35.79 19.67 -12.16
CA LYS B 260 -36.63 18.91 -13.07
C LYS B 260 -35.75 18.33 -14.18
N SER B 261 -35.74 17.01 -14.32
CA SER B 261 -34.89 16.40 -15.35
C SER B 261 -35.40 15.03 -15.71
N SER B 262 -34.64 14.35 -16.57
CA SER B 262 -34.87 12.96 -16.96
C SER B 262 -34.18 11.98 -16.02
N GLY B 263 -34.17 12.30 -14.72
CA GLY B 263 -33.60 11.40 -13.76
C GLY B 263 -32.27 11.92 -13.24
N LEU B 264 -31.80 11.24 -12.19
CA LEU B 264 -30.51 11.48 -11.58
C LEU B 264 -29.72 10.18 -11.64
N ASN B 265 -28.42 10.29 -11.91
CA ASN B 265 -27.50 9.14 -11.87
C ASN B 265 -26.46 9.40 -10.80
N LEU B 266 -26.41 8.51 -9.80
CA LEU B 266 -25.48 8.62 -8.67
C LEU B 266 -24.57 7.39 -8.67
N CYS B 267 -23.32 7.56 -9.15
CA CYS B 267 -22.44 6.43 -9.44
C CYS B 267 -21.20 6.39 -8.55
N THR B 268 -20.54 5.23 -8.57
CA THR B 268 -19.25 5.02 -7.93
C THR B 268 -18.13 5.13 -8.96
N GLY B 269 -16.89 5.09 -8.46
CA GLY B 269 -15.74 4.93 -9.35
C GLY B 269 -15.87 3.70 -10.23
N THR B 270 -16.35 2.58 -9.68
CA THR B 270 -16.63 1.45 -10.55
C THR B 270 -17.66 1.83 -11.60
N GLY B 271 -18.72 2.51 -11.19
CA GLY B 271 -19.82 2.81 -12.09
C GLY B 271 -19.59 3.96 -13.03
N SER B 272 -18.50 4.71 -12.81
CA SER B 272 -18.24 5.87 -13.65
C SER B 272 -17.95 5.44 -15.09
N LYS B 273 -17.50 4.20 -15.30
CA LYS B 273 -17.27 3.69 -16.64
C LYS B 273 -18.55 3.15 -17.28
N ALA B 274 -19.64 3.08 -16.56
CA ALA B 274 -20.87 2.46 -17.07
C ALA B 274 -21.84 3.59 -17.48
N TRP B 275 -23.08 3.61 -16.98
CA TRP B 275 -24.10 4.55 -17.46
C TRP B 275 -23.62 6.00 -17.36
N SER B 276 -22.98 6.36 -16.24
CA SER B 276 -22.55 7.75 -16.04
C SER B 276 -21.68 8.26 -17.19
N PHE B 277 -20.76 7.44 -17.68
CA PHE B 277 -19.86 7.87 -18.74
C PHE B 277 -20.63 8.22 -20.01
N ASN B 278 -21.67 7.45 -20.34
CA ASN B 278 -22.47 7.74 -21.51
C ASN B 278 -23.42 8.92 -21.30
N ILE B 279 -23.73 9.22 -20.05
CA ILE B 279 -24.50 10.41 -19.75
C ILE B 279 -23.68 11.66 -19.99
N ASN B 280 -22.38 11.60 -19.69
CA ASN B 280 -21.55 12.82 -19.62
C ASN B 280 -20.50 13.00 -20.71
N ARG B 281 -20.06 11.96 -21.41
CA ARG B 281 -18.97 12.11 -22.37
C ARG B 281 -19.38 13.01 -23.53
N VAL B 282 -18.39 13.70 -24.11
CA VAL B 282 -18.62 14.60 -25.23
C VAL B 282 -18.06 13.98 -26.50
N ALA B 283 -18.63 14.37 -27.62
CA ALA B 283 -18.15 13.86 -28.90
C ALA B 283 -17.01 14.72 -29.38
N THR B 284 -16.12 14.11 -30.15
CA THR B 284 -15.02 14.87 -30.73
C THR B 284 -15.55 16.04 -31.54
N GLN B 285 -16.69 15.87 -32.19
CA GLN B 285 -17.26 16.97 -32.97
C GLN B 285 -17.66 18.13 -32.06
N ALA B 286 -18.19 17.83 -30.87
CA ALA B 286 -18.58 18.89 -29.95
C ALA B 286 -17.37 19.69 -29.46
N VAL B 287 -16.29 19.00 -29.08
CA VAL B 287 -15.07 19.72 -28.72
C VAL B 287 -14.63 20.63 -29.86
N GLU B 288 -14.64 20.13 -31.10
CA GLU B 288 -14.19 20.93 -32.23
C GLU B 288 -14.98 22.21 -32.39
N ASP B 289 -16.31 22.12 -32.21
CA ASP B 289 -17.13 23.32 -32.35
C ASP B 289 -16.85 24.32 -31.24
N VAL B 290 -16.80 23.84 -29.99
CA VAL B 290 -16.52 24.73 -28.86
C VAL B 290 -15.22 25.48 -29.09
N LEU B 291 -14.15 24.76 -29.45
CA LEU B 291 -12.87 25.39 -29.72
C LEU B 291 -12.98 26.39 -30.87
N ASN B 292 -13.63 25.97 -31.96
CA ASN B 292 -13.80 26.87 -33.09
C ASN B 292 -14.57 28.12 -32.70
N ILE B 293 -15.63 27.97 -31.91
CA ILE B 293 -16.36 29.14 -31.44
C ILE B 293 -15.43 30.06 -30.65
N ALA B 294 -14.65 29.50 -29.73
CA ALA B 294 -13.78 30.32 -28.89
C ALA B 294 -12.67 31.00 -29.69
N LYS B 295 -11.99 30.26 -30.57
CA LYS B 295 -10.93 30.85 -31.39
C LYS B 295 -11.50 31.93 -32.28
N ARG B 296 -12.75 31.76 -32.71
CA ARG B 296 -13.45 32.77 -33.50
C ARG B 296 -13.80 33.96 -32.64
N GLN B 297 -14.07 33.73 -31.36
CA GLN B 297 -14.32 34.80 -30.42
C GLN B 297 -13.05 35.59 -30.16
N GLY B 298 -11.88 35.00 -30.46
CA GLY B 298 -10.59 35.64 -30.32
C GLY B 298 -9.84 35.76 -31.63
N ASN B 299 -9.04 34.75 -31.95
CA ASN B 299 -8.19 34.74 -33.15
C ASN B 299 -8.44 33.53 -34.03
N ARG B 306 -7.39 20.62 -36.16
CA ARG B 306 -6.25 19.71 -35.99
C ARG B 306 -6.66 18.36 -35.35
N GLU B 307 -5.67 17.60 -34.90
CA GLU B 307 -5.89 16.42 -34.08
C GLU B 307 -5.55 16.66 -32.62
N LEU B 308 -5.24 17.91 -32.26
CA LEU B 308 -5.33 18.39 -30.89
C LEU B 308 -6.75 18.21 -30.34
N VAL B 309 -7.74 18.15 -31.23
CA VAL B 309 -9.10 17.97 -30.80
C VAL B 309 -9.28 16.57 -30.21
N GLU B 310 -8.61 15.59 -30.79
CA GLU B 310 -8.68 14.24 -30.23
C GLU B 310 -8.03 14.18 -28.85
N LYS B 311 -7.02 15.01 -28.61
CA LYS B 311 -6.38 14.96 -27.30
C LYS B 311 -7.21 15.67 -26.23
N VAL B 312 -7.83 16.80 -26.59
CA VAL B 312 -8.69 17.51 -25.64
C VAL B 312 -9.91 16.69 -25.27
N THR B 313 -10.54 16.05 -26.27
CA THR B 313 -11.72 15.21 -26.02
C THR B 313 -11.40 14.06 -25.07
N ASN B 314 -10.33 13.32 -25.35
CA ASN B 314 -9.99 12.17 -24.52
C ASN B 314 -9.60 12.60 -23.12
N GLU B 315 -8.84 13.69 -23.02
CA GLU B 315 -8.48 14.16 -21.68
C GLU B 315 -9.73 14.55 -20.89
N TYR B 316 -10.67 15.25 -21.54
CA TYR B 316 -11.92 15.57 -20.85
C TYR B 316 -12.72 14.31 -20.52
N ASN B 317 -12.98 13.46 -21.52
CA ASN B 317 -13.76 12.26 -21.22
C ASN B 317 -13.08 11.37 -20.18
N GLU B 318 -11.75 11.34 -20.13
CA GLU B 318 -11.09 10.59 -19.07
C GLU B 318 -11.41 11.20 -17.70
N SER B 319 -11.51 12.53 -17.61
CA SER B 319 -11.79 13.14 -16.32
C SER B 319 -13.14 12.73 -15.75
N LEU B 320 -14.00 12.09 -16.55
CA LEU B 320 -15.24 11.53 -16.03
C LEU B 320 -15.04 10.23 -15.26
N LEU B 321 -13.85 9.63 -15.32
CA LEU B 321 -13.59 8.31 -14.76
C LEU B 321 -12.71 8.44 -13.53
N TYR B 322 -13.07 7.75 -12.46
CA TYR B 322 -12.27 7.84 -11.25
C TYR B 322 -12.17 6.48 -10.59
N SER B 323 -11.25 6.40 -9.64
CA SER B 323 -10.82 5.14 -9.05
C SER B 323 -11.97 4.44 -8.33
N PRO B 324 -12.16 3.15 -8.55
CA PRO B 324 -13.22 2.45 -7.81
C PRO B 324 -12.96 2.38 -6.34
N GLU B 325 -11.79 2.86 -5.90
CA GLU B 325 -11.42 2.94 -4.49
C GLU B 325 -11.78 4.28 -3.87
N GLU B 326 -12.16 5.27 -4.65
CA GLU B 326 -12.41 6.60 -4.11
C GLU B 326 -13.78 6.64 -3.45
N PRO B 327 -13.86 6.96 -2.16
CA PRO B 327 -15.16 6.93 -1.48
C PRO B 327 -15.94 8.21 -1.76
N LYS B 328 -16.22 8.46 -3.04
CA LYS B 328 -16.95 9.64 -3.48
C LYS B 328 -18.00 9.22 -4.51
N ILE B 329 -19.11 9.94 -4.50
CA ILE B 329 -20.23 9.73 -5.43
C ILE B 329 -20.13 10.77 -6.54
N LEU B 330 -20.12 10.32 -7.79
CA LEU B 330 -20.25 11.22 -8.94
C LEU B 330 -21.73 11.39 -9.25
N PHE B 331 -22.27 12.57 -8.96
CA PHE B 331 -23.70 12.82 -9.06
C PHE B 331 -24.00 13.56 -10.36
N SER B 332 -24.77 12.94 -11.25
CA SER B 332 -25.13 13.53 -12.53
C SER B 332 -26.61 13.84 -12.59
N ILE B 333 -26.96 15.05 -12.99
CA ILE B 333 -28.35 15.37 -13.33
C ILE B 333 -28.51 15.13 -14.82
N ARG B 334 -29.39 14.22 -15.18
CA ARG B 334 -29.51 13.76 -16.56
C ARG B 334 -30.51 14.64 -17.31
N GLU B 335 -29.99 15.44 -18.24
CA GLU B 335 -30.81 16.28 -19.11
C GLU B 335 -31.71 17.22 -18.31
N PRO B 336 -31.16 18.12 -17.51
CA PRO B 336 -32.02 19.04 -16.76
C PRO B 336 -32.78 19.99 -17.66
N ILE B 337 -33.96 20.39 -17.20
CA ILE B 337 -34.82 21.32 -17.93
C ILE B 337 -34.65 22.70 -17.33
N ALA B 338 -34.11 23.62 -18.12
CA ALA B 338 -33.81 24.98 -17.64
C ALA B 338 -35.05 25.66 -17.10
N ASN B 339 -34.96 26.17 -15.87
CA ASN B 339 -36.10 26.67 -15.11
C ASN B 339 -36.76 27.92 -15.72
N SER B 345 -28.73 24.23 -11.63
CA SER B 345 -27.48 24.97 -11.74
C SER B 345 -26.33 24.09 -12.23
N ARG B 346 -25.72 23.34 -11.31
CA ARG B 346 -24.55 22.52 -11.64
C ARG B 346 -25.02 21.14 -12.05
N GLN B 347 -24.65 20.72 -13.28
CA GLN B 347 -25.19 19.46 -13.79
C GLN B 347 -24.47 18.24 -13.23
N ARG B 348 -23.27 18.38 -12.68
CA ARG B 348 -22.50 17.21 -12.26
C ARG B 348 -21.46 17.58 -11.19
N CYS B 349 -21.33 16.75 -10.16
CA CYS B 349 -20.40 17.06 -9.08
C CYS B 349 -20.00 15.79 -8.36
N PHE B 350 -18.86 15.85 -7.68
CA PHE B 350 -18.48 14.79 -6.75
C PHE B 350 -19.02 15.15 -5.38
N SER B 351 -19.36 14.13 -4.60
CA SER B 351 -19.90 14.40 -3.27
C SER B 351 -19.81 13.14 -2.42
N SER B 352 -19.94 13.33 -1.10
CA SER B 352 -19.98 12.22 -0.14
C SER B 352 -21.39 11.78 0.21
N LYS B 353 -22.36 12.67 0.11
CA LYS B 353 -23.74 12.40 0.52
C LYS B 353 -24.63 13.15 -0.45
N VAL B 354 -25.68 12.47 -0.92
CA VAL B 354 -26.70 13.07 -1.78
C VAL B 354 -28.08 12.69 -1.23
N CYS B 355 -28.97 13.68 -1.08
CA CYS B 355 -30.32 13.42 -0.61
C CYS B 355 -31.35 13.92 -1.59
N VAL B 356 -32.27 13.03 -1.98
CA VAL B 356 -33.35 13.40 -2.88
C VAL B 356 -34.67 13.26 -2.14
N ARG B 357 -35.46 14.33 -2.20
CA ARG B 357 -36.85 14.32 -1.79
C ARG B 357 -37.68 14.17 -3.07
N SER B 358 -38.40 13.05 -3.19
CA SER B 358 -39.17 12.79 -4.39
C SER B 358 -40.41 13.68 -4.51
N ARG B 359 -40.69 14.14 -5.73
CA ARG B 359 -41.93 14.82 -6.07
C ARG B 359 -42.55 14.17 -7.30
N CYS B 360 -42.40 12.87 -7.43
CA CYS B 360 -42.80 12.17 -8.63
C CYS B 360 -44.06 11.34 -8.42
N TRP B 361 -44.74 11.07 -9.53
CA TRP B 361 -45.99 10.34 -9.43
C TRP B 361 -45.72 8.84 -9.38
N ASP B 362 -44.88 8.33 -10.28
CA ASP B 362 -44.69 6.90 -10.33
C ASP B 362 -43.22 6.65 -10.70
N ALA B 363 -42.34 7.00 -9.78
CA ALA B 363 -40.89 6.94 -9.98
C ALA B 363 -40.27 5.85 -9.11
N CYS B 364 -39.00 5.58 -9.37
CA CYS B 364 -38.34 4.48 -8.68
C CYS B 364 -36.83 4.73 -8.65
N MSE B 365 -36.18 4.17 -7.62
CA MSE B 365 -34.72 4.10 -7.60
C MSE B 365 -34.28 2.75 -8.05
O MSE B 365 -34.72 1.75 -7.47
CB MSE B 365 -34.14 4.33 -6.21
CG MSE B 365 -34.49 5.66 -5.65
SE MSE B 365 -33.67 5.95 -3.94
CE MSE B 365 -34.61 4.56 -2.91
N VAL B 366 -33.43 2.69 -9.08
CA VAL B 366 -32.99 1.43 -9.67
C VAL B 366 -31.52 1.27 -9.38
N VAL B 367 -31.15 0.22 -8.64
CA VAL B 367 -29.78 -0.02 -8.21
C VAL B 367 -29.08 -0.99 -9.17
N ASP B 368 -28.00 -0.54 -9.81
CA ASP B 368 -27.17 -1.42 -10.67
C ASP B 368 -28.03 -2.14 -11.72
N GLY B 369 -29.14 -1.50 -12.11
CA GLY B 369 -30.02 -2.02 -13.14
C GLY B 369 -30.90 -3.16 -12.72
N GLY B 370 -30.85 -3.60 -11.46
CA GLY B 370 -31.55 -4.83 -11.15
C GLY B 370 -32.54 -4.83 -10.00
N THR B 371 -32.32 -4.01 -8.99
CA THR B 371 -33.21 -3.95 -7.84
C THR B 371 -33.90 -2.60 -7.87
N SER B 372 -35.23 -2.62 -7.78
CA SER B 372 -36.03 -1.42 -7.92
C SER B 372 -36.74 -1.10 -6.62
N PHE B 373 -36.75 0.18 -6.27
CA PHE B 373 -37.48 0.66 -5.10
C PHE B 373 -38.41 1.77 -5.55
N GLU B 374 -39.67 1.66 -5.14
CA GLU B 374 -40.63 2.72 -5.31
C GLU B 374 -40.12 4.01 -4.68
N PHE B 375 -40.34 5.15 -5.36
CA PHE B 375 -39.79 6.41 -4.85
C PHE B 375 -40.72 7.56 -5.25
N ASN B 376 -41.87 7.66 -4.57
CA ASN B 376 -42.89 8.63 -4.91
C ASN B 376 -43.03 9.72 -3.86
N ASP B 377 -43.77 10.78 -4.23
CA ASP B 377 -43.84 12.04 -3.50
C ASP B 377 -43.88 11.82 -1.99
N GLY B 378 -42.99 12.51 -1.29
CA GLY B 378 -42.89 12.40 0.14
C GLY B 378 -41.90 11.37 0.62
N ALA B 379 -41.31 10.59 -0.28
CA ALA B 379 -40.21 9.73 0.08
C ALA B 379 -38.92 10.52 0.05
N ILE B 380 -38.03 10.25 1.00
CA ILE B 380 -36.74 10.90 1.05
C ILE B 380 -35.68 9.83 1.04
N ALA B 381 -34.71 9.96 0.14
CA ALA B 381 -33.62 8.98 0.04
C ALA B 381 -32.30 9.67 0.28
N SER B 382 -31.39 8.98 0.98
CA SER B 382 -30.08 9.51 1.31
C SER B 382 -29.06 8.46 0.88
N MSE B 383 -28.06 8.88 0.10
CA MSE B 383 -27.00 7.97 -0.31
C MSE B 383 -25.68 8.48 0.20
O MSE B 383 -25.40 9.67 0.17
CB MSE B 383 -26.90 7.77 -1.82
CG MSE B 383 -28.01 8.27 -2.65
SE MSE B 383 -29.74 7.51 -2.44
CE MSE B 383 -30.62 9.19 -2.82
N MSE B 384 -24.88 7.55 0.71
CA MSE B 384 -23.56 7.85 1.16
C MSE B 384 -22.73 6.61 0.94
O MSE B 384 -23.23 5.60 0.48
CB MSE B 384 -23.56 8.25 2.63
CG MSE B 384 -24.24 7.26 3.51
SE MSE B 384 -25.53 8.07 4.69
CE MSE B 384 -26.72 8.76 3.34
N ILE B 385 -21.46 6.69 1.27
CA ILE B 385 -20.52 5.60 1.08
C ILE B 385 -19.91 5.27 2.43
N ASN B 386 -19.96 3.99 2.78
CA ASN B 386 -19.53 3.46 4.06
C ASN B 386 -18.49 2.36 3.81
N LYS B 387 -17.40 2.37 4.59
CA LYS B 387 -16.34 1.37 4.40
C LYS B 387 -16.87 -0.07 4.53
N GLU B 388 -17.85 -0.31 5.42
CA GLU B 388 -18.43 -1.63 5.55
C GLU B 388 -18.96 -2.19 4.23
N ASP B 389 -19.25 -1.33 3.26
CA ASP B 389 -19.90 -1.77 2.03
C ASP B 389 -18.92 -2.08 0.91
N GLU B 390 -17.61 -1.93 1.15
CA GLU B 390 -16.64 -2.17 0.09
C GLU B 390 -16.75 -3.61 -0.41
N LEU B 391 -16.56 -3.79 -1.71
CA LEU B 391 -16.65 -5.10 -2.32
C LEU B 391 -15.23 -5.58 -2.60
N ARG B 392 -14.93 -6.78 -2.08
CA ARG B 392 -13.60 -7.34 -2.18
C ARG B 392 -13.45 -8.06 -3.51
N THR B 393 -12.77 -7.42 -4.42
CA THR B 393 -12.52 -7.97 -5.74
C THR B 393 -11.02 -8.08 -5.94
N VAL B 394 -10.62 -8.66 -7.08
CA VAL B 394 -9.22 -8.92 -7.36
C VAL B 394 -8.86 -8.33 -8.71
N LEU B 395 -7.57 -8.03 -8.86
CA LEU B 395 -6.98 -7.64 -10.13
C LEU B 395 -5.89 -8.64 -10.45
N LEU B 396 -6.00 -9.25 -11.62
CA LEU B 396 -5.09 -10.23 -12.17
C LEU B 396 -4.35 -9.61 -13.35
N GLU B 397 -3.11 -10.02 -13.58
CA GLU B 397 -2.30 -9.46 -14.67
C GLU B 397 -2.94 -9.69 -16.03
N CYS C 14 28.75 12.07 34.44
CA CYS C 14 27.87 11.19 33.66
C CYS C 14 28.46 9.80 33.47
N GLY C 15 27.59 8.84 33.17
CA GLY C 15 28.04 7.51 32.83
C GLY C 15 28.27 6.68 34.07
N SER C 16 28.88 5.53 33.86
CA SER C 16 29.31 4.68 34.97
C SER C 16 30.51 3.86 34.51
N ARG C 17 31.53 3.75 35.36
CA ARG C 17 32.76 3.09 34.93
C ARG C 17 32.52 1.61 34.65
N ALA C 18 33.23 1.13 33.64
CA ALA C 18 33.04 -0.25 33.20
C ALA C 18 33.40 -1.23 34.32
N ASP C 19 32.52 -2.21 34.55
CA ASP C 19 32.82 -3.26 35.53
C ASP C 19 34.03 -4.06 35.10
N GLY C 20 34.07 -4.46 33.83
CA GLY C 20 35.22 -5.15 33.31
C GLY C 20 35.65 -4.56 31.98
N GLY C 21 36.51 -5.26 31.26
CA GLY C 21 37.00 -4.74 30.00
C GLY C 21 35.99 -4.85 28.87
N PHE C 22 36.24 -4.07 27.82
CA PHE C 22 35.52 -4.21 26.56
C PHE C 22 36.47 -4.92 25.59
N ARG C 23 36.19 -6.21 25.34
CA ARG C 23 37.09 -7.08 24.59
C ARG C 23 36.25 -7.90 23.62
N PRO C 24 35.79 -7.29 22.54
CA PRO C 24 34.89 -8.01 21.63
C PRO C 24 35.62 -8.98 20.72
N SER C 25 34.88 -10.00 20.27
CA SER C 25 35.45 -10.95 19.32
C SER C 25 35.28 -10.49 17.87
N ARG C 26 34.11 -9.95 17.53
CA ARG C 26 33.79 -9.60 16.17
C ARG C 26 33.28 -8.16 16.16
N VAL C 27 33.85 -7.34 15.31
CA VAL C 27 33.44 -5.95 15.19
C VAL C 27 33.14 -5.67 13.73
N VAL C 28 31.98 -5.03 13.48
CA VAL C 28 31.67 -4.46 12.16
C VAL C 28 32.05 -3.00 12.19
N VAL C 29 32.78 -2.55 11.17
CA VAL C 29 33.09 -1.15 10.96
C VAL C 29 32.18 -0.63 9.85
N VAL C 30 31.35 0.37 10.16
CA VAL C 30 30.53 1.09 9.19
C VAL C 30 31.28 2.34 8.80
N ALA C 31 31.58 2.49 7.52
CA ALA C 31 32.44 3.57 7.06
C ALA C 31 31.65 4.56 6.24
N LYS C 32 31.87 5.85 6.51
CA LYS C 32 31.30 6.91 5.71
C LYS C 32 31.67 6.73 4.25
N THR C 33 30.75 7.11 3.37
CA THR C 33 31.02 7.17 1.94
C THR C 33 31.46 8.58 1.59
N THR C 34 32.72 8.72 1.17
CA THR C 34 33.25 10.03 0.84
C THR C 34 32.55 10.62 -0.38
N ARG C 35 32.63 11.94 -0.50
CA ARG C 35 32.11 12.58 -1.70
C ARG C 35 32.86 12.09 -2.93
N TYR C 36 34.16 11.85 -2.78
CA TYR C 36 34.92 11.26 -3.87
C TYR C 36 34.36 9.90 -4.26
N GLU C 37 33.94 9.10 -3.27
CA GLU C 37 33.44 7.76 -3.58
C GLU C 37 32.08 7.79 -4.28
N PHE C 38 31.26 8.81 -4.01
CA PHE C 38 29.95 8.89 -4.65
C PHE C 38 30.09 8.99 -6.16
N GLU C 39 31.17 9.58 -6.64
CA GLU C 39 31.37 9.66 -8.08
C GLU C 39 31.70 8.29 -8.65
N GLN C 40 32.47 7.49 -7.91
CA GLN C 40 32.87 6.19 -8.42
C GLN C 40 31.65 5.30 -8.61
N GLN C 41 30.59 5.55 -7.85
CA GLN C 41 29.34 4.82 -7.98
C GLN C 41 28.60 5.42 -9.16
N ARG C 42 28.96 4.95 -10.35
CA ARG C 42 28.34 5.39 -11.60
C ARG C 42 26.93 4.82 -11.75
N GLN C 55 41.86 10.25 -14.71
CA GLN C 55 41.85 9.90 -13.30
C GLN C 55 41.58 11.14 -12.45
N LEU C 56 41.08 12.19 -13.09
CA LEU C 56 40.82 13.47 -12.43
C LEU C 56 39.95 14.37 -13.30
N LEU C 57 38.65 14.40 -13.06
CA LEU C 57 37.72 15.28 -13.77
C LEU C 57 37.50 16.49 -12.87
N ALA C 58 38.38 17.49 -13.02
CA ALA C 58 38.40 18.67 -12.15
C ALA C 58 37.65 19.86 -12.74
N LEU C 59 37.23 19.79 -13.99
CA LEU C 59 36.61 20.96 -14.64
C LEU C 59 35.21 21.28 -14.11
N LYS C 60 34.73 20.64 -13.04
CA LYS C 60 33.40 20.91 -12.51
C LYS C 60 33.38 22.17 -11.64
N GLY C 61 33.90 22.10 -10.43
CA GLY C 61 33.91 23.26 -9.56
C GLY C 61 34.34 22.89 -8.16
N SER C 62 34.06 23.81 -7.22
CA SER C 62 34.42 23.66 -5.80
C SER C 62 35.92 23.35 -5.72
N SER C 63 36.34 22.30 -5.02
CA SER C 63 37.76 21.94 -4.93
C SER C 63 37.91 20.48 -5.35
N TYR C 64 38.32 20.27 -6.60
CA TYR C 64 38.39 18.90 -7.12
C TYR C 64 39.59 18.15 -6.55
N SER C 65 40.77 18.76 -6.60
CA SER C 65 41.94 18.14 -5.99
C SER C 65 41.77 17.96 -4.49
N GLY C 66 41.22 18.98 -3.80
CA GLY C 66 41.08 18.93 -2.35
C GLY C 66 40.04 17.93 -1.87
N LEU C 67 39.01 17.68 -2.68
CA LEU C 67 38.02 16.67 -2.33
C LEU C 67 38.64 15.28 -2.33
N LEU C 68 39.60 15.05 -3.24
CA LEU C 68 40.37 13.82 -3.25
C LEU C 68 41.20 13.68 -1.99
N GLU C 69 41.75 14.80 -1.50
CA GLU C 69 42.56 14.75 -0.28
C GLU C 69 41.71 14.32 0.91
N ARG C 70 40.50 14.90 1.04
CA ARG C 70 39.61 14.48 2.12
C ARG C 70 39.28 13.01 2.00
N HIS C 71 39.31 12.47 0.78
CA HIS C 71 39.08 11.03 0.62
C HIS C 71 40.27 10.21 1.12
N HIS C 72 41.49 10.67 0.83
CA HIS C 72 42.68 9.98 1.33
C HIS C 72 42.74 10.04 2.85
N ILE C 73 42.47 11.21 3.42
CA ILE C 73 42.46 11.36 4.87
C ILE C 73 41.50 10.35 5.51
N HIS C 74 40.26 10.32 5.03
CA HIS C 74 39.28 9.38 5.59
C HIS C 74 39.72 7.94 5.42
N THR C 75 40.05 7.53 4.20
CA THR C 75 40.41 6.15 3.94
C THR C 75 41.65 5.75 4.75
N LYS C 76 42.62 6.65 4.85
CA LYS C 76 43.79 6.40 5.68
C LYS C 76 43.41 6.16 7.14
N ASN C 77 42.41 6.90 7.66
CA ASN C 77 42.02 6.71 9.06
C ASN C 77 41.18 5.45 9.26
N VAL C 78 40.45 5.00 8.24
CA VAL C 78 39.73 3.73 8.36
C VAL C 78 40.72 2.56 8.39
N GLU C 79 41.80 2.65 7.59
CA GLU C 79 42.84 1.62 7.62
C GLU C 79 43.48 1.52 8.99
N HIS C 80 43.79 2.67 9.60
CA HIS C 80 44.36 2.69 10.94
C HIS C 80 43.41 2.04 11.95
N ILE C 81 42.11 2.30 11.83
CA ILE C 81 41.15 1.67 12.73
C ILE C 81 41.12 0.16 12.49
N ILE C 82 41.08 -0.26 11.23
CA ILE C 82 40.94 -1.68 10.93
C ILE C 82 42.20 -2.46 11.35
N ASP C 83 43.38 -1.91 11.06
CA ASP C 83 44.60 -2.57 11.49
C ASP C 83 44.69 -2.65 13.01
N SER C 84 44.28 -1.60 13.71
CA SER C 84 44.36 -1.63 15.16
C SER C 84 43.51 -2.75 15.74
N LEU C 85 42.26 -2.88 15.25
CA LEU C 85 41.40 -3.98 15.66
C LEU C 85 42.04 -5.34 15.39
N ARG C 86 42.52 -5.53 14.16
CA ARG C 86 43.04 -6.84 13.79
C ARG C 86 44.31 -7.16 14.56
N ASN C 87 45.14 -6.15 14.85
CA ASN C 87 46.37 -6.39 15.61
C ASN C 87 46.08 -6.91 17.00
N GLU C 88 44.96 -6.49 17.58
CA GLU C 88 44.56 -7.02 18.87
C GLU C 88 44.05 -8.43 18.73
N GLY C 89 43.48 -8.76 17.59
CA GLY C 89 42.89 -10.06 17.37
C GLY C 89 41.40 -10.03 17.20
N ILE C 90 40.82 -8.87 16.97
CA ILE C 90 39.39 -8.76 16.73
C ILE C 90 39.13 -9.06 15.26
N GLU C 91 38.20 -9.98 15.00
CA GLU C 91 37.73 -10.21 13.63
C GLU C 91 36.85 -9.03 13.20
N VAL C 92 37.11 -8.51 12.01
CA VAL C 92 36.51 -7.25 11.56
C VAL C 92 35.91 -7.41 10.17
N ARG C 93 34.71 -6.89 9.98
CA ARG C 93 34.08 -6.76 8.67
C ARG C 93 33.91 -5.28 8.36
N LEU C 94 34.39 -4.85 7.20
CA LEU C 94 34.22 -3.48 6.75
C LEU C 94 33.04 -3.39 5.80
N VAL C 95 32.12 -2.48 6.10
CA VAL C 95 30.92 -2.31 5.30
C VAL C 95 30.69 -0.81 5.10
N LYS C 96 30.09 -0.47 3.96
CA LYS C 96 29.57 0.87 3.75
C LYS C 96 28.05 0.85 3.88
N ARG C 97 27.44 2.03 3.81
CA ARG C 97 26.00 2.13 4.08
C ARG C 97 25.20 1.10 3.29
N ARG C 98 25.57 0.87 2.02
CA ARG C 98 24.77 0.01 1.16
C ARG C 98 24.70 -1.42 1.66
N GLU C 99 25.74 -1.88 2.37
CA GLU C 99 25.84 -3.26 2.86
C GLU C 99 25.62 -3.39 4.37
N TYR C 100 25.28 -2.31 5.07
CA TYR C 100 25.15 -2.38 6.53
C TYR C 100 23.72 -2.79 6.84
N ASP C 101 23.52 -4.08 7.08
CA ASP C 101 22.20 -4.63 7.35
C ASP C 101 22.16 -5.26 8.73
N GLU C 102 20.97 -5.77 9.07
CA GLU C 102 20.79 -6.35 10.40
C GLU C 102 21.59 -7.63 10.56
N GLU C 103 21.71 -8.42 9.49
CA GLU C 103 22.47 -9.66 9.54
C GLU C 103 23.91 -9.39 9.95
N THR C 104 24.48 -8.29 9.44
CA THR C 104 25.83 -7.90 9.83
C THR C 104 25.89 -7.46 11.29
N VAL C 105 24.89 -6.72 11.76
CA VAL C 105 24.88 -6.26 13.15
C VAL C 105 24.77 -7.45 14.10
N ARG C 106 23.99 -8.47 13.74
CA ARG C 106 23.80 -9.64 14.59
C ARG C 106 25.08 -10.46 14.73
N TRP C 107 25.86 -10.56 13.66
CA TRP C 107 27.15 -11.26 13.67
C TRP C 107 28.14 -10.58 14.59
N ALA C 108 28.05 -9.26 14.70
CA ALA C 108 29.03 -8.47 15.42
C ALA C 108 28.72 -8.46 16.92
N ASP C 109 29.78 -8.33 17.71
CA ASP C 109 29.64 -8.04 19.13
C ASP C 109 29.51 -6.55 19.41
N ALA C 110 30.03 -5.70 18.54
CA ALA C 110 29.95 -4.25 18.67
C ALA C 110 30.12 -3.66 17.29
N VAL C 111 29.53 -2.48 17.10
CA VAL C 111 29.59 -1.78 15.84
C VAL C 111 30.48 -0.57 16.04
N ILE C 112 31.32 -0.29 15.05
CA ILE C 112 32.18 0.89 15.07
C ILE C 112 31.88 1.74 13.84
N ALA C 113 31.50 2.99 14.07
CA ALA C 113 31.25 3.96 13.02
C ALA C 113 32.54 4.70 12.67
N ALA C 114 32.90 4.68 11.39
CA ALA C 114 34.10 5.33 10.90
C ALA C 114 33.67 6.46 10.00
N GLY C 115 33.68 7.68 10.53
CA GLY C 115 33.31 8.83 9.77
C GLY C 115 32.99 9.99 10.68
N GLY C 116 31.72 10.37 10.74
CA GLY C 116 31.33 11.46 11.61
C GLY C 116 30.04 11.17 12.34
N ASP C 117 29.41 12.21 12.86
CA ASP C 117 28.16 12.02 13.59
C ASP C 117 27.10 11.39 12.71
N GLY C 118 27.11 11.68 11.41
CA GLY C 118 26.15 11.05 10.52
C GLY C 118 26.34 9.55 10.45
N THR C 119 27.60 9.11 10.50
CA THR C 119 27.85 7.68 10.43
C THR C 119 27.50 7.02 11.76
N MSE C 120 27.59 7.76 12.87
CA MSE C 120 27.19 7.20 14.16
C MSE C 120 25.69 6.99 14.13
O MSE C 120 25.18 5.94 14.54
CB MSE C 120 27.58 8.13 15.29
CG MSE C 120 28.80 7.68 16.08
SE MSE C 120 28.38 6.24 17.33
CE MSE C 120 27.04 7.12 18.41
N LEU C 121 24.98 7.99 13.60
CA LEU C 121 23.54 7.88 13.45
C LEU C 121 23.15 6.73 12.55
N LEU C 122 23.94 6.49 11.49
CA LEU C 122 23.76 5.33 10.63
C LEU C 122 24.01 4.05 11.39
N ALA C 123 25.14 3.96 12.09
CA ALA C 123 25.46 2.74 12.84
C ALA C 123 24.35 2.42 13.82
N ALA C 124 23.90 3.44 14.56
CA ALA C 124 22.90 3.25 15.60
C ALA C 124 21.51 2.94 15.07
N SER C 125 21.20 3.29 13.83
CA SER C 125 19.86 3.06 13.34
C SER C 125 19.52 1.58 13.28
N LYS C 126 20.53 0.70 13.24
CA LYS C 126 20.33 -0.72 13.04
C LYS C 126 20.66 -1.57 14.25
N VAL C 127 21.04 -0.97 15.37
CA VAL C 127 21.28 -1.66 16.63
C VAL C 127 20.12 -1.37 17.56
N LEU C 128 19.39 -2.41 17.94
CA LEU C 128 18.23 -2.25 18.81
C LEU C 128 18.43 -2.87 20.19
N ASP C 129 19.58 -3.50 20.43
CA ASP C 129 19.90 -4.21 21.66
C ASP C 129 20.66 -3.26 22.58
N ARG C 130 20.12 -3.00 23.77
CA ARG C 130 20.79 -2.02 24.63
C ARG C 130 22.10 -2.52 25.19
N LEU C 131 22.52 -3.76 24.91
CA LEU C 131 23.80 -4.27 25.41
C LEU C 131 24.92 -4.23 24.38
N LYS C 132 24.62 -3.95 23.12
CA LYS C 132 25.64 -3.98 22.08
C LYS C 132 26.29 -2.61 21.95
N PRO C 133 27.59 -2.47 22.25
CA PRO C 133 28.22 -1.15 22.16
C PRO C 133 28.34 -0.65 20.72
N VAL C 134 28.18 0.66 20.57
CA VAL C 134 28.36 1.34 19.30
C VAL C 134 29.35 2.46 19.52
N ILE C 135 30.48 2.41 18.81
CA ILE C 135 31.61 3.30 19.09
C ILE C 135 31.83 4.08 17.82
N GLY C 136 32.03 5.39 17.96
CA GLY C 136 32.25 6.29 16.82
C GLY C 136 33.67 6.84 16.82
N VAL C 137 34.28 6.85 15.64
CA VAL C 137 35.64 7.36 15.44
C VAL C 137 35.60 8.40 14.33
N ASN C 138 36.05 9.61 14.62
CA ASN C 138 36.06 10.73 13.67
C ASN C 138 37.17 10.55 12.65
N THR C 139 36.85 10.08 11.45
CA THR C 139 37.88 9.78 10.46
C THR C 139 38.34 11.00 9.67
N ASP C 140 37.93 12.20 10.07
CA ASP C 140 38.39 13.44 9.43
C ASP C 140 38.28 14.56 10.44
N PRO C 141 39.19 14.60 11.41
CA PRO C 141 38.97 15.47 12.57
C PRO C 141 38.89 16.94 12.25
N GLU C 142 39.78 17.46 11.41
CA GLU C 142 39.83 18.91 11.25
C GLU C 142 38.72 19.47 10.36
N ARG C 143 37.80 18.64 9.87
CA ARG C 143 36.72 19.17 9.05
C ARG C 143 35.32 18.80 9.54
N SER C 144 35.17 17.67 10.21
CA SER C 144 33.83 17.24 10.61
C SER C 144 33.82 16.80 12.06
N GLU C 145 34.31 17.67 12.95
CA GLU C 145 34.38 17.40 14.37
C GLU C 145 33.04 16.92 14.90
N GLY C 146 33.03 15.71 15.46
CA GLY C 146 31.82 14.99 15.78
C GLY C 146 31.60 14.59 17.23
N HIS C 147 30.59 15.21 17.84
CA HIS C 147 30.30 15.07 19.25
C HIS C 147 29.85 13.68 19.65
N LEU C 148 29.60 12.78 18.71
CA LEU C 148 29.21 11.42 19.06
C LEU C 148 30.38 10.46 18.93
N CYS C 149 31.55 10.95 18.53
CA CYS C 149 32.71 10.10 18.32
C CYS C 149 33.69 10.29 19.47
N LEU C 150 34.67 9.38 19.54
CA LEU C 150 35.77 9.49 20.49
C LEU C 150 36.50 10.81 20.27
N PRO C 151 37.18 11.32 21.29
CA PRO C 151 37.98 12.54 21.10
C PRO C 151 38.97 12.36 19.95
N VAL C 152 39.21 13.45 19.22
CA VAL C 152 40.01 13.38 17.99
C VAL C 152 41.39 12.79 18.25
N ARG C 153 41.90 12.91 19.48
CA ARG C 153 43.20 12.34 19.82
C ARG C 153 43.26 10.84 19.50
N TYR C 154 42.16 10.12 19.73
CA TYR C 154 42.12 8.68 19.53
C TYR C 154 41.90 8.28 18.08
N THR C 155 41.78 9.21 17.15
CA THR C 155 41.70 8.81 15.76
C THR C 155 43.06 8.40 15.24
N HIS C 156 44.09 9.19 15.54
CA HIS C 156 45.44 8.82 15.14
C HIS C 156 46.10 7.91 16.16
N SER C 157 45.53 7.80 17.37
CA SER C 157 46.06 6.96 18.43
C SER C 157 45.03 5.94 18.84
N PHE C 158 44.45 5.25 17.86
CA PHE C 158 43.36 4.35 18.16
C PHE C 158 43.82 3.08 18.89
N PRO C 159 45.01 2.52 18.64
CA PRO C 159 45.49 1.44 19.52
C PRO C 159 45.42 1.79 20.99
N GLU C 160 45.68 3.04 21.33
CA GLU C 160 45.54 3.48 22.71
C GLU C 160 44.09 3.41 23.19
N ALA C 161 43.12 3.68 22.32
CA ALA C 161 41.73 3.52 22.75
C ALA C 161 41.39 2.05 22.97
N LEU C 162 41.82 1.18 22.06
CA LEU C 162 41.57 -0.26 22.21
C LEU C 162 42.17 -0.78 23.50
N GLN C 163 43.34 -0.25 23.87
CA GLN C 163 43.96 -0.59 25.13
C GLN C 163 43.11 -0.13 26.32
N LYS C 164 42.67 1.12 26.34
CA LYS C 164 41.84 1.58 27.46
C LYS C 164 40.53 0.81 27.53
N PHE C 165 39.93 0.51 26.37
CA PHE C 165 38.76 -0.36 26.37
C PHE C 165 39.09 -1.71 26.98
N TYR C 166 40.27 -2.26 26.68
CA TYR C 166 40.66 -3.54 27.25
C TYR C 166 40.83 -3.44 28.76
N ARG C 167 41.55 -2.42 29.25
CA ARG C 167 41.70 -2.37 30.71
C ARG C 167 40.42 -1.99 31.39
N GLY C 168 39.45 -1.44 30.67
CA GLY C 168 38.33 -0.82 31.32
C GLY C 168 38.53 0.62 31.75
N GLU C 169 39.49 1.35 31.16
CA GLU C 169 39.65 2.78 31.47
C GLU C 169 38.70 3.60 30.59
N PHE C 170 37.42 3.50 30.92
CA PHE C 170 36.40 4.27 30.19
C PHE C 170 35.10 4.10 30.95
N ARG C 171 34.11 4.87 30.55
CA ARG C 171 32.77 4.77 31.11
C ARG C 171 31.81 4.32 30.02
N TRP C 172 30.89 3.42 30.37
CA TRP C 172 29.74 3.18 29.51
C TRP C 172 28.76 4.34 29.67
N LEU C 173 28.17 4.76 28.55
CA LEU C 173 27.11 5.77 28.54
C LEU C 173 25.95 5.21 27.75
N TRP C 174 24.83 4.99 28.42
CA TRP C 174 23.61 4.56 27.76
C TRP C 174 22.84 5.81 27.38
N ARG C 175 22.73 6.06 26.08
CA ARG C 175 21.99 7.22 25.57
C ARG C 175 20.54 6.84 25.36
N GLN C 176 19.62 7.62 25.94
CA GLN C 176 18.21 7.40 25.70
C GLN C 176 17.91 7.65 24.23
N ARG C 177 16.97 6.87 23.68
CA ARG C 177 16.49 7.06 22.32
C ARG C 177 14.96 7.03 22.29
N ILE C 178 14.38 7.58 21.21
CA ILE C 178 12.93 7.70 21.07
C ILE C 178 12.41 6.57 20.18
N ARG C 179 11.37 5.89 20.64
CA ARG C 179 10.68 4.88 19.86
C ARG C 179 9.36 5.44 19.32
N LEU C 180 8.96 4.97 18.13
CA LEU C 180 7.86 5.55 17.38
C LEU C 180 6.83 4.48 17.06
N TYR C 181 5.57 4.75 17.40
CA TYR C 181 4.45 3.89 17.02
C TYR C 181 3.64 4.63 15.97
N LEU C 182 3.09 3.88 15.02
CA LEU C 182 2.31 4.47 13.93
C LEU C 182 1.01 3.71 13.83
N GLU C 183 -0.10 4.44 13.76
CA GLU C 183 -1.42 3.85 13.56
C GLU C 183 -2.25 4.80 12.70
N GLY C 184 -3.46 4.37 12.41
CA GLY C 184 -4.40 5.18 11.68
C GLY C 184 -4.75 4.55 10.35
N THR C 185 -5.36 5.36 9.49
CA THR C 185 -5.79 4.90 8.18
C THR C 185 -4.77 5.35 7.13
N GLY C 186 -4.58 4.50 6.13
CA GLY C 186 -3.67 4.79 5.04
C GLY C 186 -2.22 4.97 5.47
N ILE C 187 -1.81 4.28 6.52
CA ILE C 187 -0.45 4.45 7.00
C ILE C 187 0.49 3.60 6.17
N ASN C 188 1.78 3.92 6.25
CA ASN C 188 2.82 3.20 5.53
C ASN C 188 4.04 3.12 6.43
N PRO C 189 4.23 2.00 7.14
CA PRO C 189 5.34 1.92 8.09
C PRO C 189 6.64 1.56 7.43
N VAL C 190 6.65 1.42 6.10
CA VAL C 190 7.87 1.04 5.41
C VAL C 190 8.76 2.27 5.28
N PRO C 191 10.02 2.20 5.73
CA PRO C 191 10.88 3.38 5.73
C PRO C 191 11.53 3.61 4.38
N VAL C 192 11.99 4.85 4.22
CA VAL C 192 12.78 5.25 3.06
C VAL C 192 14.10 5.77 3.60
N ASP C 193 15.21 5.21 3.12
CA ASP C 193 16.51 5.76 3.47
C ASP C 193 16.73 6.97 2.58
N LEU C 194 16.85 8.15 3.20
CA LEU C 194 17.03 9.36 2.42
C LEU C 194 18.42 9.45 1.80
N HIS C 195 19.43 8.83 2.42
CA HIS C 195 20.78 8.85 1.85
C HIS C 195 20.94 7.93 0.64
N GLU C 196 19.90 7.19 0.25
CA GLU C 196 19.97 6.31 -0.92
C GLU C 196 18.88 6.66 -1.94
N GLN C 197 18.29 7.84 -1.84
CA GLN C 197 17.21 8.23 -2.75
C GLN C 197 17.67 9.29 -3.75
N ALA C 220 -6.57 1.62 7.73
CA ALA C 220 -6.90 1.05 9.04
C ALA C 220 -5.83 0.08 9.49
N SER C 221 -5.29 0.30 10.69
CA SER C 221 -4.17 -0.48 11.20
C SER C 221 -3.95 -0.19 12.68
N GLY C 222 -3.81 -1.22 13.50
CA GLY C 222 -3.46 -1.02 14.89
C GLY C 222 -2.05 -0.46 15.03
N PRO C 223 -1.67 -0.05 16.24
CA PRO C 223 -0.36 0.59 16.41
C PRO C 223 0.77 -0.34 15.99
N GLN C 224 1.75 0.24 15.31
CA GLN C 224 2.82 -0.48 14.65
C GLN C 224 4.13 0.14 15.13
N LEU C 225 4.97 -0.66 15.77
CA LEU C 225 6.27 -0.18 16.22
C LEU C 225 7.19 -0.03 15.01
N LEU C 226 7.64 1.20 14.76
CA LEU C 226 8.48 1.45 13.59
C LEU C 226 9.90 0.91 13.85
N PRO C 227 10.59 0.48 12.78
CA PRO C 227 11.85 -0.28 12.96
C PRO C 227 13.07 0.53 13.39
N VAL C 228 13.00 1.86 13.54
CA VAL C 228 14.16 2.60 14.01
C VAL C 228 13.82 3.35 15.29
N ARG C 229 14.87 3.71 16.01
CA ARG C 229 14.76 4.56 17.18
C ARG C 229 15.54 5.83 16.90
N ALA C 230 15.14 6.90 17.55
CA ALA C 230 15.77 8.19 17.32
C ALA C 230 16.83 8.41 18.38
N LEU C 231 18.09 8.54 17.94
CA LEU C 231 19.18 8.95 18.83
C LEU C 231 19.25 10.48 18.94
N ASN C 232 19.06 11.19 17.83
CA ASN C 232 18.97 12.66 17.89
C ASN C 232 17.52 13.09 18.11
N GLU C 233 16.70 12.99 17.08
CA GLU C 233 15.34 13.51 17.19
C GLU C 233 14.47 12.90 16.13
N VAL C 234 13.16 13.01 16.36
CA VAL C 234 12.15 12.82 15.33
C VAL C 234 11.71 14.20 14.85
N PHE C 235 11.83 14.44 13.56
CA PHE C 235 11.30 15.63 12.93
C PHE C 235 10.03 15.28 12.17
N ILE C 236 8.97 16.06 12.41
CA ILE C 236 7.64 15.83 11.84
C ILE C 236 7.25 17.10 11.09
N GLY C 237 6.98 16.99 9.80
CA GLY C 237 6.57 18.16 9.04
C GLY C 237 6.42 17.82 7.57
N GLU C 238 5.97 18.81 6.81
CA GLU C 238 5.78 18.63 5.38
C GLU C 238 7.11 18.36 4.70
N SER C 239 7.10 17.46 3.72
CA SER C 239 8.28 17.16 2.91
C SER C 239 8.90 18.43 2.36
N LEU C 240 8.10 19.24 1.67
CA LEU C 240 8.60 20.41 0.95
C LEU C 240 8.83 21.58 1.92
N SER C 241 10.02 22.17 1.84
CA SER C 241 10.45 23.06 2.92
C SER C 241 9.67 24.37 2.99
N SER C 242 9.01 24.82 1.93
CA SER C 242 8.32 26.10 2.04
C SER C 242 6.89 25.98 2.52
N ARG C 243 6.35 24.78 2.61
CA ARG C 243 4.98 24.57 3.02
C ARG C 243 4.86 24.56 4.54
N ALA C 244 3.81 25.17 5.07
CA ALA C 244 3.54 25.07 6.49
C ALA C 244 2.95 23.71 6.80
N SER C 245 3.09 23.27 8.06
CA SER C 245 2.56 21.97 8.45
C SER C 245 1.38 22.16 9.39
N TYR C 246 0.43 21.23 9.28
CA TYR C 246 -0.81 21.26 10.05
C TYR C 246 -1.02 19.90 10.72
N TYR C 247 -1.19 19.92 12.03
CA TYR C 247 -1.36 18.71 12.85
C TYR C 247 -2.00 19.08 14.18
N GLU C 248 -2.49 18.06 14.87
CA GLU C 248 -2.95 18.17 16.25
C GLU C 248 -1.93 17.48 17.16
N ILE C 249 -1.67 18.08 18.31
CA ILE C 249 -0.58 17.66 19.18
C ILE C 249 -1.09 17.36 20.58
N SER C 250 -0.56 16.31 21.18
CA SER C 250 -0.93 15.93 22.54
C SER C 250 0.32 15.54 23.33
N VAL C 251 0.61 16.31 24.37
CA VAL C 251 1.78 16.07 25.19
C VAL C 251 1.36 15.39 26.49
N ASP C 252 2.07 14.33 26.86
CA ASP C 252 1.85 13.62 28.12
C ASP C 252 0.37 13.35 28.37
N ASP C 253 -0.31 12.87 27.33
CA ASP C 253 -1.73 12.50 27.39
C ASP C 253 -2.63 13.71 27.66
N GLY C 254 -2.22 14.89 27.25
CA GLY C 254 -3.07 16.03 27.35
C GLY C 254 -4.04 16.08 26.19
N PRO C 255 -4.87 17.12 26.17
CA PRO C 255 -5.84 17.25 25.08
C PRO C 255 -5.18 17.56 23.75
N TRP C 256 -5.85 17.20 22.66
CA TRP C 256 -5.30 17.49 21.34
C TRP C 256 -5.39 18.98 21.06
N GLU C 257 -4.24 19.60 20.77
CA GLU C 257 -4.18 21.01 20.42
C GLU C 257 -3.87 21.15 18.93
N LYS C 258 -4.67 21.96 18.25
CA LYS C 258 -4.41 22.29 16.86
C LYS C 258 -3.16 23.17 16.72
N GLN C 259 -2.32 22.85 15.74
CA GLN C 259 -1.09 23.61 15.59
C GLN C 259 -0.75 23.73 14.11
N LYS C 260 -0.27 24.91 13.74
CA LYS C 260 0.22 25.20 12.40
C LYS C 260 1.62 25.75 12.56
N SER C 261 2.61 25.09 11.98
CA SER C 261 3.99 25.55 12.11
C SER C 261 4.82 24.98 10.99
N SER C 262 6.13 25.25 11.04
CA SER C 262 7.08 24.66 10.11
C SER C 262 7.66 23.36 10.62
N GLY C 263 6.88 22.55 11.33
CA GLY C 263 7.33 21.26 11.78
C GLY C 263 7.49 21.19 13.29
N LEU C 264 7.72 19.96 13.74
CA LEU C 264 7.98 19.64 15.13
C LEU C 264 9.33 18.95 15.21
N ASN C 265 10.08 19.29 16.24
CA ASN C 265 11.34 18.60 16.53
C ASN C 265 11.22 17.96 17.90
N LEU C 266 11.34 16.64 17.98
CA LEU C 266 11.24 15.88 19.22
C LEU C 266 12.55 15.14 19.43
N CYS C 267 13.40 15.67 20.31
CA CYS C 267 14.78 15.23 20.46
C CYS C 267 15.03 14.64 21.85
N THR C 268 16.18 13.96 21.94
CA THR C 268 16.72 13.43 23.18
C THR C 268 17.80 14.37 23.74
N GLY C 269 18.34 14.02 24.90
CA GLY C 269 19.51 14.71 25.40
C GLY C 269 20.67 14.66 24.42
N THR C 270 20.89 13.50 23.79
CA THR C 270 21.89 13.47 22.74
C THR C 270 21.52 14.43 21.63
N GLY C 271 20.25 14.46 21.24
CA GLY C 271 19.80 15.31 20.15
C GLY C 271 19.64 16.77 20.51
N SER C 272 19.72 17.11 21.81
CA SER C 272 19.51 18.50 22.21
C SER C 272 20.63 19.40 21.73
N LYS C 273 21.80 18.85 21.44
CA LYS C 273 22.93 19.60 20.90
C LYS C 273 22.84 19.77 19.39
N ALA C 274 21.89 19.12 18.76
CA ALA C 274 21.85 19.02 17.29
C ALA C 274 20.77 20.01 16.77
N TRP C 275 19.81 19.57 15.96
CA TRP C 275 18.88 20.49 15.33
C TRP C 275 18.15 21.33 16.38
N SER C 276 17.69 20.71 17.47
CA SER C 276 17.00 21.44 18.52
C SER C 276 17.81 22.66 19.00
N PHE C 277 19.13 22.52 19.09
CA PHE C 277 19.94 23.64 19.55
C PHE C 277 19.83 24.82 18.58
N ASN C 278 19.88 24.56 17.28
CA ASN C 278 19.79 25.63 16.32
C ASN C 278 18.36 26.15 16.12
N ILE C 279 17.37 25.33 16.45
CA ILE C 279 16.00 25.79 16.45
C ILE C 279 15.78 26.78 17.58
N ASN C 280 16.43 26.55 18.72
CA ASN C 280 16.07 27.27 19.94
C ASN C 280 17.09 28.32 20.41
N ARG C 281 18.33 28.27 19.94
CA ARG C 281 19.31 29.22 20.42
C ARG C 281 18.95 30.64 20.02
N VAL C 282 19.40 31.59 20.84
CA VAL C 282 19.32 33.02 20.57
C VAL C 282 20.70 33.50 20.17
N ALA C 283 20.71 34.55 19.34
CA ALA C 283 21.95 35.18 18.91
C ALA C 283 22.37 36.26 19.91
N THR C 284 23.67 36.51 19.98
CA THR C 284 24.14 37.56 20.88
C THR C 284 23.51 38.91 20.54
N GLN C 285 23.26 39.20 19.27
CA GLN C 285 22.60 40.46 18.96
C GLN C 285 21.20 40.49 19.55
N ALA C 286 20.49 39.37 19.49
CA ALA C 286 19.16 39.35 20.07
C ALA C 286 19.24 39.56 21.58
N VAL C 287 20.16 38.86 22.25
CA VAL C 287 20.36 39.08 23.68
C VAL C 287 20.73 40.54 23.97
N GLU C 288 21.62 41.11 23.16
CA GLU C 288 22.02 42.48 23.41
C GLU C 288 20.82 43.43 23.31
N ASP C 289 19.94 43.20 22.33
CA ASP C 289 18.77 44.06 22.20
C ASP C 289 17.85 43.90 23.40
N VAL C 290 17.56 42.66 23.76
CA VAL C 290 16.67 42.40 24.90
C VAL C 290 17.18 43.13 26.13
N LEU C 291 18.46 42.98 26.44
CA LEU C 291 19.02 43.61 27.62
C LEU C 291 18.97 45.13 27.52
N ASN C 292 19.36 45.69 26.37
CA ASN C 292 19.32 47.15 26.22
C ASN C 292 17.92 47.71 26.43
N ILE C 293 16.92 47.07 25.82
CA ILE C 293 15.53 47.49 26.01
C ILE C 293 15.16 47.42 27.49
N ALA C 294 15.55 46.33 28.16
CA ALA C 294 15.20 46.18 29.56
C ALA C 294 15.83 47.28 30.40
N LYS C 295 17.10 47.58 30.16
CA LYS C 295 17.77 48.62 30.93
C LYS C 295 17.13 49.98 30.70
N ARG C 296 16.64 50.24 29.49
CA ARG C 296 15.99 51.52 29.25
C ARG C 296 14.54 51.57 29.78
N GLN C 297 13.76 50.50 29.61
CA GLN C 297 12.41 50.52 30.15
C GLN C 297 12.33 50.31 31.66
N GLY C 298 13.34 49.72 32.29
CA GLY C 298 13.24 49.50 33.72
C GLY C 298 14.24 50.30 34.51
N ASN C 299 14.99 51.19 33.84
CA ASN C 299 16.08 51.94 34.47
C ASN C 299 16.99 51.02 35.27
N LEU C 300 17.22 49.82 34.75
CA LEU C 300 17.85 48.77 35.54
C LEU C 300 19.25 49.13 36.00
N SER C 301 19.92 50.05 35.30
CA SER C 301 21.28 50.50 35.65
C SER C 301 22.24 49.32 35.76
N LEU C 302 21.84 48.15 35.28
CA LEU C 302 22.73 47.01 35.18
C LEU C 302 23.73 47.24 34.04
N PRO C 303 25.02 46.99 34.26
CA PRO C 303 26.02 47.37 33.25
C PRO C 303 26.10 46.37 32.12
N LEU C 304 26.31 46.89 30.91
CA LEU C 304 26.33 46.08 29.70
C LEU C 304 27.62 46.30 28.93
N ASN C 305 28.06 45.26 28.23
CA ASN C 305 29.29 45.27 27.45
C ASN C 305 29.30 43.98 26.63
N ARG C 306 30.18 43.92 25.64
CA ARG C 306 30.10 42.79 24.74
C ARG C 306 30.39 41.49 25.47
N GLU C 307 31.34 41.54 26.41
CA GLU C 307 31.72 40.36 27.18
C GLU C 307 30.54 39.82 27.98
N LEU C 308 29.80 40.70 28.65
CA LEU C 308 28.64 40.26 29.41
C LEU C 308 27.53 39.76 28.49
N VAL C 309 27.36 40.37 27.32
CA VAL C 309 26.33 39.88 26.40
C VAL C 309 26.66 38.47 25.94
N GLU C 310 27.94 38.20 25.63
CA GLU C 310 28.34 36.86 25.24
C GLU C 310 28.15 35.88 26.38
N LYS C 311 28.23 36.37 27.61
CA LYS C 311 28.15 35.45 28.74
C LYS C 311 26.71 35.07 29.03
N VAL C 312 25.79 36.03 28.89
CA VAL C 312 24.36 35.75 29.00
C VAL C 312 23.89 34.83 27.88
N THR C 313 24.33 35.12 26.64
CA THR C 313 23.94 34.29 25.51
C THR C 313 24.37 32.84 25.71
N ASN C 314 25.63 32.62 26.09
CA ASN C 314 26.12 31.26 26.28
C ASN C 314 25.40 30.54 27.42
N GLU C 315 25.12 31.24 28.52
CA GLU C 315 24.39 30.58 29.60
C GLU C 315 22.98 30.21 29.18
N TYR C 316 22.28 31.10 28.47
CA TYR C 316 20.94 30.76 28.03
C TYR C 316 20.99 29.59 27.04
N ASN C 317 21.84 29.70 26.04
CA ASN C 317 21.92 28.63 25.04
C ASN C 317 22.28 27.29 25.67
N GLU C 318 23.07 27.30 26.73
CA GLU C 318 23.40 26.08 27.46
C GLU C 318 22.18 25.46 28.12
N SER C 319 21.24 26.28 28.62
CA SER C 319 20.04 25.72 29.23
C SER C 319 19.18 24.92 28.24
N LEU C 320 19.43 25.02 26.93
CA LEU C 320 18.74 24.20 25.95
C LEU C 320 19.24 22.76 25.92
N LEU C 321 20.35 22.48 26.59
CA LEU C 321 21.01 21.17 26.52
C LEU C 321 20.73 20.40 27.79
N TYR C 322 20.47 19.11 27.64
CA TYR C 322 20.21 18.30 28.80
C TYR C 322 20.85 16.93 28.57
N SER C 323 20.92 16.16 29.65
CA SER C 323 21.74 14.96 29.69
C SER C 323 21.22 13.91 28.72
N PRO C 324 22.12 13.23 27.99
CA PRO C 324 21.68 12.12 27.13
C PRO C 324 21.14 10.94 27.90
N GLU C 325 21.24 10.94 29.23
CA GLU C 325 20.67 9.86 30.02
C GLU C 325 19.26 10.14 30.50
N GLU C 326 18.77 11.35 30.34
CA GLU C 326 17.48 11.73 30.91
C GLU C 326 16.36 11.20 30.03
N PRO C 327 15.45 10.40 30.55
CA PRO C 327 14.41 9.80 29.70
C PRO C 327 13.24 10.74 29.45
N LYS C 328 13.55 11.89 28.85
CA LYS C 328 12.53 12.89 28.55
C LYS C 328 12.71 13.33 27.10
N ILE C 329 11.61 13.74 26.46
CA ILE C 329 11.62 14.26 25.10
C ILE C 329 11.57 15.77 25.18
N LEU C 330 12.54 16.44 24.58
CA LEU C 330 12.49 17.89 24.45
C LEU C 330 11.75 18.20 23.16
N PHE C 331 10.53 18.72 23.31
CA PHE C 331 9.60 18.96 22.21
C PHE C 331 9.61 20.45 21.84
N SER C 332 10.01 20.76 20.61
CA SER C 332 10.05 22.14 20.11
C SER C 332 9.09 22.26 18.96
N ILE C 333 8.23 23.28 18.99
CA ILE C 333 7.43 23.65 17.81
C ILE C 333 8.19 24.69 17.00
N ARG C 334 8.50 24.32 15.76
CA ARG C 334 9.42 25.07 14.91
C ARG C 334 8.67 26.18 14.16
N GLU C 335 8.93 27.45 14.55
CA GLU C 335 8.30 28.58 13.88
C GLU C 335 6.77 28.53 13.89
N PRO C 336 6.15 28.52 15.07
CA PRO C 336 4.69 28.43 15.12
C PRO C 336 4.01 29.65 14.53
N ILE C 337 2.86 29.42 13.88
CA ILE C 337 1.99 30.46 13.34
C ILE C 337 0.78 30.54 14.29
N ARG C 346 5.38 27.58 26.08
CA ARG C 346 4.35 26.94 25.26
C ARG C 346 4.86 26.62 23.86
N GLN C 347 6.05 27.11 23.51
CA GLN C 347 6.69 26.74 22.26
C GLN C 347 7.61 25.53 22.40
N ARG C 348 8.01 25.18 23.61
CA ARG C 348 9.01 24.15 23.84
C ARG C 348 8.81 23.63 25.26
N CYS C 349 8.84 22.31 25.42
CA CYS C 349 8.66 21.76 26.76
C CYS C 349 9.20 20.34 26.79
N PHE C 350 9.47 19.88 28.00
CA PHE C 350 9.89 18.51 28.24
C PHE C 350 8.66 17.63 28.38
N SER C 351 8.84 16.35 28.08
CA SER C 351 7.71 15.45 28.13
C SER C 351 8.19 14.01 28.18
N SER C 352 7.27 13.14 28.54
CA SER C 352 7.49 11.71 28.50
C SER C 352 6.88 11.06 27.26
N LYS C 353 5.83 11.65 26.72
CA LYS C 353 5.06 11.09 25.61
C LYS C 353 4.51 12.23 24.78
N VAL C 354 4.63 12.13 23.46
CA VAL C 354 4.05 13.10 22.52
C VAL C 354 3.30 12.33 21.45
N CYS C 355 2.08 12.76 21.15
CA CYS C 355 1.29 12.15 20.09
C CYS C 355 0.88 13.19 19.07
N VAL C 356 1.15 12.93 17.80
CA VAL C 356 0.82 13.85 16.73
C VAL C 356 -0.18 13.17 15.80
N ARG C 357 -1.29 13.86 15.53
CA ARG C 357 -2.25 13.46 14.49
C ARG C 357 -1.97 14.31 13.25
N SER C 358 -1.57 13.67 12.16
CA SER C 358 -1.23 14.44 10.97
C SER C 358 -2.46 15.00 10.32
N ARG C 359 -2.34 16.25 9.90
CA ARG C 359 -3.33 16.94 9.09
C ARG C 359 -2.68 17.52 7.84
N CYS C 360 -1.64 16.86 7.34
CA CYS C 360 -0.83 17.34 6.23
C CYS C 360 -1.11 16.56 4.96
N TRP C 361 -0.75 17.20 3.85
CA TRP C 361 -1.01 16.66 2.52
C TRP C 361 0.09 15.69 2.10
N ASP C 362 1.36 16.05 2.32
CA ASP C 362 2.49 15.23 1.92
C ASP C 362 3.60 15.40 2.98
N ALA C 363 3.35 14.85 4.16
CA ALA C 363 4.26 15.02 5.28
C ALA C 363 4.93 13.70 5.61
N CYS C 364 5.95 13.79 6.44
CA CYS C 364 6.75 12.62 6.73
C CYS C 364 7.38 12.81 8.10
N MSE C 365 7.63 11.69 8.78
CA MSE C 365 8.44 11.71 9.98
C MSE C 365 9.83 11.27 9.64
O MSE C 365 10.02 10.19 9.09
CB MSE C 365 7.88 10.80 11.03
CG MSE C 365 6.61 11.27 11.63
SE MSE C 365 6.15 9.87 12.85
CE MSE C 365 5.83 8.43 11.56
N VAL C 366 10.80 12.12 9.99
CA VAL C 366 12.20 11.88 9.63
C VAL C 366 12.98 11.62 10.91
N VAL C 367 13.53 10.43 11.03
CA VAL C 367 14.28 10.00 12.21
C VAL C 367 15.76 10.25 11.93
N ASP C 368 16.39 11.08 12.76
CA ASP C 368 17.84 11.32 12.70
C ASP C 368 18.32 11.70 11.31
N GLY C 369 17.46 12.34 10.53
CA GLY C 369 17.89 12.84 9.25
C GLY C 369 18.07 11.82 8.16
N GLY C 370 17.81 10.54 8.41
CA GLY C 370 18.10 9.53 7.42
C GLY C 370 16.99 8.57 7.07
N THR C 371 16.12 8.27 8.01
CA THR C 371 15.03 7.34 7.79
C THR C 371 13.74 8.15 7.80
N SER C 372 12.95 8.01 6.73
CA SER C 372 11.75 8.81 6.53
C SER C 372 10.53 7.91 6.51
N PHE C 373 9.45 8.37 7.15
CA PHE C 373 8.17 7.68 7.17
C PHE C 373 7.07 8.62 6.72
N GLU C 374 6.28 8.14 5.78
CA GLU C 374 5.10 8.88 5.34
C GLU C 374 4.19 9.17 6.54
N PHE C 375 3.64 10.39 6.57
CA PHE C 375 2.85 10.82 7.73
C PHE C 375 1.73 11.75 7.23
N ASN C 376 0.74 11.17 6.57
CA ASN C 376 -0.28 11.98 5.93
C ASN C 376 -1.56 11.94 6.75
N ASP C 377 -2.48 12.81 6.37
CA ASP C 377 -3.68 13.10 7.15
C ASP C 377 -4.30 11.83 7.71
N GLY C 378 -4.56 11.82 9.01
CA GLY C 378 -5.20 10.68 9.63
C GLY C 378 -4.26 9.62 10.16
N ALA C 379 -2.98 9.74 9.90
CA ALA C 379 -2.01 8.88 10.57
C ALA C 379 -1.78 9.42 11.97
N ILE C 380 -1.58 8.55 12.93
CA ILE C 380 -1.27 8.98 14.28
C ILE C 380 0.04 8.34 14.70
N ALA C 381 0.94 9.15 15.24
CA ALA C 381 2.24 8.71 15.69
C ALA C 381 2.40 9.04 17.16
N SER C 382 3.09 8.18 17.89
CA SER C 382 3.28 8.34 19.32
C SER C 382 4.75 8.13 19.65
N MSE C 383 5.35 9.12 20.33
CA MSE C 383 6.77 9.05 20.70
C MSE C 383 6.91 8.90 22.17
O MSE C 383 6.27 9.60 22.94
CB MSE C 383 7.59 10.29 20.31
CG MSE C 383 7.13 11.09 19.16
SE MSE C 383 6.84 10.08 17.57
CE MSE C 383 5.20 11.04 17.12
N MSE C 384 7.82 8.01 22.57
CA MSE C 384 8.14 7.86 23.96
C MSE C 384 9.54 7.30 24.12
O MSE C 384 10.24 7.04 23.14
CB MSE C 384 7.15 6.97 24.66
CG MSE C 384 7.03 5.62 24.02
SE MSE C 384 5.27 4.89 24.36
CE MSE C 384 4.20 6.27 23.48
N ILE C 385 9.92 7.12 25.37
CA ILE C 385 11.26 6.64 25.68
C ILE C 385 11.14 5.35 26.45
N ASN C 386 11.80 4.30 25.96
CA ASN C 386 11.73 2.96 26.52
C ASN C 386 13.14 2.47 26.81
N LYS C 387 13.32 1.88 28.00
CA LYS C 387 14.65 1.43 28.44
C LYS C 387 15.28 0.46 27.45
N GLU C 388 14.47 -0.42 26.85
CA GLU C 388 14.99 -1.34 25.85
C GLU C 388 15.74 -0.65 24.72
N ASP C 389 15.56 0.66 24.53
CA ASP C 389 16.07 1.38 23.37
C ASP C 389 17.37 2.11 23.62
N GLU C 390 17.94 2.03 24.83
CA GLU C 390 19.17 2.75 25.13
C GLU C 390 20.28 2.30 24.22
N LEU C 391 21.15 3.24 23.85
CA LEU C 391 22.29 2.96 22.98
C LEU C 391 23.55 2.88 23.83
N ARG C 392 24.24 1.75 23.76
CA ARG C 392 25.41 1.56 24.60
C ARG C 392 26.61 2.23 23.94
N THR C 393 27.00 3.39 24.43
CA THR C 393 28.14 4.12 23.90
C THR C 393 29.20 4.24 24.99
N VAL C 394 30.34 4.83 24.64
CA VAL C 394 31.46 4.92 25.57
C VAL C 394 31.91 6.37 25.68
N LEU C 395 32.51 6.66 26.82
CA LEU C 395 33.21 7.92 27.06
C LEU C 395 34.66 7.61 27.38
N LEU C 396 35.56 8.17 26.58
CA LEU C 396 36.99 8.04 26.78
C LEU C 396 37.52 9.40 27.23
N GLU C 397 38.49 9.38 28.14
CA GLU C 397 39.02 10.61 28.72
C GLU C 397 39.70 11.50 27.67
N CYS D 14 25.20 -13.40 -59.09
CA CYS D 14 24.52 -14.14 -58.05
C CYS D 14 23.00 -13.93 -58.12
N GLY D 15 22.24 -14.85 -57.52
CA GLY D 15 20.81 -14.65 -57.36
C GLY D 15 19.96 -15.11 -58.54
N SER D 16 18.68 -14.74 -58.44
CA SER D 16 17.69 -14.99 -59.48
C SER D 16 16.61 -13.91 -59.39
N ARG D 17 16.16 -13.42 -60.55
CA ARG D 17 15.20 -12.32 -60.62
C ARG D 17 13.83 -12.76 -60.09
N ALA D 18 13.13 -11.82 -59.45
CA ALA D 18 11.85 -12.08 -58.79
C ALA D 18 10.76 -12.47 -59.79
N ASP D 19 10.00 -13.53 -59.47
CA ASP D 19 8.93 -14.00 -60.35
C ASP D 19 7.78 -12.99 -60.44
N GLY D 20 7.32 -12.49 -59.30
CA GLY D 20 6.27 -11.49 -59.29
C GLY D 20 6.57 -10.33 -58.37
N GLY D 21 5.56 -9.51 -58.07
CA GLY D 21 5.79 -8.37 -57.20
C GLY D 21 5.90 -8.76 -55.74
N PHE D 22 6.55 -7.90 -54.97
CA PHE D 22 6.63 -8.01 -53.52
C PHE D 22 5.79 -6.90 -52.89
N ARG D 23 4.67 -7.24 -52.28
CA ARG D 23 3.72 -6.26 -51.76
C ARG D 23 3.30 -6.64 -50.34
N PRO D 24 4.15 -6.38 -49.35
CA PRO D 24 3.81 -6.75 -47.98
C PRO D 24 2.85 -5.75 -47.35
N SER D 25 2.05 -6.23 -46.41
CA SER D 25 1.14 -5.36 -45.67
C SER D 25 1.78 -4.78 -44.42
N ARG D 26 2.55 -5.58 -43.69
CA ARG D 26 3.11 -5.19 -42.41
C ARG D 26 4.60 -5.48 -42.39
N VAL D 27 5.39 -4.49 -41.97
CA VAL D 27 6.84 -4.60 -41.91
C VAL D 27 7.30 -4.19 -40.52
N VAL D 28 8.22 -4.95 -39.92
CA VAL D 28 8.87 -4.57 -38.68
C VAL D 28 10.18 -3.87 -39.00
N VAL D 29 10.41 -2.72 -38.38
CA VAL D 29 11.68 -2.02 -38.45
C VAL D 29 12.39 -2.18 -37.12
N VAL D 30 13.51 -2.89 -37.13
CA VAL D 30 14.43 -2.94 -35.99
C VAL D 30 15.62 -2.06 -36.31
N ALA D 31 15.91 -1.13 -35.42
CA ALA D 31 16.87 -0.07 -35.67
C ALA D 31 18.16 -0.27 -34.89
N LYS D 32 19.27 0.11 -35.52
CA LYS D 32 20.55 0.22 -34.85
C LYS D 32 20.42 1.02 -33.56
N THR D 33 21.24 0.68 -32.58
CA THR D 33 21.35 1.47 -31.36
C THR D 33 22.48 2.46 -31.53
N THR D 34 22.16 3.75 -31.55
CA THR D 34 23.23 4.71 -31.75
C THR D 34 24.16 4.70 -30.53
N ARG D 35 25.39 5.15 -30.76
CA ARG D 35 26.33 5.32 -29.66
C ARG D 35 25.78 6.30 -28.63
N TYR D 36 25.08 7.33 -29.09
CA TYR D 36 24.36 8.22 -28.18
C TYR D 36 23.31 7.46 -27.40
N GLU D 37 22.58 6.56 -28.06
CA GLU D 37 21.49 5.86 -27.39
C GLU D 37 22.01 4.85 -26.36
N PHE D 38 23.21 4.29 -26.57
CA PHE D 38 23.77 3.42 -25.52
C PHE D 38 23.93 4.16 -24.21
N GLU D 39 24.16 5.48 -24.26
CA GLU D 39 24.36 6.24 -23.04
C GLU D 39 23.05 6.41 -22.26
N GLN D 40 21.93 6.63 -22.98
CA GLN D 40 20.66 6.93 -22.33
C GLN D 40 20.11 5.76 -21.51
N GLN D 41 20.45 4.52 -21.86
CA GLN D 41 19.90 3.37 -21.16
C GLN D 41 20.64 3.13 -19.85
N ARG D 42 19.88 3.03 -18.76
CA ARG D 42 20.44 2.85 -17.43
C ARG D 42 19.81 1.67 -16.71
N SER D 63 34.65 12.03 -28.73
CA SER D 63 34.03 13.19 -29.37
C SER D 63 32.56 13.28 -28.95
N TYR D 64 32.23 14.27 -28.12
CA TYR D 64 30.91 14.31 -27.49
C TYR D 64 29.87 14.93 -28.41
N SER D 65 30.16 16.12 -28.95
CA SER D 65 29.26 16.75 -29.91
C SER D 65 29.11 15.90 -31.17
N GLY D 66 30.22 15.31 -31.65
CA GLY D 66 30.17 14.55 -32.88
C GLY D 66 29.37 13.27 -32.75
N LEU D 67 29.29 12.72 -31.54
CA LEU D 67 28.48 11.54 -31.30
C LEU D 67 26.99 11.86 -31.45
N LEU D 68 26.57 13.07 -31.05
CA LEU D 68 25.18 13.48 -31.24
C LEU D 68 24.83 13.61 -32.72
N GLU D 69 25.79 14.06 -33.53
CA GLU D 69 25.55 14.16 -34.97
C GLU D 69 25.26 12.78 -35.57
N ARG D 70 26.10 11.79 -35.25
CA ARG D 70 25.90 10.44 -35.77
C ARG D 70 24.54 9.88 -35.39
N HIS D 71 24.02 10.28 -34.22
CA HIS D 71 22.67 9.87 -33.83
C HIS D 71 21.61 10.61 -34.62
N HIS D 72 21.81 11.92 -34.87
CA HIS D 72 20.84 12.70 -35.62
C HIS D 72 20.72 12.19 -37.05
N ILE D 73 21.85 12.01 -37.73
CA ILE D 73 21.83 11.49 -39.10
C ILE D 73 21.13 10.14 -39.13
N HIS D 74 21.50 9.24 -38.20
CA HIS D 74 20.91 7.92 -38.15
C HIS D 74 19.40 7.99 -37.93
N THR D 75 18.97 8.74 -36.91
CA THR D 75 17.54 8.86 -36.61
C THR D 75 16.78 9.54 -37.74
N LYS D 76 17.43 10.48 -38.44
CA LYS D 76 16.79 11.15 -39.57
C LYS D 76 16.39 10.16 -40.66
N ASN D 77 17.27 9.21 -40.98
CA ASN D 77 16.97 8.24 -42.03
C ASN D 77 15.98 7.18 -41.56
N VAL D 78 15.93 6.88 -40.26
CA VAL D 78 14.97 5.89 -39.75
C VAL D 78 13.55 6.41 -39.89
N GLU D 79 13.32 7.67 -39.52
CA GLU D 79 11.98 8.24 -39.69
C GLU D 79 11.61 8.31 -41.17
N HIS D 80 12.56 8.70 -42.02
CA HIS D 80 12.31 8.76 -43.45
C HIS D 80 11.86 7.40 -43.98
N ILE D 81 12.50 6.33 -43.51
CA ILE D 81 12.11 4.97 -43.86
C ILE D 81 10.69 4.69 -43.37
N ILE D 82 10.37 5.16 -42.16
CA ILE D 82 9.07 4.88 -41.57
C ILE D 82 7.95 5.60 -42.31
N ASP D 83 8.14 6.89 -42.62
CA ASP D 83 7.15 7.61 -43.42
C ASP D 83 7.01 7.02 -44.82
N SER D 84 8.13 6.55 -45.40
CA SER D 84 8.11 6.03 -46.77
C SER D 84 7.17 4.83 -46.91
N LEU D 85 7.30 3.84 -46.02
CA LEU D 85 6.39 2.69 -46.03
C LEU D 85 4.94 3.12 -45.85
N ARG D 86 4.68 4.00 -44.89
CA ARG D 86 3.30 4.39 -44.57
C ARG D 86 2.63 5.09 -45.73
N ASN D 87 3.39 5.81 -46.56
CA ASN D 87 2.80 6.52 -47.69
C ASN D 87 2.15 5.57 -48.68
N GLU D 88 2.70 4.36 -48.86
CA GLU D 88 2.08 3.40 -49.77
C GLU D 88 0.87 2.71 -49.15
N GLY D 89 0.83 2.58 -47.82
CA GLY D 89 -0.26 1.89 -47.16
C GLY D 89 0.19 0.64 -46.42
N ILE D 90 1.49 0.50 -46.21
CA ILE D 90 2.05 -0.60 -45.41
C ILE D 90 2.01 -0.20 -43.94
N GLU D 91 1.47 -1.08 -43.10
CA GLU D 91 1.48 -0.88 -41.66
C GLU D 91 2.87 -1.18 -41.11
N VAL D 92 3.37 -0.30 -40.23
CA VAL D 92 4.76 -0.36 -39.79
C VAL D 92 4.83 -0.33 -38.28
N ARG D 93 5.66 -1.21 -37.72
CA ARG D 93 6.03 -1.21 -36.30
C ARG D 93 7.52 -0.95 -36.16
N LEU D 94 7.87 0.01 -35.30
CA LEU D 94 9.26 0.32 -35.01
C LEU D 94 9.66 -0.39 -33.71
N VAL D 95 10.79 -1.10 -33.75
CA VAL D 95 11.24 -1.89 -32.63
C VAL D 95 12.73 -1.67 -32.43
N LYS D 96 13.17 -1.73 -31.17
CA LYS D 96 14.59 -1.75 -30.83
C LYS D 96 15.06 -3.15 -30.45
N ARG D 97 16.38 -3.27 -30.27
CA ARG D 97 17.01 -4.58 -30.03
C ARG D 97 16.35 -5.35 -28.89
N ARG D 98 16.08 -4.68 -27.76
CA ARG D 98 15.52 -5.38 -26.61
C ARG D 98 14.14 -5.93 -26.90
N GLU D 99 13.40 -5.34 -27.83
CA GLU D 99 12.04 -5.74 -28.13
C GLU D 99 11.94 -6.59 -29.40
N TYR D 100 13.07 -7.00 -29.97
CA TYR D 100 13.07 -7.79 -31.20
C TYR D 100 13.03 -9.27 -30.83
N ASP D 101 11.83 -9.85 -30.93
CA ASP D 101 11.57 -11.23 -30.55
C ASP D 101 11.10 -12.03 -31.77
N GLU D 102 10.78 -13.31 -31.52
CA GLU D 102 10.27 -14.18 -32.57
C GLU D 102 8.87 -13.75 -32.99
N GLU D 103 8.07 -13.29 -32.02
CA GLU D 103 6.70 -12.88 -32.31
C GLU D 103 6.64 -11.75 -33.33
N THR D 104 7.52 -10.75 -33.19
CA THR D 104 7.54 -9.64 -34.14
C THR D 104 7.92 -10.13 -35.53
N VAL D 105 8.87 -11.07 -35.60
CA VAL D 105 9.22 -11.64 -36.90
C VAL D 105 8.03 -12.36 -37.52
N ARG D 106 7.30 -13.13 -36.71
CA ARG D 106 6.15 -13.85 -37.25
C ARG D 106 5.05 -12.90 -37.65
N TRP D 107 4.83 -11.85 -36.85
CA TRP D 107 3.81 -10.85 -37.17
C TRP D 107 4.14 -10.11 -38.46
N ALA D 108 5.42 -9.90 -38.74
CA ALA D 108 5.80 -9.12 -39.90
C ALA D 108 5.78 -9.98 -41.16
N ASP D 109 5.46 -9.33 -42.29
CA ASP D 109 5.60 -9.99 -43.57
C ASP D 109 7.04 -9.93 -44.07
N ALA D 110 7.81 -8.95 -43.61
CA ALA D 110 9.21 -8.79 -43.96
C ALA D 110 9.86 -7.88 -42.92
N VAL D 111 11.16 -8.08 -42.70
CA VAL D 111 11.93 -7.33 -41.73
C VAL D 111 12.84 -6.36 -42.48
N ILE D 112 12.96 -5.14 -41.95
CA ILE D 112 13.87 -4.14 -42.49
C ILE D 112 14.86 -3.75 -41.40
N ALA D 113 16.15 -3.99 -41.68
CA ALA D 113 17.23 -3.68 -40.76
C ALA D 113 17.72 -2.25 -41.00
N ALA D 114 17.67 -1.43 -39.96
CA ALA D 114 18.00 -0.01 -40.05
C ALA D 114 19.27 0.26 -39.26
N GLY D 115 20.37 0.42 -39.98
CA GLY D 115 21.66 0.68 -39.37
C GLY D 115 22.79 0.38 -40.32
N GLY D 116 23.54 -0.67 -40.03
CA GLY D 116 24.62 -1.14 -40.87
C GLY D 116 24.60 -2.66 -40.90
N ASP D 117 25.73 -3.27 -41.25
CA ASP D 117 25.82 -4.73 -41.27
C ASP D 117 25.60 -5.34 -39.88
N GLY D 118 26.01 -4.63 -38.82
CA GLY D 118 25.79 -5.14 -37.48
C GLY D 118 24.31 -5.36 -37.17
N THR D 119 23.46 -4.47 -37.70
CA THR D 119 22.03 -4.61 -37.48
C THR D 119 21.45 -5.72 -38.34
N MSE D 120 22.03 -5.97 -39.50
CA MSE D 120 21.65 -7.08 -40.36
C MSE D 120 21.79 -8.39 -39.61
O MSE D 120 20.84 -9.17 -39.51
CB MSE D 120 22.52 -7.08 -41.62
CG MSE D 120 21.85 -7.71 -42.82
SE MSE D 120 20.18 -6.80 -43.23
CE MSE D 120 19.69 -7.79 -44.83
N LEU D 121 22.99 -8.64 -39.08
CA LEU D 121 23.21 -9.85 -38.29
C LEU D 121 22.21 -9.97 -37.16
N LEU D 122 21.85 -8.83 -36.54
CA LEU D 122 20.81 -8.84 -35.52
C LEU D 122 19.48 -9.27 -36.13
N ALA D 123 19.08 -8.63 -37.23
CA ALA D 123 17.82 -8.97 -37.88
C ALA D 123 17.78 -10.43 -38.29
N ALA D 124 18.85 -10.92 -38.93
CA ALA D 124 18.85 -12.27 -39.44
C ALA D 124 18.89 -13.32 -38.34
N SER D 125 19.31 -12.93 -37.14
CA SER D 125 19.46 -13.93 -36.08
C SER D 125 18.11 -14.53 -35.67
N LYS D 126 17.00 -13.82 -35.88
CA LYS D 126 15.68 -14.26 -35.43
C LYS D 126 14.76 -14.65 -36.58
N VAL D 127 15.26 -14.64 -37.81
CA VAL D 127 14.49 -15.09 -38.96
C VAL D 127 15.01 -16.48 -39.30
N LEU D 128 14.14 -17.47 -39.15
CA LEU D 128 14.46 -18.86 -39.39
C LEU D 128 13.74 -19.42 -40.60
N ASP D 129 12.86 -18.65 -41.22
CA ASP D 129 12.11 -19.07 -42.39
C ASP D 129 12.80 -18.51 -43.63
N ARG D 130 13.25 -19.41 -44.52
CA ARG D 130 13.94 -18.99 -45.73
C ARG D 130 13.01 -18.30 -46.73
N LEU D 131 11.72 -18.25 -46.43
CA LEU D 131 10.76 -17.59 -47.29
C LEU D 131 10.40 -16.18 -46.84
N LYS D 132 10.81 -15.78 -45.63
CA LYS D 132 10.48 -14.45 -45.14
C LYS D 132 11.61 -13.48 -45.50
N PRO D 133 11.36 -12.47 -46.33
CA PRO D 133 12.42 -11.55 -46.72
C PRO D 133 12.89 -10.69 -45.56
N VAL D 134 14.20 -10.42 -45.54
CA VAL D 134 14.81 -9.50 -44.58
C VAL D 134 15.64 -8.50 -45.37
N ILE D 135 15.35 -7.21 -45.20
CA ILE D 135 15.92 -6.15 -46.03
C ILE D 135 16.73 -5.22 -45.16
N GLY D 136 17.90 -4.84 -45.66
CA GLY D 136 18.81 -3.95 -44.95
C GLY D 136 18.90 -2.61 -45.66
N VAL D 137 18.90 -1.54 -44.88
CA VAL D 137 19.03 -0.18 -45.39
C VAL D 137 20.22 0.47 -44.71
N ASN D 138 21.17 0.94 -45.50
CA ASN D 138 22.36 1.61 -44.97
C ASN D 138 21.95 3.01 -44.54
N THR D 139 21.67 3.19 -43.25
CA THR D 139 21.20 4.46 -42.71
C THR D 139 22.35 5.40 -42.32
N ASP D 140 23.58 5.04 -42.67
CA ASP D 140 24.76 5.81 -42.33
C ASP D 140 25.83 5.48 -43.36
N PRO D 141 25.79 6.14 -44.54
CA PRO D 141 26.55 5.62 -45.70
C PRO D 141 28.04 5.46 -45.48
N GLU D 142 28.84 6.48 -45.79
CA GLU D 142 30.28 6.28 -45.74
C GLU D 142 30.86 6.30 -44.33
N ARG D 143 30.01 6.26 -43.29
CA ARG D 143 30.52 6.12 -41.93
C ARG D 143 30.54 4.66 -41.48
N SER D 144 29.58 3.87 -41.95
CA SER D 144 29.43 2.45 -41.57
C SER D 144 29.03 1.65 -42.80
N GLU D 145 29.81 1.78 -43.87
CA GLU D 145 29.53 1.13 -45.15
C GLU D 145 29.25 -0.36 -44.99
N GLY D 146 28.07 -0.78 -45.43
CA GLY D 146 27.61 -2.12 -45.13
C GLY D 146 27.33 -2.95 -46.37
N HIS D 147 28.18 -3.97 -46.60
CA HIS D 147 28.13 -4.79 -47.79
C HIS D 147 26.88 -5.67 -47.85
N LEU D 148 26.10 -5.72 -46.77
CA LEU D 148 24.87 -6.51 -46.71
C LEU D 148 23.63 -5.66 -46.90
N CYS D 149 23.80 -4.37 -47.19
CA CYS D 149 22.69 -3.43 -47.35
C CYS D 149 22.46 -3.11 -48.82
N LEU D 150 21.30 -2.51 -49.10
CA LEU D 150 21.01 -1.99 -50.43
C LEU D 150 21.99 -0.89 -50.81
N PRO D 151 22.12 -0.61 -52.12
CA PRO D 151 22.97 0.51 -52.54
C PRO D 151 22.60 1.80 -51.82
N VAL D 152 23.62 2.62 -51.57
CA VAL D 152 23.45 3.80 -50.71
C VAL D 152 22.38 4.75 -51.25
N ARG D 153 22.19 4.77 -52.57
CA ARG D 153 21.21 5.68 -53.16
C ARG D 153 19.82 5.44 -52.61
N TYR D 154 19.48 4.19 -52.31
CA TYR D 154 18.14 3.87 -51.83
C TYR D 154 17.93 4.23 -50.38
N THR D 155 18.95 4.79 -49.70
CA THR D 155 18.72 5.34 -48.36
C THR D 155 17.97 6.67 -48.47
N HIS D 156 18.45 7.55 -49.33
CA HIS D 156 17.79 8.82 -49.60
C HIS D 156 16.73 8.70 -50.67
N SER D 157 16.70 7.59 -51.40
CA SER D 157 15.67 7.32 -52.40
C SER D 157 14.93 6.03 -52.07
N PHE D 158 14.49 5.88 -50.82
CA PHE D 158 13.87 4.62 -50.44
C PHE D 158 12.50 4.41 -51.09
N PRO D 159 11.69 5.45 -51.29
CA PRO D 159 10.47 5.27 -52.10
C PRO D 159 10.73 4.62 -53.45
N GLU D 160 11.86 4.96 -54.09
CA GLU D 160 12.21 4.32 -55.35
C GLU D 160 12.45 2.83 -55.18
N ALA D 161 13.00 2.43 -54.03
CA ALA D 161 13.19 1.01 -53.75
C ALA D 161 11.84 0.30 -53.61
N LEU D 162 10.89 0.92 -52.92
CA LEU D 162 9.56 0.31 -52.78
C LEU D 162 8.92 0.09 -54.14
N GLN D 163 9.10 1.04 -55.06
CA GLN D 163 8.57 0.87 -56.42
C GLN D 163 9.17 -0.34 -57.09
N LYS D 164 10.49 -0.48 -57.05
CA LYS D 164 11.15 -1.62 -57.69
C LYS D 164 10.68 -2.93 -57.07
N PHE D 165 10.50 -2.95 -55.76
CA PHE D 165 9.93 -4.12 -55.10
C PHE D 165 8.51 -4.40 -55.59
N TYR D 166 7.71 -3.35 -55.76
CA TYR D 166 6.32 -3.53 -56.17
C TYR D 166 6.23 -4.15 -57.55
N ARG D 167 7.02 -3.66 -58.50
CA ARG D 167 6.99 -4.20 -59.86
C ARG D 167 7.61 -5.59 -59.95
N GLY D 168 8.37 -6.02 -58.96
CA GLY D 168 9.14 -7.25 -59.09
C GLY D 168 10.43 -7.10 -59.85
N GLU D 169 10.93 -5.87 -59.98
CA GLU D 169 12.19 -5.57 -60.64
C GLU D 169 13.32 -5.66 -59.60
N PHE D 170 13.64 -6.89 -59.22
CA PHE D 170 14.69 -7.14 -58.23
C PHE D 170 15.00 -8.63 -58.23
N ARG D 171 16.09 -8.97 -57.56
CA ARG D 171 16.48 -10.36 -57.37
C ARG D 171 16.40 -10.73 -55.90
N TRP D 172 15.86 -11.90 -55.62
CA TRP D 172 16.03 -12.53 -54.31
C TRP D 172 17.43 -13.09 -54.22
N LEU D 173 18.06 -12.94 -53.05
CA LEU D 173 19.38 -13.53 -52.81
C LEU D 173 19.31 -14.36 -51.55
N TRP D 174 19.40 -15.67 -51.69
CA TRP D 174 19.38 -16.58 -50.56
C TRP D 174 20.80 -16.82 -50.10
N ARG D 175 21.15 -16.27 -48.94
CA ARG D 175 22.47 -16.47 -48.37
C ARG D 175 22.41 -17.72 -47.50
N GLN D 176 23.28 -18.68 -47.77
CA GLN D 176 23.31 -19.88 -46.96
C GLN D 176 23.71 -19.53 -45.53
N ARG D 177 23.14 -20.26 -44.58
CA ARG D 177 23.46 -20.08 -43.18
C ARG D 177 23.80 -21.43 -42.56
N ILE D 178 24.45 -21.37 -41.40
CA ILE D 178 25.00 -22.54 -40.72
C ILE D 178 24.06 -22.99 -39.62
N ARG D 179 23.88 -24.32 -39.53
CA ARG D 179 23.09 -24.95 -38.49
C ARG D 179 24.05 -25.41 -37.39
N LEU D 180 23.62 -25.30 -36.13
CA LEU D 180 24.48 -25.66 -35.01
C LEU D 180 23.75 -26.62 -34.09
N TYR D 181 24.35 -27.79 -33.86
CA TYR D 181 23.89 -28.75 -32.87
C TYR D 181 24.92 -28.83 -31.77
N LEU D 182 24.46 -29.01 -30.53
CA LEU D 182 25.34 -29.06 -29.38
C LEU D 182 25.01 -30.32 -28.59
N GLU D 183 26.02 -31.09 -28.23
CA GLU D 183 25.85 -32.32 -27.47
C GLU D 183 27.01 -32.47 -26.50
N GLY D 184 26.96 -33.53 -25.70
CA GLY D 184 28.03 -33.83 -24.79
C GLY D 184 27.61 -33.75 -23.34
N THR D 185 28.59 -33.69 -22.43
CA THR D 185 28.33 -33.62 -21.01
C THR D 185 28.47 -32.18 -20.52
N GLY D 186 27.59 -31.78 -19.61
CA GLY D 186 27.67 -30.44 -19.05
C GLY D 186 27.45 -29.32 -20.05
N ILE D 187 26.61 -29.54 -21.05
CA ILE D 187 26.40 -28.51 -22.07
C ILE D 187 25.44 -27.44 -21.54
N ASN D 188 25.41 -26.30 -22.22
CA ASN D 188 24.59 -25.17 -21.81
C ASN D 188 24.03 -24.51 -23.07
N PRO D 189 22.78 -24.83 -23.45
CA PRO D 189 22.22 -24.31 -24.70
C PRO D 189 21.55 -22.94 -24.62
N VAL D 190 21.57 -22.29 -23.46
CA VAL D 190 20.92 -20.98 -23.33
C VAL D 190 21.84 -19.91 -23.94
N PRO D 191 21.34 -19.08 -24.84
CA PRO D 191 22.19 -18.05 -25.45
C PRO D 191 22.34 -16.83 -24.56
N VAL D 192 23.40 -16.07 -24.84
CA VAL D 192 23.64 -14.77 -24.20
C VAL D 192 23.76 -13.72 -25.30
N ASP D 193 22.97 -12.65 -25.20
CA ASP D 193 23.09 -11.54 -26.14
C ASP D 193 24.30 -10.72 -25.73
N LEU D 194 25.33 -10.72 -26.59
CA LEU D 194 26.57 -10.02 -26.26
C LEU D 194 26.41 -8.51 -26.36
N HIS D 195 25.46 -8.04 -27.18
CA HIS D 195 25.23 -6.62 -27.31
C HIS D 195 24.45 -6.01 -26.14
N GLU D 196 24.02 -6.84 -25.18
CA GLU D 196 23.33 -6.36 -23.99
C GLU D 196 24.02 -6.80 -22.71
N GLN D 197 25.30 -7.18 -22.79
CA GLN D 197 26.06 -7.61 -21.63
C GLN D 197 26.81 -6.45 -20.99
N GLY D 222 22.07 -34.89 -24.38
CA GLY D 222 21.91 -35.18 -25.79
C GLY D 222 22.08 -33.99 -26.74
N PRO D 223 22.10 -34.28 -28.04
CA PRO D 223 22.31 -33.22 -29.04
C PRO D 223 21.20 -32.18 -29.03
N GLN D 224 21.59 -30.91 -29.16
CA GLN D 224 20.67 -29.78 -29.04
C GLN D 224 20.88 -28.80 -30.20
N LEU D 225 19.82 -28.59 -30.98
CA LEU D 225 19.87 -27.60 -32.06
C LEU D 225 19.82 -26.21 -31.45
N LEU D 226 20.87 -25.42 -31.68
CA LEU D 226 20.94 -24.10 -31.07
C LEU D 226 20.00 -23.13 -31.78
N PRO D 227 19.44 -22.16 -31.05
CA PRO D 227 18.31 -21.37 -31.59
C PRO D 227 18.67 -20.35 -32.66
N VAL D 228 19.94 -20.19 -33.03
CA VAL D 228 20.33 -19.24 -34.05
C VAL D 228 21.08 -19.95 -35.17
N ARG D 229 21.15 -19.28 -36.33
CA ARG D 229 21.93 -19.72 -37.47
C ARG D 229 23.00 -18.68 -37.77
N ALA D 230 24.09 -19.12 -38.38
CA ALA D 230 25.22 -18.23 -38.64
C ALA D 230 25.11 -17.64 -40.03
N LEU D 231 25.00 -16.31 -40.11
CA LEU D 231 25.01 -15.63 -41.39
C LEU D 231 26.42 -15.27 -41.82
N ASN D 232 27.23 -14.76 -40.89
CA ASN D 232 28.65 -14.51 -41.17
C ASN D 232 29.42 -15.76 -40.77
N GLU D 233 29.59 -15.96 -39.46
CA GLU D 233 30.38 -17.08 -38.97
C GLU D 233 30.08 -17.35 -37.51
N VAL D 234 30.33 -18.59 -37.10
CA VAL D 234 30.48 -18.96 -35.70
C VAL D 234 31.96 -19.19 -35.47
N PHE D 235 32.54 -18.47 -34.52
CA PHE D 235 33.94 -18.66 -34.19
C PHE D 235 33.95 -19.53 -32.94
N ILE D 236 34.67 -20.66 -33.01
CA ILE D 236 34.48 -21.76 -32.08
C ILE D 236 35.79 -22.04 -31.37
N GLY D 237 35.75 -22.02 -30.04
CA GLY D 237 36.91 -22.29 -29.23
C GLY D 237 36.63 -22.13 -27.75
N ALA D 244 44.71 -19.62 -26.30
CA ALA D 244 44.39 -20.58 -27.34
C ALA D 244 43.31 -21.56 -26.88
N SER D 245 42.65 -22.17 -27.85
CA SER D 245 41.55 -23.09 -27.61
C SER D 245 42.04 -24.50 -27.94
N TYR D 246 41.51 -25.48 -27.23
CA TYR D 246 41.92 -26.87 -27.35
C TYR D 246 40.71 -27.73 -27.69
N TYR D 247 40.82 -28.51 -28.76
CA TYR D 247 39.68 -29.26 -29.24
C TYR D 247 40.15 -30.38 -30.16
N GLU D 248 39.26 -31.35 -30.36
CA GLU D 248 39.42 -32.36 -31.40
C GLU D 248 38.40 -32.10 -32.50
N ILE D 249 38.82 -32.25 -33.75
CA ILE D 249 38.06 -31.82 -34.91
C ILE D 249 37.85 -32.98 -35.87
N SER D 250 36.67 -33.03 -36.50
CA SER D 250 36.34 -34.07 -37.47
C SER D 250 35.67 -33.42 -38.67
N VAL D 251 36.35 -33.47 -39.83
CA VAL D 251 35.88 -32.85 -41.06
C VAL D 251 35.26 -33.91 -41.97
N ASP D 252 34.09 -33.59 -42.54
CA ASP D 252 33.36 -34.49 -43.44
C ASP D 252 33.30 -35.90 -42.85
N ASP D 253 33.08 -35.97 -41.53
CA ASP D 253 32.98 -37.23 -40.80
C ASP D 253 34.30 -38.00 -40.87
N GLY D 254 35.41 -37.26 -41.00
CA GLY D 254 36.74 -37.81 -41.00
C GLY D 254 37.28 -38.08 -39.62
N PRO D 255 38.57 -38.43 -39.54
CA PRO D 255 39.18 -38.72 -38.24
C PRO D 255 39.30 -37.49 -37.36
N TRP D 256 39.30 -37.75 -36.05
CA TRP D 256 39.44 -36.69 -35.06
C TRP D 256 40.90 -36.24 -34.96
N GLU D 257 41.15 -34.95 -35.13
CA GLU D 257 42.47 -34.37 -34.98
C GLU D 257 42.52 -33.54 -33.70
N LYS D 258 43.49 -33.81 -32.85
CA LYS D 258 43.73 -32.95 -31.70
C LYS D 258 44.30 -31.62 -32.17
N GLN D 259 43.77 -30.52 -31.66
CA GLN D 259 44.18 -29.22 -32.17
C GLN D 259 44.22 -28.18 -31.05
N LYS D 260 45.25 -27.33 -31.09
CA LYS D 260 45.40 -26.21 -30.18
C LYS D 260 45.66 -24.96 -31.00
N SER D 261 44.75 -23.98 -30.91
CA SER D 261 44.91 -22.72 -31.63
C SER D 261 44.04 -21.68 -30.95
N SER D 262 44.02 -20.47 -31.50
CA SER D 262 43.17 -19.39 -30.97
C SER D 262 41.78 -19.37 -31.55
N GLY D 263 41.20 -20.53 -31.82
CA GLY D 263 39.84 -20.63 -32.28
C GLY D 263 39.73 -21.11 -33.72
N LEU D 264 38.50 -21.43 -34.09
CA LEU D 264 38.15 -21.88 -35.42
C LEU D 264 37.11 -20.93 -36.01
N ASN D 265 37.22 -20.69 -37.30
CA ASN D 265 36.26 -19.87 -38.02
C ASN D 265 35.55 -20.74 -39.05
N LEU D 266 34.24 -20.86 -38.92
CA LEU D 266 33.40 -21.62 -39.83
C LEU D 266 32.39 -20.62 -40.40
N CYS D 267 32.67 -20.12 -41.59
CA CYS D 267 31.94 -18.99 -42.16
C CYS D 267 31.26 -19.40 -43.47
N THR D 268 30.33 -18.55 -43.90
CA THR D 268 29.64 -18.68 -45.18
C THR D 268 30.32 -17.78 -46.21
N GLY D 269 29.79 -17.82 -47.44
CA GLY D 269 30.20 -16.84 -48.43
C GLY D 269 29.99 -15.42 -47.95
N THR D 270 28.87 -15.18 -47.28
CA THR D 270 28.64 -13.87 -46.67
C THR D 270 29.76 -13.52 -45.70
N GLY D 271 30.13 -14.47 -44.85
CA GLY D 271 31.16 -14.25 -43.85
C GLY D 271 32.56 -14.29 -44.38
N SER D 272 32.75 -14.69 -45.64
CA SER D 272 34.10 -14.77 -46.18
C SER D 272 34.73 -13.38 -46.34
N LYS D 273 33.92 -12.34 -46.51
CA LYS D 273 34.43 -10.98 -46.61
C LYS D 273 34.68 -10.35 -45.24
N ALA D 274 34.29 -11.03 -44.17
CA ALA D 274 34.34 -10.50 -42.82
C ALA D 274 35.50 -11.09 -42.05
N TRP D 275 35.19 -11.68 -40.90
CA TRP D 275 36.21 -12.19 -40.00
C TRP D 275 37.12 -13.20 -40.70
N SER D 276 36.52 -14.11 -41.49
CA SER D 276 37.30 -15.08 -42.26
C SER D 276 38.35 -14.39 -43.11
N PHE D 277 37.99 -13.26 -43.72
CA PHE D 277 38.93 -12.52 -44.55
C PHE D 277 40.11 -12.03 -43.72
N ASN D 278 39.82 -11.55 -42.52
CA ASN D 278 40.82 -10.99 -41.62
C ASN D 278 41.66 -12.08 -40.96
N ILE D 279 41.15 -13.29 -40.90
CA ILE D 279 41.92 -14.42 -40.39
C ILE D 279 42.98 -14.87 -41.38
N ASN D 280 42.68 -14.81 -42.67
CA ASN D 280 43.51 -15.49 -43.66
C ASN D 280 44.30 -14.58 -44.58
N ARG D 281 43.98 -13.29 -44.64
CA ARG D 281 44.67 -12.37 -45.53
C ARG D 281 46.14 -12.25 -45.15
N VAL D 282 46.99 -12.00 -46.15
CA VAL D 282 48.42 -11.78 -45.96
C VAL D 282 48.78 -10.32 -46.18
N ALA D 283 49.80 -9.87 -45.47
CA ALA D 283 50.32 -8.51 -45.58
C ALA D 283 51.37 -8.45 -46.69
N THR D 284 51.48 -7.28 -47.31
CA THR D 284 52.45 -7.11 -48.40
C THR D 284 53.87 -7.45 -47.97
N GLN D 285 54.23 -7.17 -46.71
CA GLN D 285 55.57 -7.53 -46.26
C GLN D 285 55.77 -9.04 -46.32
N ALA D 286 54.73 -9.81 -45.96
CA ALA D 286 54.81 -11.26 -46.05
C ALA D 286 54.91 -11.71 -47.51
N VAL D 287 54.07 -11.17 -48.39
CA VAL D 287 54.17 -11.50 -49.81
C VAL D 287 55.55 -11.13 -50.34
N GLU D 288 56.02 -9.93 -49.98
CA GLU D 288 57.33 -9.48 -50.43
C GLU D 288 58.42 -10.45 -50.03
N ASP D 289 58.37 -10.96 -48.80
CA ASP D 289 59.39 -11.87 -48.32
C ASP D 289 59.36 -13.19 -49.08
N VAL D 290 58.18 -13.79 -49.25
CA VAL D 290 58.07 -15.04 -50.00
C VAL D 290 58.67 -14.88 -51.39
N LEU D 291 58.29 -13.81 -52.09
CA LEU D 291 58.83 -13.57 -53.43
C LEU D 291 60.35 -13.33 -53.37
N ASN D 292 60.79 -12.50 -52.42
CA ASN D 292 62.22 -12.24 -52.26
C ASN D 292 62.96 -13.54 -51.97
N ILE D 293 62.43 -14.35 -51.05
CA ILE D 293 63.03 -15.63 -50.75
C ILE D 293 63.05 -16.51 -52.00
N ALA D 294 61.92 -16.57 -52.71
CA ALA D 294 61.83 -17.41 -53.90
C ALA D 294 62.77 -16.93 -54.99
N LYS D 295 62.84 -15.62 -55.21
CA LYS D 295 63.65 -15.09 -56.31
C LYS D 295 65.09 -15.50 -56.17
N ARG D 296 65.61 -15.58 -54.95
CA ARG D 296 66.99 -16.01 -54.78
C ARG D 296 67.12 -17.53 -54.82
N GLN D 297 66.10 -18.27 -54.39
CA GLN D 297 66.14 -19.72 -54.49
C GLN D 297 66.10 -20.17 -55.95
N GLY D 298 65.72 -19.28 -56.86
CA GLY D 298 65.67 -19.58 -58.28
C GLY D 298 66.70 -18.77 -59.06
N ASN D 299 67.34 -17.81 -58.40
CA ASN D 299 68.39 -17.01 -59.04
C ASN D 299 69.70 -17.79 -59.09
N LEU D 308 51.42 -4.04 -60.13
CA LEU D 308 52.23 -5.22 -60.41
C LEU D 308 53.06 -5.62 -59.19
N VAL D 309 53.36 -4.65 -58.34
CA VAL D 309 54.10 -4.93 -57.13
C VAL D 309 53.13 -5.63 -56.16
N GLU D 310 52.52 -4.85 -55.28
CA GLU D 310 51.53 -5.33 -54.31
C GLU D 310 50.20 -5.80 -54.90
N LYS D 311 50.15 -6.09 -56.20
CA LYS D 311 48.89 -6.53 -56.81
C LYS D 311 48.61 -7.99 -56.56
N VAL D 312 49.66 -8.83 -56.49
CA VAL D 312 49.46 -10.24 -56.20
C VAL D 312 48.79 -10.41 -54.84
N THR D 313 49.17 -9.56 -53.88
CA THR D 313 48.54 -9.58 -52.57
C THR D 313 47.03 -9.46 -52.69
N ASN D 314 46.56 -8.54 -53.54
CA ASN D 314 45.12 -8.34 -53.71
C ASN D 314 44.47 -9.57 -54.35
N GLU D 315 45.12 -10.17 -55.35
CA GLU D 315 44.55 -11.36 -55.98
C GLU D 315 44.44 -12.51 -54.99
N TYR D 316 45.46 -12.70 -54.15
CA TYR D 316 45.37 -13.73 -53.13
C TYR D 316 44.25 -13.41 -52.14
N ASN D 317 44.25 -12.18 -51.63
CA ASN D 317 43.21 -11.79 -50.67
C ASN D 317 41.82 -11.90 -51.28
N GLU D 318 41.69 -11.62 -52.59
CA GLU D 318 40.41 -11.80 -53.27
C GLU D 318 40.00 -13.27 -53.29
N SER D 319 40.96 -14.18 -53.45
CA SER D 319 40.64 -15.60 -53.52
C SER D 319 40.00 -16.13 -52.24
N LEU D 320 40.05 -15.36 -51.15
CA LEU D 320 39.36 -15.73 -49.92
C LEU D 320 37.86 -15.48 -49.97
N LEU D 321 37.35 -14.81 -51.01
CA LEU D 321 35.94 -14.47 -51.05
C LEU D 321 35.24 -15.40 -52.04
N TYR D 322 34.08 -15.91 -51.64
CA TYR D 322 33.32 -16.82 -52.47
C TYR D 322 31.83 -16.52 -52.32
N SER D 323 31.04 -17.15 -53.19
CA SER D 323 29.65 -16.78 -53.36
C SER D 323 28.88 -16.98 -52.06
N PRO D 324 28.02 -16.03 -51.68
CA PRO D 324 27.14 -16.26 -50.53
C PRO D 324 26.09 -17.34 -50.78
N GLU D 325 25.98 -17.86 -52.00
CA GLU D 325 25.02 -18.90 -52.36
C GLU D 325 25.60 -20.31 -52.30
N GLU D 326 26.91 -20.46 -52.18
CA GLU D 326 27.53 -21.78 -52.26
C GLU D 326 27.36 -22.52 -50.93
N PRO D 327 26.79 -23.73 -50.94
CA PRO D 327 26.47 -24.45 -49.68
C PRO D 327 27.67 -25.19 -49.08
N LYS D 328 28.73 -24.44 -48.76
CA LYS D 328 29.91 -25.02 -48.15
C LYS D 328 30.40 -24.12 -47.02
N ILE D 329 31.04 -24.73 -46.03
CA ILE D 329 31.58 -24.02 -44.87
C ILE D 329 33.08 -23.83 -45.08
N LEU D 330 33.53 -22.58 -45.00
CA LEU D 330 34.96 -22.28 -45.03
C LEU D 330 35.52 -22.36 -43.62
N PHE D 331 36.27 -23.41 -43.33
CA PHE D 331 36.80 -23.66 -42.00
C PHE D 331 38.26 -23.24 -41.94
N SER D 332 38.55 -22.23 -41.10
CA SER D 332 39.90 -21.73 -40.92
C SER D 332 40.31 -22.01 -39.48
N ILE D 333 41.49 -22.59 -39.32
CA ILE D 333 42.08 -22.75 -38.00
C ILE D 333 42.87 -21.49 -37.72
N ARG D 334 42.57 -20.83 -36.61
CA ARG D 334 43.12 -19.51 -36.38
C ARG D 334 44.57 -19.71 -35.93
N GLU D 335 45.47 -19.70 -36.92
CA GLU D 335 46.90 -19.86 -36.72
C GLU D 335 47.18 -21.11 -35.92
N PRO D 336 47.04 -22.29 -36.53
CA PRO D 336 47.22 -23.54 -35.78
C PRO D 336 48.62 -23.68 -35.20
N ILE D 337 48.68 -24.36 -34.06
CA ILE D 337 49.93 -24.62 -33.37
C ILE D 337 50.39 -26.06 -33.59
N GLN D 347 45.16 -25.69 -42.28
CA GLN D 347 44.78 -24.62 -41.36
C GLN D 347 43.47 -24.03 -41.83
N ARG D 348 43.12 -24.33 -43.08
CA ARG D 348 41.96 -23.75 -43.72
C ARG D 348 41.48 -24.70 -44.81
N CYS D 349 40.18 -24.97 -44.84
CA CYS D 349 39.61 -25.87 -45.84
C CYS D 349 38.10 -25.67 -45.93
N PHE D 350 37.55 -26.09 -47.07
CA PHE D 350 36.12 -26.15 -47.27
C PHE D 350 35.61 -27.52 -46.83
N SER D 351 34.34 -27.56 -46.42
CA SER D 351 33.75 -28.80 -45.93
C SER D 351 32.23 -28.67 -45.90
N SER D 352 31.57 -29.82 -45.75
CA SER D 352 30.13 -29.85 -45.56
C SER D 352 29.72 -29.99 -44.10
N LYS D 353 30.54 -30.64 -43.28
CA LYS D 353 30.19 -30.86 -41.88
C LYS D 353 31.46 -30.88 -41.05
N VAL D 354 31.43 -30.19 -39.91
CA VAL D 354 32.56 -30.13 -38.98
C VAL D 354 32.03 -30.36 -37.56
N CYS D 355 32.72 -31.21 -36.81
CA CYS D 355 32.38 -31.47 -35.41
C CYS D 355 33.58 -31.15 -34.54
N VAL D 356 33.35 -30.35 -33.50
CA VAL D 356 34.40 -29.92 -32.59
C VAL D 356 34.07 -30.48 -31.20
N ARG D 357 35.04 -31.17 -30.62
CA ARG D 357 34.98 -31.63 -29.23
C ARG D 357 35.85 -30.72 -28.36
N SER D 358 35.22 -30.01 -27.42
CA SER D 358 35.98 -29.14 -26.54
C SER D 358 36.76 -29.95 -25.53
N ARG D 359 38.02 -29.56 -25.32
CA ARG D 359 38.88 -30.11 -24.27
C ARG D 359 39.51 -29.00 -23.43
N CYS D 360 38.80 -27.89 -23.27
CA CYS D 360 39.26 -26.71 -22.56
C CYS D 360 38.50 -26.57 -21.23
N TRP D 361 39.07 -25.80 -20.31
CA TRP D 361 38.54 -25.80 -18.95
C TRP D 361 37.26 -24.98 -18.82
N ASP D 362 37.20 -23.79 -19.43
CA ASP D 362 36.03 -22.90 -19.34
C ASP D 362 35.88 -22.20 -20.70
N ALA D 363 35.40 -22.92 -21.69
CA ALA D 363 35.34 -22.44 -23.07
C ALA D 363 33.90 -22.16 -23.50
N CYS D 364 33.78 -21.57 -24.68
CA CYS D 364 32.48 -21.10 -25.17
C CYS D 364 32.45 -21.17 -26.69
N MSE D 365 31.46 -20.51 -27.30
CA MSE D 365 31.19 -20.59 -28.74
C MSE D 365 30.32 -19.40 -29.16
O MSE D 365 29.30 -19.12 -28.53
CB MSE D 365 30.52 -21.92 -29.08
CG MSE D 365 30.23 -22.18 -30.57
SE MSE D 365 29.71 -24.04 -30.98
CE MSE D 365 28.30 -24.26 -29.64
N VAL D 366 30.71 -18.70 -30.22
CA VAL D 366 30.24 -17.33 -30.51
C VAL D 366 29.64 -17.30 -31.90
N VAL D 367 28.34 -16.95 -31.99
CA VAL D 367 27.59 -16.93 -33.24
C VAL D 367 27.50 -15.52 -33.80
N ASP D 368 27.95 -15.34 -35.05
CA ASP D 368 27.73 -14.10 -35.82
C ASP D 368 28.07 -12.84 -35.03
N GLY D 369 29.00 -12.94 -34.08
CA GLY D 369 29.46 -11.78 -33.35
C GLY D 369 28.52 -11.22 -32.31
N GLY D 370 27.35 -11.84 -32.10
CA GLY D 370 26.38 -11.27 -31.21
C GLY D 370 25.84 -12.23 -30.16
N THR D 371 25.77 -13.52 -30.50
CA THR D 371 25.25 -14.55 -29.62
C THR D 371 26.36 -15.50 -29.20
N SER D 372 26.52 -15.68 -27.89
CA SER D 372 27.56 -16.53 -27.32
C SER D 372 26.95 -17.69 -26.58
N PHE D 373 27.56 -18.87 -26.72
CA PHE D 373 27.13 -20.08 -26.03
C PHE D 373 28.31 -20.65 -25.29
N GLU D 374 28.13 -20.95 -24.00
CA GLU D 374 29.14 -21.65 -23.22
C GLU D 374 29.41 -23.03 -23.84
N PHE D 375 30.70 -23.39 -23.94
CA PHE D 375 31.14 -24.58 -24.68
C PHE D 375 32.45 -25.14 -24.10
N ASN D 376 32.37 -25.78 -22.93
CA ASN D 376 33.55 -26.22 -22.19
C ASN D 376 33.76 -27.73 -22.31
N ASP D 377 34.86 -28.19 -21.71
CA ASP D 377 35.37 -29.56 -21.82
C ASP D 377 34.25 -30.60 -21.75
N GLY D 378 34.26 -31.51 -22.72
CA GLY D 378 33.28 -32.56 -22.80
C GLY D 378 32.07 -32.22 -23.64
N ALA D 379 31.93 -30.98 -24.08
CA ALA D 379 30.91 -30.62 -25.04
C ALA D 379 31.37 -30.90 -26.46
N ILE D 380 30.44 -31.34 -27.31
CA ILE D 380 30.69 -31.59 -28.71
C ILE D 380 29.69 -30.76 -29.51
N ALA D 381 30.18 -30.07 -30.53
CA ALA D 381 29.36 -29.24 -31.39
C ALA D 381 29.43 -29.74 -32.83
N SER D 382 28.31 -29.62 -33.54
CA SER D 382 28.22 -30.05 -34.92
C SER D 382 27.59 -28.93 -35.74
N MSE D 383 28.20 -28.61 -36.88
CA MSE D 383 27.66 -27.56 -37.75
C MSE D 383 27.64 -27.95 -39.23
O MSE D 383 28.65 -28.34 -39.80
CB MSE D 383 28.44 -26.26 -37.58
CG MSE D 383 29.78 -26.43 -36.90
SE MSE D 383 29.59 -26.43 -34.96
CE MSE D 383 31.25 -27.36 -34.55
N MSE D 384 26.47 -27.80 -39.83
CA MSE D 384 26.26 -28.12 -41.24
C MSE D 384 25.40 -27.04 -41.88
O MSE D 384 24.87 -26.17 -41.19
CB MSE D 384 25.61 -29.49 -41.38
CG MSE D 384 24.25 -29.59 -40.71
SE MSE D 384 24.12 -31.09 -39.48
CE MSE D 384 25.40 -30.49 -38.14
N ILE D 385 25.25 -27.11 -43.20
CA ILE D 385 24.47 -26.14 -43.95
C ILE D 385 23.19 -26.81 -44.44
N ASN D 386 22.06 -26.18 -44.13
CA ASN D 386 20.73 -26.70 -44.46
C ASN D 386 19.99 -25.68 -45.30
N LYS D 387 19.29 -26.16 -46.33
CA LYS D 387 18.52 -25.27 -47.19
C LYS D 387 17.51 -24.46 -46.39
N GLU D 388 16.85 -25.10 -45.42
CA GLU D 388 15.89 -24.42 -44.56
C GLU D 388 16.49 -23.25 -43.78
N ASP D 389 17.81 -23.16 -43.67
CA ASP D 389 18.42 -22.08 -42.91
C ASP D 389 18.79 -20.89 -43.78
N GLU D 390 18.48 -20.94 -45.07
CA GLU D 390 18.81 -19.83 -45.96
C GLU D 390 18.09 -18.56 -45.53
N LEU D 391 18.74 -17.42 -45.73
CA LEU D 391 18.18 -16.11 -45.42
C LEU D 391 17.75 -15.44 -46.72
N ARG D 392 16.49 -15.02 -46.77
CA ARG D 392 15.90 -14.42 -47.96
C ARG D 392 16.20 -12.92 -47.99
N THR D 393 17.15 -12.51 -48.83
CA THR D 393 17.53 -11.12 -49.03
C THR D 393 17.26 -10.73 -50.48
N VAL D 394 17.46 -9.45 -50.80
CA VAL D 394 17.17 -8.96 -52.14
C VAL D 394 18.42 -8.31 -52.71
N LEU D 395 18.48 -8.26 -54.03
CA LEU D 395 19.49 -7.49 -54.75
C LEU D 395 18.80 -6.49 -55.66
N LEU D 396 19.11 -5.21 -55.46
CA LEU D 396 18.61 -4.13 -56.30
C LEU D 396 19.78 -3.54 -57.08
N GLU D 397 19.50 -3.06 -58.29
CA GLU D 397 20.54 -2.50 -59.13
C GLU D 397 21.15 -1.26 -58.46
N GLN D 398 22.18 -0.73 -59.10
CA GLN D 398 22.83 0.49 -58.62
C GLN D 398 22.01 1.72 -58.99
PA NAD E . -28.29 5.19 43.00
O1A NAD E . -28.48 4.30 44.18
O2A NAD E . -28.49 6.67 43.15
O5B NAD E . -29.25 4.67 41.81
C5B NAD E . -28.94 3.49 41.00
C4B NAD E . -29.94 2.39 41.25
O4B NAD E . -29.92 1.47 40.12
C3B NAD E . -29.61 1.48 42.44
O3B NAD E . -30.77 0.76 42.83
C2B NAD E . -28.61 0.51 41.82
O2B NAD E . -28.47 -0.71 42.51
C1B NAD E . -29.27 0.28 40.45
N9A NAD E . -28.33 -0.06 39.38
C8A NAD E . -27.23 0.65 38.98
N7A NAD E . -26.58 0.10 37.99
C5A NAD E . -27.31 -1.05 37.71
C6A NAD E . -27.15 -2.06 36.75
N6A NAD E . -26.16 -2.07 35.85
N1A NAD E . -28.05 -3.07 36.74
C2A NAD E . -29.04 -3.05 37.64
N3A NAD E . -29.31 -2.15 38.58
C4A NAD E . -28.39 -1.16 38.57
O3 NAD E . -26.82 4.86 42.43
PN NAD E . -25.91 5.60 41.34
O1N NAD E . -24.48 5.34 41.62
O2N NAD E . -26.31 7.04 41.28
O5D NAD E . -26.40 4.84 40.02
C5D NAD E . -26.04 5.35 38.71
C4D NAD E . -27.00 4.76 37.69
O4D NAD E . -28.36 4.99 38.10
C3D NAD E . -26.91 5.33 36.27
O3D NAD E . -25.89 4.69 35.53
C2D NAD E . -28.32 5.07 35.73
O2D NAD E . -28.37 3.91 34.92
C1D NAD E . -29.21 4.87 36.96
N1N NAD E . -30.31 5.87 37.01
C2N NAD E . -31.60 5.43 36.90
C3N NAD E . -32.65 6.34 36.86
C7N NAD E . -34.03 5.78 36.69
O7N NAD E . -34.99 6.56 36.60
N7N NAD E . -34.15 4.46 36.73
C4N NAD E . -32.38 7.70 36.99
C5N NAD E . -31.09 8.13 37.12
C6N NAD E . -30.06 7.19 37.12
PA NAD F . -24.98 -6.10 -19.32
O1A NAD F . -23.61 -6.70 -19.43
O2A NAD F . -26.09 -6.96 -19.82
O5B NAD F . -25.08 -4.65 -20.04
C5B NAD F . -24.51 -3.44 -19.47
C4B NAD F . -23.47 -2.89 -20.41
O4B NAD F . -22.59 -1.98 -19.69
C3B NAD F . -22.47 -3.92 -20.98
O3B NAD F . -21.80 -3.34 -22.09
C2B NAD F . -21.56 -4.10 -19.77
O2B NAD F . -20.31 -4.69 -20.05
C1B NAD F . -21.38 -2.63 -19.39
N9A NAD F . -21.05 -2.40 -17.99
C8A NAD F . -21.77 -2.82 -16.90
N7A NAD F . -21.25 -2.44 -15.77
C5A NAD F . -20.10 -1.75 -16.13
C6A NAD F . -19.10 -1.11 -15.37
N6A NAD F . -19.11 -1.04 -14.04
N1A NAD F . -18.09 -0.52 -16.05
C2A NAD F . -18.08 -0.59 -17.39
N3A NAD F . -18.97 -1.15 -18.20
C4A NAD F . -19.96 -1.72 -17.50
O3 NAD F . -25.28 -5.83 -17.76
PN NAD F . -26.55 -5.17 -17.04
O1N NAD F . -26.99 -5.96 -15.86
O2N NAD F . -27.55 -4.79 -18.09
O5D NAD F . -25.80 -3.86 -16.50
C5D NAD F . -26.52 -2.85 -15.77
C4D NAD F . -25.77 -1.54 -15.85
O4D NAD F . -25.81 -1.04 -17.19
C3D NAD F . -26.29 -0.40 -14.97
O3D NAD F . -25.74 -0.49 -13.65
C2D NAD F . -25.86 0.84 -15.75
O2D NAD F . -24.69 1.41 -15.22
C1D NAD F . -25.58 0.36 -17.19
N1N NAD F . -26.49 1.02 -18.18
C2N NAD F . -25.95 1.86 -19.12
C3N NAD F . -26.77 2.57 -19.99
C7N NAD F . -26.15 3.52 -20.98
O7N NAD F . -26.87 4.16 -21.75
N7N NAD F . -24.83 3.62 -20.96
C4N NAD F . -28.15 2.38 -19.92
C5N NAD F . -28.67 1.51 -18.97
C6N NAD F . -27.82 0.86 -18.10
PA NAD G . 25.42 16.58 8.47
O1A NAD G . 26.90 16.73 8.51
O2A NAD G . 24.73 16.64 7.14
O5B NAD G . 24.76 17.68 9.44
C5B NAD G . 24.76 17.50 10.89
C4B NAD G . 25.61 18.56 11.54
O4B NAD G . 25.32 18.56 12.97
C3B NAD G . 27.12 18.30 11.51
O3B NAD G . 27.84 19.48 11.83
C2B NAD G . 27.25 17.28 12.64
O2B NAD G . 28.57 17.16 13.12
C1B NAD G . 26.36 17.93 13.69
N9A NAD G . 25.72 17.00 14.61
C8A NAD G . 25.02 15.86 14.30
N7A NAD G . 24.54 15.24 15.35
C5A NAD G . 24.92 16.04 16.41
C6A NAD G . 24.71 15.93 17.80
N6A NAD G . 24.01 14.95 18.37
N1A NAD G . 25.23 16.90 18.59
C2A NAD G . 25.92 17.89 18.01
N3A NAD G . 26.18 18.10 16.72
C4A NAD G . 25.64 17.13 15.97
O3 NAD G . 25.09 15.17 9.19
PN NAD G . 23.71 14.35 9.28
O1N NAD G . 23.99 12.89 9.28
O2N NAD G . 22.80 14.84 8.21
O5D NAD G . 23.14 14.81 10.71
C5D NAD G . 21.78 14.49 11.06
C4D NAD G . 21.31 15.43 12.13
O4D NAD G . 21.56 16.80 11.74
C3D NAD G . 19.79 15.40 12.44
O3D NAD G . 19.45 14.39 13.38
C2D NAD G . 19.55 16.82 13.00
O2D NAD G . 19.50 16.82 14.41
C1D NAD G . 20.72 17.67 12.47
N1N NAD G . 20.23 18.78 11.59
C2N NAD G . 20.40 20.07 11.99
C3N NAD G . 19.91 21.10 11.21
C7N NAD G . 20.11 22.52 11.70
O7N NAD G . 19.69 23.45 11.02
N7N NAD G . 20.73 22.66 12.85
C4N NAD G . 19.22 20.83 10.04
C5N NAD G . 19.05 19.51 9.65
C6N NAD G . 19.55 18.51 10.44
PA NAD H . 31.02 -3.52 -36.65
O1A NAD H . 30.53 -2.46 -37.58
O2A NAD H . 31.52 -3.05 -35.33
O5B NAD H . 32.19 -4.35 -37.38
C5B NAD H . 31.95 -5.30 -38.46
C4B NAD H . 32.72 -4.88 -39.69
O4B NAD H . 32.71 -5.98 -40.62
C3B NAD H . 32.10 -3.72 -40.49
O3B NAD H . 33.04 -3.14 -41.39
C2B NAD H . 31.02 -4.48 -41.28
O2B NAD H . 30.52 -3.78 -42.40
C1B NAD H . 31.78 -5.75 -41.66
N9A NAD H . 30.92 -6.92 -41.73
C8A NAD H . 30.02 -7.33 -40.77
N7A NAD H . 29.39 -8.42 -41.09
C5A NAD H . 29.90 -8.78 -42.32
C6A NAD H . 29.63 -9.87 -43.18
N6A NAD H . 28.75 -10.82 -42.90
N1A NAD H . 30.33 -9.93 -44.34
C2A NAD H . 31.23 -8.97 -44.60
N3A NAD H . 31.56 -7.91 -43.87
C4A NAD H . 30.86 -7.87 -42.73
O3 NAD H . 29.85 -4.59 -36.38
PN NAD H . 29.58 -5.89 -35.48
O1N NAD H . 28.15 -5.87 -35.01
O2N NAD H . 30.66 -6.01 -34.46
O5D NAD H . 29.75 -7.06 -36.56
C5D NAD H . 29.70 -8.45 -36.15
C4D NAD H . 30.53 -9.23 -37.14
O4D NAD H . 31.42 -8.29 -37.77
C3D NAD H . 31.43 -10.31 -36.53
O3D NAD H . 30.79 -11.57 -36.43
C2D NAD H . 32.70 -10.24 -37.40
O2D NAD H . 32.77 -11.30 -38.35
C1D NAD H . 32.65 -8.88 -38.10
N1N NAD H . 33.62 -7.92 -37.49
C2N NAD H . 34.76 -7.50 -38.13
C3N NAD H . 35.60 -6.60 -37.49
C7N NAD H . 36.92 -6.17 -38.10
O7N NAD H . 37.59 -5.31 -37.53
N7N NAD H . 37.34 -6.81 -39.18
C4N NAD H . 35.24 -6.08 -36.25
C5N NAD H . 34.08 -6.48 -35.65
C6N NAD H . 33.30 -7.41 -36.28
#